data_6XIY
# 
_entry.id   6XIY 
# 
_audit_conform.dict_name       mmcif_pdbx.dic 
_audit_conform.dict_version    5.397 
_audit_conform.dict_location   http://mmcif.pdb.org/dictionaries/ascii/mmcif_pdbx.dic 
# 
loop_
_database_2.database_id 
_database_2.database_code 
_database_2.pdbx_database_accession 
_database_2.pdbx_DOI 
PDB   6XIY         pdb_00006xiy 10.2210/pdb6xiy/pdb 
WWPDB D_1000250221 ?            ?                   
# 
loop_
_pdbx_audit_revision_history.ordinal 
_pdbx_audit_revision_history.data_content_type 
_pdbx_audit_revision_history.major_revision 
_pdbx_audit_revision_history.minor_revision 
_pdbx_audit_revision_history.revision_date 
1 'Structure model' 1 0 2021-03-31 
2 'Structure model' 1 1 2021-05-19 
3 'Structure model' 1 2 2023-10-18 
4 'Structure model' 1 3 2024-10-23 
# 
_pdbx_audit_revision_details.ordinal             1 
_pdbx_audit_revision_details.revision_ordinal    1 
_pdbx_audit_revision_details.data_content_type   'Structure model' 
_pdbx_audit_revision_details.provider            repository 
_pdbx_audit_revision_details.type                'Initial release' 
_pdbx_audit_revision_details.description         ? 
_pdbx_audit_revision_details.details             ? 
# 
loop_
_pdbx_audit_revision_group.ordinal 
_pdbx_audit_revision_group.revision_ordinal 
_pdbx_audit_revision_group.data_content_type 
_pdbx_audit_revision_group.group 
1 2 'Structure model' 'Database references'        
2 3 'Structure model' 'Author supporting evidence' 
3 3 'Structure model' 'Data collection'            
4 3 'Structure model' 'Database references'        
5 3 'Structure model' 'Refinement description'     
6 4 'Structure model' 'Structure summary'          
# 
loop_
_pdbx_audit_revision_category.ordinal 
_pdbx_audit_revision_category.revision_ordinal 
_pdbx_audit_revision_category.data_content_type 
_pdbx_audit_revision_category.category 
1 2 'Structure model' citation                      
2 2 'Structure model' citation_author               
3 3 'Structure model' chem_comp_atom                
4 3 'Structure model' chem_comp_bond                
5 3 'Structure model' database_2                    
6 3 'Structure model' pdbx_audit_support            
7 3 'Structure model' pdbx_initial_refinement_model 
8 4 'Structure model' pdbx_entry_details            
9 4 'Structure model' pdbx_modification_feature     
# 
loop_
_pdbx_audit_revision_item.ordinal 
_pdbx_audit_revision_item.revision_ordinal 
_pdbx_audit_revision_item.data_content_type 
_pdbx_audit_revision_item.item 
1 2 'Structure model' '_citation.journal_volume'                     
2 2 'Structure model' '_citation.page_first'                         
3 2 'Structure model' '_citation.page_last'                          
4 2 'Structure model' '_citation_author.identifier_ORCID'            
5 3 'Structure model' '_database_2.pdbx_DOI'                         
6 3 'Structure model' '_database_2.pdbx_database_accession'          
7 3 'Structure model' '_pdbx_audit_support.country'                  
8 4 'Structure model' '_pdbx_entry_details.has_protein_modification' 
# 
_pdbx_database_status.status_code                     REL 
_pdbx_database_status.status_code_sf                  REL 
_pdbx_database_status.status_code_mr                  ? 
_pdbx_database_status.entry_id                        6XIY 
_pdbx_database_status.recvd_initial_deposition_date   2020-06-22 
_pdbx_database_status.SG_entry                        N 
_pdbx_database_status.deposit_site                    RCSB 
_pdbx_database_status.process_site                    RCSB 
_pdbx_database_status.status_code_cs                  ? 
_pdbx_database_status.status_code_nmr_data            ? 
_pdbx_database_status.methods_development_category    ? 
_pdbx_database_status.pdb_format_compatible           Y 
# 
loop_
_audit_author.name 
_audit_author.pdbx_ordinal 
_audit_author.identifier_ORCID 
'Birrane, G.'  1 0000-0002-1759-5499 
'Murphy, P.V.' 2 0000-0002-1529-6540 
'Gabba, A.'    3 0000-0001-8240-6482 
'Luz, J.G.'    4 0000-0001-7651-2094 
# 
_citation.abstract                  ? 
_citation.abstract_id_CAS           ? 
_citation.book_id_ISBN              ? 
_citation.book_publisher            ? 
_citation.book_publisher_city       ? 
_citation.book_title                ? 
_citation.coordinate_linkage        ? 
_citation.country                   US 
_citation.database_id_Medline       ? 
_citation.details                   ? 
_citation.id                        primary 
_citation.journal_abbrev            Biochemistry 
_citation.journal_id_ASTM           BICHAW 
_citation.journal_id_CSD            0033 
_citation.journal_id_ISSN           0006-2960 
_citation.journal_full              ? 
_citation.journal_issue             ? 
_citation.journal_volume            60 
_citation.language                  ? 
_citation.page_first                1327 
_citation.page_last                 1336 
_citation.title                     
;Crystal Structure of the Carbohydrate Recognition Domain of the Human Macrophage Galactose C-Type Lectin Bound to GalNAc and the Tumor-Associated Tn Antigen.
;
_citation.year                      2021 
_citation.database_id_CSD           ? 
_citation.pdbx_database_id_DOI      10.1021/acs.biochem.1c00009 
_citation.pdbx_database_id_PubMed   33724805 
_citation.unpublished_flag          ? 
# 
loop_
_citation_author.citation_id 
_citation_author.name 
_citation_author.ordinal 
_citation_author.identifier_ORCID 
primary 'Gabba, A.'    1  ? 
primary 'Bogucka, A.'  2  ? 
primary 'Luz, J.G.'    3  ? 
primary 'Diniz, A.'    4  ? 
primary 'Coelho, H.'   5  ? 
primary 'Corzana, F.'  6  ? 
primary 'Canada, F.J.' 7  ? 
primary 'Marcelo, F.'  8  ? 
primary 'Murphy, P.V.' 9  ? 
primary 'Birrane, G.'  10 ? 
# 
loop_
_entity.id 
_entity.type 
_entity.src_method 
_entity.pdbx_description 
_entity.formula_weight 
_entity.pdbx_number_of_molecules 
_entity.pdbx_ec 
_entity.pdbx_mutation 
_entity.pdbx_fragment 
_entity.details 
1 polymer     man 'C-type lectin domain family 10 member A'                       14842.164 1  ? ? ? ? 
2 non-polymer man 'Methyl 2-(acetylamino)-2-deoxy-1-thio-alpha-D-galactopyranose' 249.327   1  ? ? ? ? 
3 non-polymer syn 'CALCIUM ION'                                                   40.078    3  ? ? ? ? 
4 non-polymer syn 'CHLORIDE ION'                                                  35.453    7  ? ? ? ? 
5 water       nat water                                                           18.015    85 ? ? ? ? 
# 
_entity_name_com.entity_id   1 
_entity_name_com.name        'C-type lectin superfamily member 14,Macrophage lectin 2' 
# 
_entity_poly.entity_id                      1 
_entity_poly.type                           'polypeptide(L)' 
_entity_poly.nstd_linkage                   no 
_entity_poly.nstd_monomer                   no 
_entity_poly.pdbx_seq_one_letter_code       
;SCPVNWVEHQDSCYWFSHSGMSWAEAEKYCQLKNAHLVVINSREEQNFVQKYLGSAYTWMGLSDPEGAWKWVDGTDYATG
FQNWKPGQPDDWQGHGLGGGEDCAHFHPDGRWNDDVCQRPYHWVCEAGL
;
_entity_poly.pdbx_seq_one_letter_code_can   
;SCPVNWVEHQDSCYWFSHSGMSWAEAEKYCQLKNAHLVVINSREEQNFVQKYLGSAYTWMGLSDPEGAWKWVDGTDYATG
FQNWKPGQPDDWQGHGLGGGEDCAHFHPDGRWNDDVCQRPYHWVCEAGL
;
_entity_poly.pdbx_strand_id                 A 
_entity_poly.pdbx_target_identifier         ? 
# 
loop_
_pdbx_entity_nonpoly.entity_id 
_pdbx_entity_nonpoly.name 
_pdbx_entity_nonpoly.comp_id 
2 'Methyl 2-(acetylamino)-2-deoxy-1-thio-alpha-D-galactopyranose' Q3M 
3 'CALCIUM ION'                                                   CA  
4 'CHLORIDE ION'                                                  CL  
5 water                                                           HOH 
# 
loop_
_entity_poly_seq.entity_id 
_entity_poly_seq.num 
_entity_poly_seq.mon_id 
_entity_poly_seq.hetero 
1 1   SER n 
1 2   CYS n 
1 3   PRO n 
1 4   VAL n 
1 5   ASN n 
1 6   TRP n 
1 7   VAL n 
1 8   GLU n 
1 9   HIS n 
1 10  GLN n 
1 11  ASP n 
1 12  SER n 
1 13  CYS n 
1 14  TYR n 
1 15  TRP n 
1 16  PHE n 
1 17  SER n 
1 18  HIS n 
1 19  SER n 
1 20  GLY n 
1 21  MET n 
1 22  SER n 
1 23  TRP n 
1 24  ALA n 
1 25  GLU n 
1 26  ALA n 
1 27  GLU n 
1 28  LYS n 
1 29  TYR n 
1 30  CYS n 
1 31  GLN n 
1 32  LEU n 
1 33  LYS n 
1 34  ASN n 
1 35  ALA n 
1 36  HIS n 
1 37  LEU n 
1 38  VAL n 
1 39  VAL n 
1 40  ILE n 
1 41  ASN n 
1 42  SER n 
1 43  ARG n 
1 44  GLU n 
1 45  GLU n 
1 46  GLN n 
1 47  ASN n 
1 48  PHE n 
1 49  VAL n 
1 50  GLN n 
1 51  LYS n 
1 52  TYR n 
1 53  LEU n 
1 54  GLY n 
1 55  SER n 
1 56  ALA n 
1 57  TYR n 
1 58  THR n 
1 59  TRP n 
1 60  MET n 
1 61  GLY n 
1 62  LEU n 
1 63  SER n 
1 64  ASP n 
1 65  PRO n 
1 66  GLU n 
1 67  GLY n 
1 68  ALA n 
1 69  TRP n 
1 70  LYS n 
1 71  TRP n 
1 72  VAL n 
1 73  ASP n 
1 74  GLY n 
1 75  THR n 
1 76  ASP n 
1 77  TYR n 
1 78  ALA n 
1 79  THR n 
1 80  GLY n 
1 81  PHE n 
1 82  GLN n 
1 83  ASN n 
1 84  TRP n 
1 85  LYS n 
1 86  PRO n 
1 87  GLY n 
1 88  GLN n 
1 89  PRO n 
1 90  ASP n 
1 91  ASP n 
1 92  TRP n 
1 93  GLN n 
1 94  GLY n 
1 95  HIS n 
1 96  GLY n 
1 97  LEU n 
1 98  GLY n 
1 99  GLY n 
1 100 GLY n 
1 101 GLU n 
1 102 ASP n 
1 103 CYS n 
1 104 ALA n 
1 105 HIS n 
1 106 PHE n 
1 107 HIS n 
1 108 PRO n 
1 109 ASP n 
1 110 GLY n 
1 111 ARG n 
1 112 TRP n 
1 113 ASN n 
1 114 ASP n 
1 115 ASP n 
1 116 VAL n 
1 117 CYS n 
1 118 GLN n 
1 119 ARG n 
1 120 PRO n 
1 121 TYR n 
1 122 HIS n 
1 123 TRP n 
1 124 VAL n 
1 125 CYS n 
1 126 GLU n 
1 127 ALA n 
1 128 GLY n 
1 129 LEU n 
# 
_entity_src_gen.entity_id                          1 
_entity_src_gen.pdbx_src_id                        1 
_entity_src_gen.pdbx_alt_source_flag               sample 
_entity_src_gen.pdbx_seq_type                      'Biological sequence' 
_entity_src_gen.pdbx_beg_seq_num                   1 
_entity_src_gen.pdbx_end_seq_num                   129 
_entity_src_gen.gene_src_common_name               Human 
_entity_src_gen.gene_src_genus                     ? 
_entity_src_gen.pdbx_gene_src_gene                 'CLEC10A, CLECSF13, CLECSF14, HML' 
_entity_src_gen.gene_src_species                   ? 
_entity_src_gen.gene_src_strain                    ? 
_entity_src_gen.gene_src_tissue                    ? 
_entity_src_gen.gene_src_tissue_fraction           ? 
_entity_src_gen.gene_src_details                   ? 
_entity_src_gen.pdbx_gene_src_fragment             ? 
_entity_src_gen.pdbx_gene_src_scientific_name      'Homo sapiens' 
_entity_src_gen.pdbx_gene_src_ncbi_taxonomy_id     9606 
_entity_src_gen.pdbx_gene_src_variant              ? 
_entity_src_gen.pdbx_gene_src_cell_line            ? 
_entity_src_gen.pdbx_gene_src_atcc                 ? 
_entity_src_gen.pdbx_gene_src_organ                ? 
_entity_src_gen.pdbx_gene_src_organelle            ? 
_entity_src_gen.pdbx_gene_src_cell                 ? 
_entity_src_gen.pdbx_gene_src_cellular_location    ? 
_entity_src_gen.host_org_common_name               ? 
_entity_src_gen.pdbx_host_org_scientific_name      'Escherichia coli' 
_entity_src_gen.pdbx_host_org_ncbi_taxonomy_id     562 
_entity_src_gen.host_org_genus                     ? 
_entity_src_gen.pdbx_host_org_gene                 ? 
_entity_src_gen.pdbx_host_org_organ                ? 
_entity_src_gen.host_org_species                   ? 
_entity_src_gen.pdbx_host_org_tissue               ? 
_entity_src_gen.pdbx_host_org_tissue_fraction      ? 
_entity_src_gen.pdbx_host_org_strain               ? 
_entity_src_gen.pdbx_host_org_variant              ? 
_entity_src_gen.pdbx_host_org_cell_line            ? 
_entity_src_gen.pdbx_host_org_atcc                 ? 
_entity_src_gen.pdbx_host_org_culture_collection   ? 
_entity_src_gen.pdbx_host_org_cell                 ? 
_entity_src_gen.pdbx_host_org_organelle            ? 
_entity_src_gen.pdbx_host_org_cellular_location    ? 
_entity_src_gen.pdbx_host_org_vector_type          ? 
_entity_src_gen.pdbx_host_org_vector               ? 
_entity_src_gen.host_org_details                   ? 
_entity_src_gen.expression_system_id               ? 
_entity_src_gen.plasmid_name                       ? 
_entity_src_gen.plasmid_details                    ? 
_entity_src_gen.pdbx_description                   ? 
# 
loop_
_chem_comp.id 
_chem_comp.type 
_chem_comp.mon_nstd_flag 
_chem_comp.name 
_chem_comp.pdbx_synonyms 
_chem_comp.formula 
_chem_comp.formula_weight 
ALA 'L-peptide linking' y ALANINE                                                         ? 'C3 H7 N O2'     89.093  
ARG 'L-peptide linking' y ARGININE                                                        ? 'C6 H15 N4 O2 1' 175.209 
ASN 'L-peptide linking' y ASPARAGINE                                                      ? 'C4 H8 N2 O3'    132.118 
ASP 'L-peptide linking' y 'ASPARTIC ACID'                                                 ? 'C4 H7 N O4'     133.103 
CA  non-polymer         . 'CALCIUM ION'                                                   ? 'Ca 2'           40.078  
CL  non-polymer         . 'CHLORIDE ION'                                                  ? 'Cl -1'          35.453  
CYS 'L-peptide linking' y CYSTEINE                                                        ? 'C3 H7 N O2 S'   121.158 
GLN 'L-peptide linking' y GLUTAMINE                                                       ? 'C5 H10 N2 O3'   146.144 
GLU 'L-peptide linking' y 'GLUTAMIC ACID'                                                 ? 'C5 H9 N O4'     147.129 
GLY 'peptide linking'   y GLYCINE                                                         ? 'C2 H5 N O2'     75.067  
HIS 'L-peptide linking' y HISTIDINE                                                       ? 'C6 H10 N3 O2 1' 156.162 
HOH non-polymer         . WATER                                                           ? 'H2 O'           18.015  
ILE 'L-peptide linking' y ISOLEUCINE                                                      ? 'C6 H13 N O2'    131.173 
LEU 'L-peptide linking' y LEUCINE                                                         ? 'C6 H13 N O2'    131.173 
LYS 'L-peptide linking' y LYSINE                                                          ? 'C6 H15 N2 O2 1' 147.195 
MET 'L-peptide linking' y METHIONINE                                                      ? 'C5 H11 N O2 S'  149.211 
PHE 'L-peptide linking' y PHENYLALANINE                                                   ? 'C9 H11 N O2'    165.189 
PRO 'L-peptide linking' y PROLINE                                                         ? 'C5 H9 N O2'     115.130 
Q3M non-polymer         . 'Methyl 2-(acetylamino)-2-deoxy-1-thio-alpha-D-galactopyranose' 
'N-[(1R,2R,3S,4R,6S)-2,3-dihydroxy-4-(hydroxymethyl)-6-(methylsulfanyl)cyclohexyl]acetamide' 'C10 H19 N O4 S' 249.327 
SER 'L-peptide linking' y SERINE                                                          ? 'C3 H7 N O3'     105.093 
THR 'L-peptide linking' y THREONINE                                                       ? 'C4 H9 N O3'     119.119 
TRP 'L-peptide linking' y TRYPTOPHAN                                                      ? 'C11 H12 N2 O2'  204.225 
TYR 'L-peptide linking' y TYROSINE                                                        ? 'C9 H11 N O3'    181.189 
VAL 'L-peptide linking' y VALINE                                                          ? 'C5 H11 N O2'    117.146 
# 
loop_
_pdbx_poly_seq_scheme.asym_id 
_pdbx_poly_seq_scheme.entity_id 
_pdbx_poly_seq_scheme.seq_id 
_pdbx_poly_seq_scheme.mon_id 
_pdbx_poly_seq_scheme.ndb_seq_num 
_pdbx_poly_seq_scheme.pdb_seq_num 
_pdbx_poly_seq_scheme.auth_seq_num 
_pdbx_poly_seq_scheme.pdb_mon_id 
_pdbx_poly_seq_scheme.auth_mon_id 
_pdbx_poly_seq_scheme.pdb_strand_id 
_pdbx_poly_seq_scheme.pdb_ins_code 
_pdbx_poly_seq_scheme.hetero 
A 1 1   SER 1   180 180 SER SER A . n 
A 1 2   CYS 2   181 181 CYS CYS A . n 
A 1 3   PRO 3   182 182 PRO PRO A . n 
A 1 4   VAL 4   183 183 VAL VAL A . n 
A 1 5   ASN 5   184 184 ASN ASN A . n 
A 1 6   TRP 6   185 185 TRP TRP A . n 
A 1 7   VAL 7   186 186 VAL VAL A . n 
A 1 8   GLU 8   187 187 GLU GLU A . n 
A 1 9   HIS 9   188 188 HIS HIS A . n 
A 1 10  GLN 10  189 189 GLN GLN A . n 
A 1 11  ASP 11  190 190 ASP ASP A . n 
A 1 12  SER 12  191 191 SER SER A . n 
A 1 13  CYS 13  192 192 CYS CYS A . n 
A 1 14  TYR 14  193 193 TYR TYR A . n 
A 1 15  TRP 15  194 194 TRP TRP A . n 
A 1 16  PHE 16  195 195 PHE PHE A . n 
A 1 17  SER 17  196 196 SER SER A . n 
A 1 18  HIS 18  197 197 HIS HIS A . n 
A 1 19  SER 19  198 198 SER SER A . n 
A 1 20  GLY 20  199 199 GLY GLY A . n 
A 1 21  MET 21  200 200 MET MET A . n 
A 1 22  SER 22  201 201 SER SER A . n 
A 1 23  TRP 23  202 202 TRP TRP A . n 
A 1 24  ALA 24  203 203 ALA ALA A . n 
A 1 25  GLU 25  204 204 GLU GLU A . n 
A 1 26  ALA 26  205 205 ALA ALA A . n 
A 1 27  GLU 27  206 206 GLU GLU A . n 
A 1 28  LYS 28  207 207 LYS LYS A . n 
A 1 29  TYR 29  208 208 TYR TYR A . n 
A 1 30  CYS 30  209 209 CYS CYS A . n 
A 1 31  GLN 31  210 210 GLN GLN A . n 
A 1 32  LEU 32  211 211 LEU LEU A . n 
A 1 33  LYS 33  212 212 LYS LYS A . n 
A 1 34  ASN 34  213 213 ASN ASN A . n 
A 1 35  ALA 35  214 214 ALA ALA A . n 
A 1 36  HIS 36  215 215 HIS HIS A . n 
A 1 37  LEU 37  216 216 LEU LEU A . n 
A 1 38  VAL 38  217 217 VAL VAL A . n 
A 1 39  VAL 39  218 218 VAL VAL A . n 
A 1 40  ILE 40  219 219 ILE ILE A . n 
A 1 41  ASN 41  220 220 ASN ASN A . n 
A 1 42  SER 42  221 221 SER SER A . n 
A 1 43  ARG 43  222 222 ARG ARG A . n 
A 1 44  GLU 44  223 223 GLU GLU A . n 
A 1 45  GLU 45  224 224 GLU GLU A . n 
A 1 46  GLN 46  225 225 GLN GLN A . n 
A 1 47  ASN 47  226 226 ASN ASN A . n 
A 1 48  PHE 48  227 227 PHE PHE A . n 
A 1 49  VAL 49  228 228 VAL VAL A . n 
A 1 50  GLN 50  229 229 GLN GLN A . n 
A 1 51  LYS 51  230 230 LYS LYS A . n 
A 1 52  TYR 52  231 231 TYR TYR A . n 
A 1 53  LEU 53  232 232 LEU LEU A . n 
A 1 54  GLY 54  233 233 GLY GLY A . n 
A 1 55  SER 55  234 234 SER SER A . n 
A 1 56  ALA 56  235 235 ALA ALA A . n 
A 1 57  TYR 57  236 236 TYR TYR A . n 
A 1 58  THR 58  237 237 THR THR A . n 
A 1 59  TRP 59  238 238 TRP TRP A . n 
A 1 60  MET 60  239 239 MET MET A . n 
A 1 61  GLY 61  240 240 GLY GLY A . n 
A 1 62  LEU 62  241 241 LEU LEU A . n 
A 1 63  SER 63  242 242 SER SER A . n 
A 1 64  ASP 64  243 243 ASP ASP A . n 
A 1 65  PRO 65  244 244 PRO PRO A . n 
A 1 66  GLU 66  245 245 GLU GLU A . n 
A 1 67  GLY 67  246 246 GLY GLY A . n 
A 1 68  ALA 68  247 247 ALA ALA A . n 
A 1 69  TRP 69  248 248 TRP TRP A . n 
A 1 70  LYS 70  249 249 LYS LYS A . n 
A 1 71  TRP 71  250 250 TRP TRP A . n 
A 1 72  VAL 72  251 251 VAL VAL A . n 
A 1 73  ASP 73  252 252 ASP ASP A . n 
A 1 74  GLY 74  253 253 GLY GLY A . n 
A 1 75  THR 75  254 254 THR THR A . n 
A 1 76  ASP 76  255 255 ASP ASP A . n 
A 1 77  TYR 77  256 256 TYR TYR A . n 
A 1 78  ALA 78  257 257 ALA ALA A . n 
A 1 79  THR 79  258 258 THR THR A . n 
A 1 80  GLY 80  259 259 GLY GLY A . n 
A 1 81  PHE 81  260 260 PHE PHE A . n 
A 1 82  GLN 82  261 261 GLN GLN A . n 
A 1 83  ASN 83  262 262 ASN ASN A . n 
A 1 84  TRP 84  263 263 TRP TRP A . n 
A 1 85  LYS 85  264 264 LYS LYS A . n 
A 1 86  PRO 86  265 265 PRO PRO A . n 
A 1 87  GLY 87  266 266 GLY GLY A . n 
A 1 88  GLN 88  267 267 GLN GLN A . n 
A 1 89  PRO 89  268 268 PRO PRO A . n 
A 1 90  ASP 90  269 269 ASP ASP A . n 
A 1 91  ASP 91  270 270 ASP ASP A . n 
A 1 92  TRP 92  271 271 TRP TRP A . n 
A 1 93  GLN 93  272 272 GLN GLN A . n 
A 1 94  GLY 94  273 273 GLY GLY A . n 
A 1 95  HIS 95  274 274 HIS HIS A . n 
A 1 96  GLY 96  275 275 GLY GLY A . n 
A 1 97  LEU 97  276 276 LEU LEU A . n 
A 1 98  GLY 98  277 277 GLY GLY A . n 
A 1 99  GLY 99  278 278 GLY GLY A . n 
A 1 100 GLY 100 279 279 GLY GLY A . n 
A 1 101 GLU 101 280 280 GLU GLU A . n 
A 1 102 ASP 102 281 281 ASP ASP A . n 
A 1 103 CYS 103 282 282 CYS CYS A . n 
A 1 104 ALA 104 283 283 ALA ALA A . n 
A 1 105 HIS 105 284 284 HIS HIS A . n 
A 1 106 PHE 106 285 285 PHE PHE A . n 
A 1 107 HIS 107 286 286 HIS HIS A . n 
A 1 108 PRO 108 287 287 PRO PRO A . n 
A 1 109 ASP 109 288 288 ASP ASP A . n 
A 1 110 GLY 110 289 289 GLY GLY A . n 
A 1 111 ARG 111 290 290 ARG ARG A . n 
A 1 112 TRP 112 291 291 TRP TRP A . n 
A 1 113 ASN 113 292 292 ASN ASN A . n 
A 1 114 ASP 114 293 293 ASP ASP A . n 
A 1 115 ASP 115 294 294 ASP ASP A . n 
A 1 116 VAL 116 295 295 VAL VAL A . n 
A 1 117 CYS 117 296 296 CYS CYS A . n 
A 1 118 GLN 118 297 297 GLN GLN A . n 
A 1 119 ARG 119 298 298 ARG ARG A . n 
A 1 120 PRO 120 299 299 PRO PRO A . n 
A 1 121 TYR 121 300 300 TYR TYR A . n 
A 1 122 HIS 122 301 301 HIS HIS A . n 
A 1 123 TRP 123 302 302 TRP TRP A . n 
A 1 124 VAL 124 303 303 VAL VAL A . n 
A 1 125 CYS 125 304 304 CYS CYS A . n 
A 1 126 GLU 126 305 305 GLU GLU A . n 
A 1 127 ALA 127 306 306 ALA ALA A . n 
A 1 128 GLY 128 307 307 GLY GLY A . n 
A 1 129 LEU 129 308 308 LEU LEU A . n 
# 
_pdbx_entity_instance_feature.ordinal        1 
_pdbx_entity_instance_feature.comp_id        Q3M 
_pdbx_entity_instance_feature.asym_id        ? 
_pdbx_entity_instance_feature.seq_num        ? 
_pdbx_entity_instance_feature.auth_comp_id   Q3M 
_pdbx_entity_instance_feature.auth_asym_id   ? 
_pdbx_entity_instance_feature.auth_seq_num   ? 
_pdbx_entity_instance_feature.feature_type   'SUBJECT OF INVESTIGATION' 
_pdbx_entity_instance_feature.details        ? 
# 
loop_
_pdbx_nonpoly_scheme.asym_id 
_pdbx_nonpoly_scheme.entity_id 
_pdbx_nonpoly_scheme.mon_id 
_pdbx_nonpoly_scheme.ndb_seq_num 
_pdbx_nonpoly_scheme.pdb_seq_num 
_pdbx_nonpoly_scheme.auth_seq_num 
_pdbx_nonpoly_scheme.pdb_mon_id 
_pdbx_nonpoly_scheme.auth_mon_id 
_pdbx_nonpoly_scheme.pdb_strand_id 
_pdbx_nonpoly_scheme.pdb_ins_code 
B 2 Q3M 1  401 401 Q3M AG9 A . 
C 3 CA  1  402 402 CA  CA  A . 
D 3 CA  1  403 403 CA  CA  A . 
E 3 CA  1  404 404 CA  CA  A . 
F 4 CL  1  405 405 CL  CL  A . 
G 4 CL  1  406 406 CL  CL  A . 
H 4 CL  1  407 407 CL  CL  A . 
I 4 CL  1  408 408 CL  CL  A . 
J 4 CL  1  409 409 CL  CL  A . 
K 4 CL  1  410 410 CL  CL  A . 
L 4 CL  1  411 411 CL  CL  A . 
M 5 HOH 1  501 502 HOH HOH A . 
M 5 HOH 2  502 501 HOH HOH A . 
M 5 HOH 3  503 506 HOH HOH A . 
M 5 HOH 4  504 507 HOH HOH A . 
M 5 HOH 5  505 510 HOH HOH A . 
M 5 HOH 6  506 508 HOH HOH A . 
M 5 HOH 7  507 513 HOH HOH A . 
M 5 HOH 8  508 503 HOH HOH A . 
M 5 HOH 9  509 504 HOH HOH A . 
M 5 HOH 10 510 516 HOH HOH A . 
M 5 HOH 11 511 519 HOH HOH A . 
M 5 HOH 12 512 512 HOH HOH A . 
M 5 HOH 13 513 517 HOH HOH A . 
M 5 HOH 14 514 511 HOH HOH A . 
M 5 HOH 15 515 515 HOH HOH A . 
M 5 HOH 16 516 530 HOH HOH A . 
M 5 HOH 17 517 514 HOH HOH A . 
M 5 HOH 18 518 542 HOH HOH A . 
M 5 HOH 19 519 520 HOH HOH A . 
M 5 HOH 20 520 521 HOH HOH A . 
M 5 HOH 21 521 532 HOH HOH A . 
M 5 HOH 22 522 522 HOH HOH A . 
M 5 HOH 23 523 505 HOH HOH A . 
M 5 HOH 24 524 547 HOH HOH A . 
M 5 HOH 25 525 528 HOH HOH A . 
M 5 HOH 26 526 531 HOH HOH A . 
M 5 HOH 27 527 523 HOH HOH A . 
M 5 HOH 28 528 536 HOH HOH A . 
M 5 HOH 29 529 535 HOH HOH A . 
M 5 HOH 30 530 533 HOH HOH A . 
M 5 HOH 31 531 526 HOH HOH A . 
M 5 HOH 32 532 525 HOH HOH A . 
M 5 HOH 33 533 518 HOH HOH A . 
M 5 HOH 34 534 541 HOH HOH A . 
M 5 HOH 35 535 524 HOH HOH A . 
M 5 HOH 36 536 534 HOH HOH A . 
M 5 HOH 37 537 540 HOH HOH A . 
M 5 HOH 38 538 537 HOH HOH A . 
M 5 HOH 39 539 527 HOH HOH A . 
M 5 HOH 40 540 545 HOH HOH A . 
M 5 HOH 41 541 572 HOH HOH A . 
M 5 HOH 42 542 539 HOH HOH A . 
M 5 HOH 43 543 538 HOH HOH A . 
M 5 HOH 44 544 529 HOH HOH A . 
M 5 HOH 45 545 551 HOH HOH A . 
M 5 HOH 46 546 562 HOH HOH A . 
M 5 HOH 47 547 546 HOH HOH A . 
M 5 HOH 48 548 552 HOH HOH A . 
M 5 HOH 49 549 544 HOH HOH A . 
M 5 HOH 50 550 549 HOH HOH A . 
M 5 HOH 51 551 543 HOH HOH A . 
M 5 HOH 52 552 566 HOH HOH A . 
M 5 HOH 53 553 559 HOH HOH A . 
M 5 HOH 54 554 556 HOH HOH A . 
M 5 HOH 55 555 550 HOH HOH A . 
M 5 HOH 56 556 561 HOH HOH A . 
M 5 HOH 57 557 555 HOH HOH A . 
M 5 HOH 58 558 548 HOH HOH A . 
M 5 HOH 59 559 553 HOH HOH A . 
M 5 HOH 60 560 563 HOH HOH A . 
M 5 HOH 61 561 564 HOH HOH A . 
M 5 HOH 62 562 557 HOH HOH A . 
M 5 HOH 63 563 567 HOH HOH A . 
M 5 HOH 64 564 558 HOH HOH A . 
M 5 HOH 65 565 565 HOH HOH A . 
M 5 HOH 66 566 570 HOH HOH A . 
M 5 HOH 67 567 571 HOH HOH A . 
M 5 HOH 68 568 573 HOH HOH A . 
M 5 HOH 69 569 560 HOH HOH A . 
M 5 HOH 70 570 574 HOH HOH A . 
M 5 HOH 71 571 568 HOH HOH A . 
M 5 HOH 72 572 554 HOH HOH A . 
M 5 HOH 73 573 575 HOH HOH A . 
M 5 HOH 74 574 569 HOH HOH A . 
M 5 HOH 75 575 578 HOH HOH A . 
M 5 HOH 76 576 576 HOH HOH A . 
M 5 HOH 77 577 577 HOH HOH A . 
M 5 HOH 78 578 579 HOH HOH A . 
M 5 HOH 79 579 580 HOH HOH A . 
M 5 HOH 80 580 581 HOH HOH A . 
M 5 HOH 81 581 582 HOH HOH A . 
M 5 HOH 82 582 583 HOH HOH A . 
M 5 HOH 83 583 584 HOH HOH A . 
M 5 HOH 84 584 585 HOH HOH A . 
M 5 HOH 85 585 586 HOH HOH A . 
# 
loop_
_software.citation_id 
_software.classification 
_software.compiler_name 
_software.compiler_version 
_software.contact_author 
_software.contact_author_email 
_software.date 
_software.description 
_software.dependencies 
_software.hardware 
_software.language 
_software.location 
_software.mods 
_software.name 
_software.os 
_software.os_version 
_software.type 
_software.version 
_software.pdbx_ordinal 
? refinement       ? ? ? ? ? ? ? ? ? ? ? REFMAC ? ? ? 5.8.0258 1 
? 'data reduction' ? ? ? ? ? ? ? ? ? ? ? XDS    ? ? ? .        2 
? 'data scaling'   ? ? ? ? ? ? ? ? ? ? ? XDS    ? ? ? .        3 
? phasing          ? ? ? ? ? ? ? ? ? ? ? PHASER ? ? ? .        4 
# 
_cell.angle_alpha                  90.000 
_cell.angle_alpha_esd              ? 
_cell.angle_beta                   90.000 
_cell.angle_beta_esd               ? 
_cell.angle_gamma                  120.000 
_cell.angle_gamma_esd              ? 
_cell.entry_id                     6XIY 
_cell.details                      ? 
_cell.formula_units_Z              ? 
_cell.length_a                     52.289 
_cell.length_a_esd                 ? 
_cell.length_b                     52.289 
_cell.length_b_esd                 ? 
_cell.length_c                     113.274 
_cell.length_c_esd                 ? 
_cell.volume                       ? 
_cell.volume_esd                   ? 
_cell.Z_PDB                        6 
_cell.reciprocal_angle_alpha       ? 
_cell.reciprocal_angle_beta        ? 
_cell.reciprocal_angle_gamma       ? 
_cell.reciprocal_angle_alpha_esd   ? 
_cell.reciprocal_angle_beta_esd    ? 
_cell.reciprocal_angle_gamma_esd   ? 
_cell.reciprocal_length_a          ? 
_cell.reciprocal_length_b          ? 
_cell.reciprocal_length_c          ? 
_cell.reciprocal_length_a_esd      ? 
_cell.reciprocal_length_b_esd      ? 
_cell.reciprocal_length_c_esd      ? 
_cell.pdbx_unique_axis             ? 
# 
_symmetry.entry_id                         6XIY 
_symmetry.cell_setting                     ? 
_symmetry.Int_Tables_number                152 
_symmetry.space_group_name_Hall            ? 
_symmetry.space_group_name_H-M             'P 31 2 1' 
_symmetry.pdbx_full_space_group_name_H-M   ? 
# 
_exptl.absorpt_coefficient_mu     ? 
_exptl.absorpt_correction_T_max   ? 
_exptl.absorpt_correction_T_min   ? 
_exptl.absorpt_correction_type    ? 
_exptl.absorpt_process_details    ? 
_exptl.entry_id                   6XIY 
_exptl.crystals_number            1 
_exptl.details                    ? 
_exptl.method                     'X-RAY DIFFRACTION' 
_exptl.method_details             ? 
# 
_exptl_crystal.colour                      ? 
_exptl_crystal.density_diffrn              ? 
_exptl_crystal.density_Matthews            3.0 
_exptl_crystal.density_method              ? 
_exptl_crystal.density_percent_sol         58.95 
_exptl_crystal.description                 ? 
_exptl_crystal.F_000                       ? 
_exptl_crystal.id                          1 
_exptl_crystal.preparation                 ? 
_exptl_crystal.size_max                    ? 
_exptl_crystal.size_mid                    ? 
_exptl_crystal.size_min                    ? 
_exptl_crystal.size_rad                    ? 
_exptl_crystal.colour_lustre               ? 
_exptl_crystal.colour_modifier             ? 
_exptl_crystal.colour_primary              ? 
_exptl_crystal.density_meas                ? 
_exptl_crystal.density_meas_esd            ? 
_exptl_crystal.density_meas_gt             ? 
_exptl_crystal.density_meas_lt             ? 
_exptl_crystal.density_meas_temp           ? 
_exptl_crystal.density_meas_temp_esd       ? 
_exptl_crystal.density_meas_temp_gt        ? 
_exptl_crystal.density_meas_temp_lt        ? 
_exptl_crystal.pdbx_crystal_image_url      ? 
_exptl_crystal.pdbx_crystal_image_format   ? 
_exptl_crystal.pdbx_mosaicity              ? 
_exptl_crystal.pdbx_mosaicity_esd          ? 
# 
_exptl_crystal_grow.apparatus       ? 
_exptl_crystal_grow.atmosphere      ? 
_exptl_crystal_grow.crystal_id      1 
_exptl_crystal_grow.details         ? 
_exptl_crystal_grow.method          'VAPOR DIFFUSION, SITTING DROP' 
_exptl_crystal_grow.method_ref      ? 
_exptl_crystal_grow.pH              ? 
_exptl_crystal_grow.pressure        ? 
_exptl_crystal_grow.pressure_esd    ? 
_exptl_crystal_grow.seeding         ? 
_exptl_crystal_grow.seeding_ref     ? 
_exptl_crystal_grow.temp            291 
_exptl_crystal_grow.temp_details    ? 
_exptl_crystal_grow.temp_esd        ? 
_exptl_crystal_grow.time            ? 
_exptl_crystal_grow.pdbx_details    '200mM Magnesium chloride, 2.0 - 2.8M sodium chloride' 
_exptl_crystal_grow.pdbx_pH_range   '6.0 - 7.0' 
# 
_diffrn.ambient_environment              ? 
_diffrn.ambient_temp                     125 
_diffrn.ambient_temp_details             ? 
_diffrn.ambient_temp_esd                 ? 
_diffrn.crystal_id                       1 
_diffrn.crystal_support                  ? 
_diffrn.crystal_treatment                ? 
_diffrn.details                          ? 
_diffrn.id                               1 
_diffrn.ambient_pressure                 ? 
_diffrn.ambient_pressure_esd             ? 
_diffrn.ambient_pressure_gt              ? 
_diffrn.ambient_pressure_lt              ? 
_diffrn.ambient_temp_gt                  ? 
_diffrn.ambient_temp_lt                  ? 
_diffrn.pdbx_serial_crystal_experiment   N 
# 
_diffrn_detector.details                      'BE CLR/SI ELLIPTICAL MIRROR' 
_diffrn_detector.detector                     PIXEL 
_diffrn_detector.diffrn_id                    1 
_diffrn_detector.type                         'DECTRIS PILATUS3 6M' 
_diffrn_detector.area_resol_mean              ? 
_diffrn_detector.dtime                        ? 
_diffrn_detector.pdbx_frames_total            ? 
_diffrn_detector.pdbx_collection_time_total   ? 
_diffrn_detector.pdbx_collection_date         2019-07-09 
_diffrn_detector.pdbx_frequency               ? 
# 
_diffrn_radiation.collimation                      ? 
_diffrn_radiation.diffrn_id                        1 
_diffrn_radiation.filter_edge                      ? 
_diffrn_radiation.inhomogeneity                    ? 
_diffrn_radiation.monochromator                    'SI(III)' 
_diffrn_radiation.polarisn_norm                    ? 
_diffrn_radiation.polarisn_ratio                   ? 
_diffrn_radiation.probe                            ? 
_diffrn_radiation.type                             ? 
_diffrn_radiation.xray_symbol                      ? 
_diffrn_radiation.wavelength_id                    1 
_diffrn_radiation.pdbx_monochromatic_or_laue_m_l   M 
_diffrn_radiation.pdbx_wavelength_list             ? 
_diffrn_radiation.pdbx_wavelength                  ? 
_diffrn_radiation.pdbx_diffrn_protocol             'SINGLE WAVELENGTH' 
_diffrn_radiation.pdbx_analyzer                    ? 
_diffrn_radiation.pdbx_scattering_type             x-ray 
# 
_diffrn_radiation_wavelength.id           1 
_diffrn_radiation_wavelength.wavelength   0.9762 
_diffrn_radiation_wavelength.wt           1.0 
# 
_diffrn_source.current                     ? 
_diffrn_source.details                     ? 
_diffrn_source.diffrn_id                   1 
_diffrn_source.power                       ? 
_diffrn_source.size                        ? 
_diffrn_source.source                      SYNCHROTRON 
_diffrn_source.target                      ? 
_diffrn_source.type                        'ESRF BEAMLINE ID30B' 
_diffrn_source.voltage                     ? 
_diffrn_source.take-off_angle              ? 
_diffrn_source.pdbx_wavelength_list        0.9762 
_diffrn_source.pdbx_wavelength             ? 
_diffrn_source.pdbx_synchrotron_beamline   ID30B 
_diffrn_source.pdbx_synchrotron_site       ESRF 
# 
_reflns.B_iso_Wilson_estimate            ? 
_reflns.entry_id                         6XIY 
_reflns.data_reduction_details           ? 
_reflns.data_reduction_method            ? 
_reflns.d_resolution_high                2.3 
_reflns.d_resolution_low                 40 
_reflns.details                          ? 
_reflns.limit_h_max                      ? 
_reflns.limit_h_min                      ? 
_reflns.limit_k_max                      ? 
_reflns.limit_k_min                      ? 
_reflns.limit_l_max                      ? 
_reflns.limit_l_min                      ? 
_reflns.number_all                       ? 
_reflns.number_obs                       8370 
_reflns.observed_criterion               ? 
_reflns.observed_criterion_F_max         ? 
_reflns.observed_criterion_F_min         ? 
_reflns.observed_criterion_I_max         ? 
_reflns.observed_criterion_I_min         ? 
_reflns.observed_criterion_sigma_F       ? 
_reflns.observed_criterion_sigma_I       ? 
_reflns.percent_possible_obs             99.6 
_reflns.R_free_details                   ? 
_reflns.Rmerge_F_all                     ? 
_reflns.Rmerge_F_obs                     ? 
_reflns.Friedel_coverage                 ? 
_reflns.number_gt                        ? 
_reflns.threshold_expression             ? 
_reflns.pdbx_redundancy                  8.9 
_reflns.pdbx_Rmerge_I_obs                0.191 
_reflns.pdbx_Rmerge_I_all                ? 
_reflns.pdbx_Rsym_value                  ? 
_reflns.pdbx_netI_over_av_sigmaI         ? 
_reflns.pdbx_netI_over_sigmaI            14.2 
_reflns.pdbx_res_netI_over_av_sigmaI_2   ? 
_reflns.pdbx_res_netI_over_sigmaI_2      ? 
_reflns.pdbx_chi_squared                 ? 
_reflns.pdbx_scaling_rejects             ? 
_reflns.pdbx_d_res_high_opt              ? 
_reflns.pdbx_d_res_low_opt               ? 
_reflns.pdbx_d_res_opt_method            ? 
_reflns.phase_calculation_details        ? 
_reflns.pdbx_Rrim_I_all                  ? 
_reflns.pdbx_Rpim_I_all                  ? 
_reflns.pdbx_d_opt                       ? 
_reflns.pdbx_number_measured_all         ? 
_reflns.pdbx_diffrn_id                   1 
_reflns.pdbx_ordinal                     1 
_reflns.pdbx_CC_half                     0.989 
_reflns.pdbx_CC_star                     ? 
_reflns.pdbx_R_split                     ? 
# 
_reflns_shell.d_res_high                  2.30 
_reflns_shell.d_res_low                   2.38 
_reflns_shell.meanI_over_sigI_all         ? 
_reflns_shell.meanI_over_sigI_obs         ? 
_reflns_shell.number_measured_all         ? 
_reflns_shell.number_measured_obs         ? 
_reflns_shell.number_possible             ? 
_reflns_shell.number_unique_all           ? 
_reflns_shell.number_unique_obs           826 
_reflns_shell.percent_possible_all        99.3 
_reflns_shell.percent_possible_obs        ? 
_reflns_shell.Rmerge_F_all                ? 
_reflns_shell.Rmerge_F_obs                ? 
_reflns_shell.Rmerge_I_all                ? 
_reflns_shell.Rmerge_I_obs                ? 
_reflns_shell.meanI_over_sigI_gt          ? 
_reflns_shell.meanI_over_uI_all           ? 
_reflns_shell.meanI_over_uI_gt            ? 
_reflns_shell.number_measured_gt          ? 
_reflns_shell.number_unique_gt            ? 
_reflns_shell.percent_possible_gt         ? 
_reflns_shell.Rmerge_F_gt                 ? 
_reflns_shell.Rmerge_I_gt                 ? 
_reflns_shell.pdbx_redundancy             8.5 
_reflns_shell.pdbx_Rsym_value             ? 
_reflns_shell.pdbx_chi_squared            ? 
_reflns_shell.pdbx_netI_over_sigmaI_all   ? 
_reflns_shell.pdbx_netI_over_sigmaI_obs   ? 
_reflns_shell.pdbx_Rrim_I_all             ? 
_reflns_shell.pdbx_Rpim_I_all             ? 
_reflns_shell.pdbx_rejects                ? 
_reflns_shell.pdbx_ordinal                1 
_reflns_shell.pdbx_diffrn_id              1 
_reflns_shell.pdbx_CC_half                0.899 
_reflns_shell.pdbx_CC_star                ? 
_reflns_shell.pdbx_R_split                ? 
# 
_refine.aniso_B[1][1]                            0.016 
_refine.aniso_B[1][2]                            0.008 
_refine.aniso_B[1][3]                            0.000 
_refine.aniso_B[2][2]                            0.016 
_refine.aniso_B[2][3]                            -0.000 
_refine.aniso_B[3][3]                            -0.051 
_refine.B_iso_max                                ? 
_refine.B_iso_mean                               34.941 
_refine.B_iso_min                                ? 
_refine.correlation_coeff_Fo_to_Fc               0.952 
_refine.correlation_coeff_Fo_to_Fc_free          0.929 
_refine.details                                  'Hydrogens have been added in their riding positions' 
_refine.diff_density_max                         ? 
_refine.diff_density_max_esd                     ? 
_refine.diff_density_min                         ? 
_refine.diff_density_min_esd                     ? 
_refine.diff_density_rms                         ? 
_refine.diff_density_rms_esd                     ? 
_refine.entry_id                                 6XIY 
_refine.pdbx_refine_id                           'X-RAY DIFFRACTION' 
_refine.ls_abs_structure_details                 ? 
_refine.ls_abs_structure_Flack                   ? 
_refine.ls_abs_structure_Flack_esd               ? 
_refine.ls_abs_structure_Rogers                  ? 
_refine.ls_abs_structure_Rogers_esd              ? 
_refine.ls_d_res_high                            2.307 
_refine.ls_d_res_low                             37.787 
_refine.ls_extinction_coef                       ? 
_refine.ls_extinction_coef_esd                   ? 
_refine.ls_extinction_expression                 ? 
_refine.ls_extinction_method                     ? 
_refine.ls_goodness_of_fit_all                   ? 
_refine.ls_goodness_of_fit_all_esd               ? 
_refine.ls_goodness_of_fit_obs                   ? 
_refine.ls_goodness_of_fit_obs_esd               ? 
_refine.ls_hydrogen_treatment                    ? 
_refine.ls_matrix_type                           ? 
_refine.ls_number_constraints                    ? 
_refine.ls_number_parameters                     ? 
_refine.ls_number_reflns_all                     ? 
_refine.ls_number_reflns_obs                     8348 
_refine.ls_number_reflns_R_free                  894 
_refine.ls_number_reflns_R_work                  7454 
_refine.ls_number_restraints                     ? 
_refine.ls_percent_reflns_obs                    99.654 
_refine.ls_percent_reflns_R_free                 10.709 
_refine.ls_R_factor_all                          0.166 
_refine.ls_R_factor_obs                          ? 
_refine.ls_R_factor_R_free                       0.2019 
_refine.ls_R_factor_R_free_error                 ? 
_refine.ls_R_factor_R_free_error_details         ? 
_refine.ls_R_factor_R_work                       0.1618 
_refine.ls_R_Fsqd_factor_obs                     ? 
_refine.ls_R_I_factor_obs                        ? 
_refine.ls_redundancy_reflns_all                 ? 
_refine.ls_redundancy_reflns_obs                 ? 
_refine.ls_restrained_S_all                      ? 
_refine.ls_restrained_S_obs                      ? 
_refine.ls_shift_over_esd_max                    ? 
_refine.ls_shift_over_esd_mean                   ? 
_refine.ls_structure_factor_coef                 ? 
_refine.ls_weighting_details                     ? 
_refine.ls_weighting_scheme                      ? 
_refine.ls_wR_factor_all                         ? 
_refine.ls_wR_factor_obs                         ? 
_refine.ls_wR_factor_R_free                      0.209 
_refine.ls_wR_factor_R_work                      0.167 
_refine.occupancy_max                            ? 
_refine.occupancy_min                            ? 
_refine.solvent_model_details                    'BABINET MODEL PLUS MASK' 
_refine.solvent_model_param_bsol                 ? 
_refine.solvent_model_param_ksol                 ? 
_refine.pdbx_R_complete                          ? 
_refine.ls_R_factor_gt                           ? 
_refine.ls_goodness_of_fit_gt                    ? 
_refine.ls_goodness_of_fit_ref                   ? 
_refine.ls_shift_over_su_max                     ? 
_refine.ls_shift_over_su_max_lt                  ? 
_refine.ls_shift_over_su_mean                    ? 
_refine.ls_shift_over_su_mean_lt                 ? 
_refine.pdbx_ls_sigma_I                          ? 
_refine.pdbx_ls_sigma_F                          ? 
_refine.pdbx_ls_sigma_Fsqd                       ? 
_refine.pdbx_data_cutoff_high_absF               ? 
_refine.pdbx_data_cutoff_high_rms_absF           ? 
_refine.pdbx_data_cutoff_low_absF                ? 
_refine.pdbx_isotropic_thermal_model             ? 
_refine.pdbx_ls_cross_valid_method               'FREE R-VALUE' 
_refine.pdbx_method_to_determine_struct          'MOLECULAR REPLACEMENT' 
_refine.pdbx_starting_model                      1DV8 
_refine.pdbx_stereochemistry_target_values       ? 
_refine.pdbx_R_Free_selection_details            ? 
_refine.pdbx_stereochem_target_val_spec_case     ? 
_refine.pdbx_overall_ESU_R                       0.256 
_refine.pdbx_overall_ESU_R_Free                  0.193 
_refine.pdbx_solvent_vdw_probe_radii             1.200 
_refine.pdbx_solvent_ion_probe_radii             0.800 
_refine.pdbx_solvent_shrinkage_radii             0.800 
_refine.pdbx_real_space_R                        ? 
_refine.pdbx_density_correlation                 ? 
_refine.pdbx_pd_number_of_powder_patterns        ? 
_refine.pdbx_pd_number_of_points                 ? 
_refine.pdbx_pd_meas_number_of_points            ? 
_refine.pdbx_pd_proc_ls_prof_R_factor            ? 
_refine.pdbx_pd_proc_ls_prof_wR_factor           ? 
_refine.pdbx_pd_Marquardt_correlation_coeff      ? 
_refine.pdbx_pd_Fsqrd_R_factor                   ? 
_refine.pdbx_pd_ls_matrix_band_width             ? 
_refine.pdbx_overall_phase_error                 ? 
_refine.pdbx_overall_SU_R_free_Cruickshank_DPI   ? 
_refine.pdbx_overall_SU_R_free_Blow_DPI          ? 
_refine.pdbx_overall_SU_R_Blow_DPI               ? 
_refine.pdbx_TLS_residual_ADP_flag               ? 
_refine.pdbx_diffrn_id                           1 
_refine.overall_SU_B                             5.192 
_refine.overall_SU_ML                            0.126 
_refine.overall_SU_R_Cruickshank_DPI             ? 
_refine.overall_SU_R_free                        ? 
_refine.overall_FOM_free_R_set                   ? 
_refine.overall_FOM_work_R_set                   ? 
_refine.pdbx_average_fsc_overall                 ? 
_refine.pdbx_average_fsc_work                    0.9570 
_refine.pdbx_average_fsc_free                    0.9434 
# 
_refine_hist.pdbx_refine_id                   'X-RAY DIFFRACTION' 
_refine_hist.cycle_id                         LAST 
_refine_hist.details                          ? 
_refine_hist.d_res_high                       2.307 
_refine_hist.d_res_low                        37.787 
_refine_hist.number_atoms_solvent             85 
_refine_hist.number_atoms_total               1158 
_refine_hist.number_reflns_all                ? 
_refine_hist.number_reflns_obs                ? 
_refine_hist.number_reflns_R_free             ? 
_refine_hist.number_reflns_R_work             ? 
_refine_hist.R_factor_all                     ? 
_refine_hist.R_factor_obs                     ? 
_refine_hist.R_factor_R_free                  ? 
_refine_hist.R_factor_R_work                  ? 
_refine_hist.pdbx_number_residues_total       ? 
_refine_hist.pdbx_B_iso_mean_ligand           ? 
_refine_hist.pdbx_B_iso_mean_solvent          ? 
_refine_hist.pdbx_number_atoms_protein        1047 
_refine_hist.pdbx_number_atoms_nucleic_acid   0 
_refine_hist.pdbx_number_atoms_ligand         26 
_refine_hist.pdbx_number_atoms_lipid          ? 
_refine_hist.pdbx_number_atoms_carb           ? 
_refine_hist.pdbx_pseudo_atom_details         ? 
# 
loop_
_refine_ls_restr.pdbx_refine_id 
_refine_ls_restr.criterion 
_refine_ls_restr.dev_ideal 
_refine_ls_restr.dev_ideal_target 
_refine_ls_restr.number 
_refine_ls_restr.rejects 
_refine_ls_restr.type 
_refine_ls_restr.weight 
_refine_ls_restr.pdbx_restraint_function 
'X-RAY DIFFRACTION' ? 0.013  0.013  1162 ? r_bond_refined_d               ? ? 
'X-RAY DIFFRACTION' ? 0.001  0.018  907  ? r_bond_other_d                 ? ? 
'X-RAY DIFFRACTION' ? 1.543  1.646  1566 ? r_angle_refined_deg            ? ? 
'X-RAY DIFFRACTION' ? 1.332  1.610  2124 ? r_angle_other_deg              ? ? 
'X-RAY DIFFRACTION' ? 11.991 5.072  138  ? r_dihedral_angle_1_deg         ? ? 
'X-RAY DIFFRACTION' ? 37.179 24.030 67   ? r_dihedral_angle_2_deg         ? ? 
'X-RAY DIFFRACTION' ? 16.627 15.000 157  ? r_dihedral_angle_3_deg         ? ? 
'X-RAY DIFFRACTION' ? 9.947  15.000 2    ? r_dihedral_angle_other_3_deg   ? ? 
'X-RAY DIFFRACTION' ? 10.862 15.000 3    ? r_dihedral_angle_4_deg         ? ? 
'X-RAY DIFFRACTION' ? 0.074  0.200  129  ? r_chiral_restr                 ? ? 
'X-RAY DIFFRACTION' ? 0.007  0.020  1438 ? r_gen_planes_refined           ? ? 
'X-RAY DIFFRACTION' ? 0.001  0.020  265  ? r_gen_planes_other             ? ? 
'X-RAY DIFFRACTION' ? 0.195  0.200  208  ? r_nbd_refined                  ? ? 
'X-RAY DIFFRACTION' ? 0.185  0.200  805  ? r_symmetry_nbd_other           ? ? 
'X-RAY DIFFRACTION' ? 0.175  0.200  521  ? r_nbtor_refined                ? ? 
'X-RAY DIFFRACTION' ? 0.079  0.200  447  ? r_symmetry_nbtor_other         ? ? 
'X-RAY DIFFRACTION' ? 0.173  0.200  59   ? r_xyhbond_nbd_refined          ? ? 
'X-RAY DIFFRACTION' ? 0.054  0.200  1    ? r_symmetry_xyhbond_nbd_other   ? ? 
'X-RAY DIFFRACTION' ? 0.126  0.200  1    ? r_metal_ion_refined            ? ? 
'X-RAY DIFFRACTION' ? 0.215  0.200  8    ? r_symmetry_nbd_refined         ? ? 
'X-RAY DIFFRACTION' ? 0.190  0.200  15   ? r_nbd_other                    ? ? 
'X-RAY DIFFRACTION' ? 0.086  0.200  6    ? r_symmetry_xyhbond_nbd_refined ? ? 
'X-RAY DIFFRACTION' ? 4.508  3.423  531  ? r_mcbond_it                    ? ? 
'X-RAY DIFFRACTION' ? 4.452  3.417  527  ? r_mcbond_other                 ? ? 
'X-RAY DIFFRACTION' ? 5.186  5.124  657  ? r_mcangle_it                   ? ? 
'X-RAY DIFFRACTION' ? 5.182  5.130  658  ? r_mcangle_other                ? ? 
'X-RAY DIFFRACTION' ? 7.098  3.880  631  ? r_scbond_it                    ? ? 
'X-RAY DIFFRACTION' ? 7.092  3.881  632  ? r_scbond_other                 ? ? 
'X-RAY DIFFRACTION' ? 9.389  5.554  904  ? r_scangle_it                   ? ? 
'X-RAY DIFFRACTION' ? 9.383  5.555  905  ? r_scangle_other                ? ? 
'X-RAY DIFFRACTION' ? 9.974  38.303 1344 ? r_lrange_it                    ? ? 
'X-RAY DIFFRACTION' ? 9.990  38.197 1336 ? r_lrange_other                 ? ? 
# 
loop_
_refine_ls_shell.pdbx_refine_id 
_refine_ls_shell.d_res_high 
_refine_ls_shell.d_res_low 
_refine_ls_shell.number_reflns_all 
_refine_ls_shell.number_reflns_obs 
_refine_ls_shell.number_reflns_R_free 
_refine_ls_shell.number_reflns_R_work 
_refine_ls_shell.percent_reflns_obs 
_refine_ls_shell.percent_reflns_R_free 
_refine_ls_shell.R_factor_all 
_refine_ls_shell.R_factor_obs 
_refine_ls_shell.R_factor_R_free 
_refine_ls_shell.R_factor_R_free_error 
_refine_ls_shell.R_factor_R_work 
_refine_ls_shell.redundancy_reflns_all 
_refine_ls_shell.redundancy_reflns_obs 
_refine_ls_shell.wR_factor_all 
_refine_ls_shell.wR_factor_obs 
_refine_ls_shell.wR_factor_R_free 
_refine_ls_shell.wR_factor_R_work 
_refine_ls_shell.pdbx_R_complete 
_refine_ls_shell.pdbx_total_number_of_bins_used 
_refine_ls_shell.pdbx_phase_error 
_refine_ls_shell.pdbx_fsc_work 
_refine_ls_shell.pdbx_fsc_free 
'X-RAY DIFFRACTION' 2.307  2.366  . . 82 518 99.1736  . . . 0.273 . 0.210 . . . . . . . . . . . 
'X-RAY DIFFRACTION' 2.366  2.431  . . 70 503 99.6522  . . . 0.246 . 0.191 . . . . . . . . . . . 
'X-RAY DIFFRACTION' 2.431  2.501  . . 65 522 99.4915  . . . 0.246 . 0.181 . . . . . . . . . . . 
'X-RAY DIFFRACTION' 2.501  2.578  . . 38 501 99.2634  . . . 0.219 . 0.159 . . . . . . . . . . . 
'X-RAY DIFFRACTION' 2.578  2.662  . . 67 471 100.0000 . . . 0.195 . 0.150 . . . . . . . . . . . 
'X-RAY DIFFRACTION' 2.662  2.755  . . 58 476 99.8131  . . . 0.203 . 0.150 . . . . . . . . . . . 
'X-RAY DIFFRACTION' 2.755  2.859  . . 54 446 100.0000 . . . 0.225 . 0.171 . . . . . . . . . . . 
'X-RAY DIFFRACTION' 2.859  2.975  . . 35 457 99.7972  . . . 0.269 . 0.183 . . . . . . . . . . . 
'X-RAY DIFFRACTION' 2.975  3.107  . . 46 415 100.0000 . . . 0.214 . 0.164 . . . . . . . . . . . 
'X-RAY DIFFRACTION' 3.107  3.258  . . 52 402 99.7802  . . . 0.198 . 0.150 . . . . . . . . . . . 
'X-RAY DIFFRACTION' 3.258  3.433  . . 45 390 99.7706  . . . 0.219 . 0.173 . . . . . . . . . . . 
'X-RAY DIFFRACTION' 3.433  3.640  . . 25 387 99.7579  . . . 0.202 . 0.158 . . . . . . . . . . . 
'X-RAY DIFFRACTION' 3.640  3.890  . . 41 339 100.0000 . . . 0.160 . 0.157 . . . . . . . . . . . 
'X-RAY DIFFRACTION' 3.890  4.199  . . 49 314 100.0000 . . . 0.226 . 0.147 . . . . . . . . . . . 
'X-RAY DIFFRACTION' 4.199  4.595  . . 40 296 100.0000 . . . 0.180 . 0.132 . . . . . . . . . . . 
'X-RAY DIFFRACTION' 4.595  5.131  . . 33 281 100.0000 . . . 0.112 . 0.107 . . . . . . . . . . . 
'X-RAY DIFFRACTION' 5.131  5.912  . . 17 263 100.0000 . . . 0.154 . 0.149 . . . . . . . . . . . 
'X-RAY DIFFRACTION' 5.912  7.211  . . 38 193 97.8814  . . . 0.189 . 0.174 . . . . . . . . . . . 
'X-RAY DIFFRACTION' 7.211  10.070 . . 18 177 100.0000 . . . 0.157 . 0.172 . . . . . . . . . . . 
'X-RAY DIFFRACTION' 10.070 37.787 . . 21 103 .        . . . 0.192 . 0.277 . . . . . . . . . . . 
# 
_struct.entry_id                     6XIY 
_struct.title                        
;Crystal Structure of the Carbohydrate Recognition Domain of the Human Macrophage Galactose C-Type Lectin Bound to methyl 2-(acetylamino)-2-deoxy-1-thio-alpha-D-galactopyranose
;
_struct.pdbx_model_details           ? 
_struct.pdbx_formula_weight          ? 
_struct.pdbx_formula_weight_method   ? 
_struct.pdbx_model_type_details      ? 
_struct.pdbx_CASP_flag               N 
# 
_struct_keywords.entry_id        6XIY 
_struct_keywords.text            'CRD, SIGNALING PROTEIN' 
_struct_keywords.pdbx_keywords   'SIGNALING PROTEIN' 
# 
loop_
_struct_asym.id 
_struct_asym.pdbx_blank_PDB_chainid_flag 
_struct_asym.pdbx_modified 
_struct_asym.entity_id 
_struct_asym.details 
A N N 1 ? 
B N N 2 ? 
C N N 3 ? 
D N N 3 ? 
E N N 3 ? 
F N N 4 ? 
G N N 4 ? 
H N N 4 ? 
I N N 4 ? 
J N N 4 ? 
K N N 4 ? 
L N N 4 ? 
M N N 5 ? 
# 
_struct_ref.id                         1 
_struct_ref.db_name                    UNP 
_struct_ref.db_code                    CLC10_HUMAN 
_struct_ref.pdbx_db_accession          Q8IUN9 
_struct_ref.pdbx_db_isoform            ? 
_struct_ref.entity_id                  1 
_struct_ref.pdbx_seq_one_letter_code   
;CPVNWVEHQDSCYWFSHSGMSWAEAEKYCQLKNAHLVVINSREEQNFVQKYLGSAYTWMGLSDPEGAWKWVDGTDYATGF
QNWKPGQPDDWQGHGLGGGEDCAHFHPDGRWNDDVCQRPYHWVCEAGL
;
_struct_ref.pdbx_align_begin           181 
# 
_struct_ref_seq.align_id                      1 
_struct_ref_seq.ref_id                        1 
_struct_ref_seq.pdbx_PDB_id_code              6XIY 
_struct_ref_seq.pdbx_strand_id                A 
_struct_ref_seq.seq_align_beg                 2 
_struct_ref_seq.pdbx_seq_align_beg_ins_code   ? 
_struct_ref_seq.seq_align_end                 129 
_struct_ref_seq.pdbx_seq_align_end_ins_code   ? 
_struct_ref_seq.pdbx_db_accession             Q8IUN9 
_struct_ref_seq.db_align_beg                  181 
_struct_ref_seq.pdbx_db_align_beg_ins_code    ? 
_struct_ref_seq.db_align_end                  308 
_struct_ref_seq.pdbx_db_align_end_ins_code    ? 
_struct_ref_seq.pdbx_auth_seq_align_beg       181 
_struct_ref_seq.pdbx_auth_seq_align_end       308 
# 
_struct_ref_seq_dif.align_id                     1 
_struct_ref_seq_dif.pdbx_pdb_id_code             6XIY 
_struct_ref_seq_dif.mon_id                       SER 
_struct_ref_seq_dif.pdbx_pdb_strand_id           A 
_struct_ref_seq_dif.seq_num                      1 
_struct_ref_seq_dif.pdbx_pdb_ins_code            ? 
_struct_ref_seq_dif.pdbx_seq_db_name             UNP 
_struct_ref_seq_dif.pdbx_seq_db_accession_code   Q8IUN9 
_struct_ref_seq_dif.db_mon_id                    ? 
_struct_ref_seq_dif.pdbx_seq_db_seq_num          ? 
_struct_ref_seq_dif.details                      'expression tag' 
_struct_ref_seq_dif.pdbx_auth_seq_num            180 
_struct_ref_seq_dif.pdbx_ordinal                 1 
# 
_pdbx_struct_assembly.id                   1 
_pdbx_struct_assembly.details              author_and_software_defined_assembly 
_pdbx_struct_assembly.method_details       PISA 
_pdbx_struct_assembly.oligomeric_details   dimeric 
_pdbx_struct_assembly.oligomeric_count     2 
# 
loop_
_pdbx_struct_assembly_prop.biol_id 
_pdbx_struct_assembly_prop.type 
_pdbx_struct_assembly_prop.value 
_pdbx_struct_assembly_prop.details 
1 'ABSA (A^2)' 2780  ? 
1 MORE         -176  ? 
1 'SSA (A^2)'  13000 ? 
# 
_pdbx_struct_assembly_gen.assembly_id       1 
_pdbx_struct_assembly_gen.oper_expression   1,2 
_pdbx_struct_assembly_gen.asym_id_list      A,B,C,D,E,F,G,H,I,J,K,L,M 
# 
_pdbx_struct_assembly_auth_evidence.id                     1 
_pdbx_struct_assembly_auth_evidence.assembly_id            1 
_pdbx_struct_assembly_auth_evidence.experimental_support   none 
_pdbx_struct_assembly_auth_evidence.details                ? 
# 
loop_
_pdbx_struct_oper_list.id 
_pdbx_struct_oper_list.type 
_pdbx_struct_oper_list.name 
_pdbx_struct_oper_list.symmetry_operation 
_pdbx_struct_oper_list.matrix[1][1] 
_pdbx_struct_oper_list.matrix[1][2] 
_pdbx_struct_oper_list.matrix[1][3] 
_pdbx_struct_oper_list.vector[1] 
_pdbx_struct_oper_list.matrix[2][1] 
_pdbx_struct_oper_list.matrix[2][2] 
_pdbx_struct_oper_list.matrix[2][3] 
_pdbx_struct_oper_list.vector[2] 
_pdbx_struct_oper_list.matrix[3][1] 
_pdbx_struct_oper_list.matrix[3][2] 
_pdbx_struct_oper_list.matrix[3][3] 
_pdbx_struct_oper_list.vector[3] 
1 'identity operation'         1_555 x,y,z  1.0000000000 0.0000000000 0.0000000000 0.0000000000  0.0000000000 1.0000000000  0.0000000000 0.0000000000   0.0000000000 0.0000000000 1.0000000000  0.0000000000  
2 'crystal symmetry operation' 4_555 y,x,-z 0.6848896395 0.7280507951 0.0294655982 11.9729518861 0.7280507951 -0.6854049383 0.0127322596 -27.4076268837 0.0294655982 0.0127322596 -0.9994847013 -7.4309722767 
# 
loop_
_struct_conf.conf_type_id 
_struct_conf.id 
_struct_conf.pdbx_PDB_helix_id 
_struct_conf.beg_label_comp_id 
_struct_conf.beg_label_asym_id 
_struct_conf.beg_label_seq_id 
_struct_conf.pdbx_beg_PDB_ins_code 
_struct_conf.end_label_comp_id 
_struct_conf.end_label_asym_id 
_struct_conf.end_label_seq_id 
_struct_conf.pdbx_end_PDB_ins_code 
_struct_conf.beg_auth_comp_id 
_struct_conf.beg_auth_asym_id 
_struct_conf.beg_auth_seq_id 
_struct_conf.end_auth_comp_id 
_struct_conf.end_auth_asym_id 
_struct_conf.end_auth_seq_id 
_struct_conf.pdbx_PDB_helix_class 
_struct_conf.details 
_struct_conf.pdbx_PDB_helix_length 
HELX_P HELX_P1 AA1 SER A 22 ? LYS A 33 ? SER A 201 LYS A 212 1 ? 12 
HELX_P HELX_P2 AA2 SER A 42 ? TYR A 52 ? SER A 221 TYR A 231 1 ? 11 
# 
_struct_conf_type.id          HELX_P 
_struct_conf_type.criteria    ? 
_struct_conf_type.reference   ? 
# 
loop_
_struct_conn.id 
_struct_conn.conn_type_id 
_struct_conn.pdbx_leaving_atom_flag 
_struct_conn.pdbx_PDB_id 
_struct_conn.ptnr1_label_asym_id 
_struct_conn.ptnr1_label_comp_id 
_struct_conn.ptnr1_label_seq_id 
_struct_conn.ptnr1_label_atom_id 
_struct_conn.pdbx_ptnr1_label_alt_id 
_struct_conn.pdbx_ptnr1_PDB_ins_code 
_struct_conn.pdbx_ptnr1_standard_comp_id 
_struct_conn.ptnr1_symmetry 
_struct_conn.ptnr2_label_asym_id 
_struct_conn.ptnr2_label_comp_id 
_struct_conn.ptnr2_label_seq_id 
_struct_conn.ptnr2_label_atom_id 
_struct_conn.pdbx_ptnr2_label_alt_id 
_struct_conn.pdbx_ptnr2_PDB_ins_code 
_struct_conn.ptnr1_auth_asym_id 
_struct_conn.ptnr1_auth_comp_id 
_struct_conn.ptnr1_auth_seq_id 
_struct_conn.ptnr2_auth_asym_id 
_struct_conn.ptnr2_auth_comp_id 
_struct_conn.ptnr2_auth_seq_id 
_struct_conn.ptnr2_symmetry 
_struct_conn.pdbx_ptnr3_label_atom_id 
_struct_conn.pdbx_ptnr3_label_seq_id 
_struct_conn.pdbx_ptnr3_label_comp_id 
_struct_conn.pdbx_ptnr3_label_asym_id 
_struct_conn.pdbx_ptnr3_label_alt_id 
_struct_conn.pdbx_ptnr3_PDB_ins_code 
_struct_conn.details 
_struct_conn.pdbx_dist_value 
_struct_conn.pdbx_value_order 
_struct_conn.pdbx_role 
disulf1  disulf ? ? A CYS 2   SG  ? ? ? 1_555 A CYS 13  SG ? ? A CYS 181 A CYS 192 1_555 ? ? ? ? ? ? ? 2.111 ? ? 
disulf2  disulf ? ? A CYS 30  SG  ? ? ? 1_555 A CYS 125 SG ? ? A CYS 209 A CYS 304 1_555 ? ? ? ? ? ? ? 2.190 ? ? 
disulf3  disulf ? ? A CYS 103 SG  A ? ? 1_555 A CYS 117 SG A ? A CYS 282 A CYS 296 1_555 ? ? ? ? ? ? ? 2.033 ? ? 
metalc1  metalc ? ? A VAL 39  O   ? ? ? 1_555 C CA  .   CA ? ? A VAL 218 A CA  402 1_555 ? ? ? ? ? ? ? 2.359 ? ? 
metalc2  metalc ? ? A GLU 45  OE1 ? ? ? 1_555 C CA  .   CA ? ? A GLU 224 A CA  402 1_555 ? ? ? ? ? ? ? 2.391 ? ? 
metalc3  metalc ? ? A GLU 45  OE2 ? ? ? 1_555 C CA  .   CA ? ? A GLU 224 A CA  402 1_555 ? ? ? ? ? ? ? 2.325 ? ? 
metalc4  metalc ? ? A ASP 64  OD1 ? ? ? 1_555 E CA  .   CA ? ? A ASP 243 A CA  404 1_555 ? ? ? ? ? ? ? 2.414 ? ? 
metalc5  metalc ? ? A ASP 64  OD2 ? ? ? 1_555 E CA  .   CA ? ? A ASP 243 A CA  404 1_555 ? ? ? ? ? ? ? 2.430 ? ? 
metalc6  metalc ? ? A GLN 88  OE1 ? ? ? 1_555 D CA  .   CA ? ? A GLN 267 A CA  403 1_555 ? ? ? ? ? ? ? 2.404 ? ? 
metalc7  metalc ? ? A ASP 90  OD1 ? ? ? 1_555 D CA  .   CA ? ? A ASP 269 A CA  403 1_555 ? ? ? ? ? ? ? 2.369 ? ? 
metalc8  metalc ? ? A ASP 91  OD1 ? ? ? 1_555 E CA  .   CA ? ? A ASP 270 A CA  404 1_555 ? ? ? ? ? ? ? 2.385 ? ? 
metalc9  metalc ? ? A GLU 101 OE1 ? ? ? 1_555 D CA  .   CA ? ? A GLU 280 A CA  403 1_555 ? ? ? ? ? ? ? 2.329 ? ? 
metalc10 metalc ? ? A GLU 101 O   ? ? ? 1_555 E CA  .   CA ? ? A GLU 280 A CA  404 1_555 ? ? ? ? ? ? ? 2.346 ? ? 
metalc11 metalc ? ? A ASP 102 OD1 ? ? ? 1_555 E CA  .   CA ? ? A ASP 281 A CA  404 1_555 ? ? ? ? ? ? ? 2.382 ? ? 
metalc12 metalc ? ? A ASN 113 OD1 ? ? ? 1_555 D CA  .   CA ? ? A ASN 292 A CA  403 1_555 ? ? ? ? ? ? ? 2.347 ? ? 
metalc13 metalc ? ? A ASP 114 O   ? ? ? 1_555 D CA  .   CA ? ? A ASP 293 A CA  403 1_555 ? ? ? ? ? ? ? 2.379 ? ? 
metalc14 metalc ? ? A ASP 114 OD1 ? ? ? 1_555 D CA  .   CA ? ? A ASP 293 A CA  403 1_555 ? ? ? ? ? ? ? 2.280 ? ? 
metalc15 metalc ? ? A GLU 126 OE1 ? ? ? 1_555 C CA  .   CA ? ? A GLU 305 A CA  402 1_555 ? ? ? ? ? ? ? 2.403 ? ? 
metalc16 metalc ? ? A GLU 126 OE2 ? ? ? 1_555 C CA  .   CA ? ? A GLU 305 A CA  402 1_555 ? ? ? ? ? ? ? 2.357 ? ? 
metalc17 metalc ? ? B Q3M .   O09 ? ? ? 1_555 D CA  .   CA ? ? A Q3M 401 A CA  403 1_555 ? ? ? ? ? ? ? 2.332 ? ? 
metalc18 metalc ? ? B Q3M .   O11 ? ? ? 1_555 D CA  .   CA ? ? A Q3M 401 A CA  403 1_555 ? ? ? ? ? ? ? 2.378 ? ? 
metalc19 metalc ? ? C CA  .   CA  ? ? ? 1_555 M HOH .   O  ? ? A CA  402 A HOH 524 1_555 ? ? ? ? ? ? ? 2.336 ? ? 
metalc20 metalc ? ? C CA  .   CA  ? ? ? 1_555 M HOH .   O  ? ? A CA  402 A HOH 545 1_555 ? ? ? ? ? ? ? 2.317 ? ? 
metalc21 metalc ? ? E CA  .   CA  ? ? ? 1_555 M HOH .   O  ? ? A CA  404 A HOH 520 1_555 ? ? ? ? ? ? ? 2.349 ? ? 
# 
loop_
_struct_conn_type.id 
_struct_conn_type.criteria 
_struct_conn_type.reference 
disulf ? ? 
metalc ? ? 
# 
loop_
_pdbx_struct_conn_angle.id 
_pdbx_struct_conn_angle.ptnr1_label_atom_id 
_pdbx_struct_conn_angle.ptnr1_label_alt_id 
_pdbx_struct_conn_angle.ptnr1_label_asym_id 
_pdbx_struct_conn_angle.ptnr1_label_comp_id 
_pdbx_struct_conn_angle.ptnr1_label_seq_id 
_pdbx_struct_conn_angle.ptnr1_auth_atom_id 
_pdbx_struct_conn_angle.ptnr1_auth_asym_id 
_pdbx_struct_conn_angle.ptnr1_auth_comp_id 
_pdbx_struct_conn_angle.ptnr1_auth_seq_id 
_pdbx_struct_conn_angle.ptnr1_PDB_ins_code 
_pdbx_struct_conn_angle.ptnr1_symmetry 
_pdbx_struct_conn_angle.ptnr2_label_atom_id 
_pdbx_struct_conn_angle.ptnr2_label_alt_id 
_pdbx_struct_conn_angle.ptnr2_label_asym_id 
_pdbx_struct_conn_angle.ptnr2_label_comp_id 
_pdbx_struct_conn_angle.ptnr2_label_seq_id 
_pdbx_struct_conn_angle.ptnr2_auth_atom_id 
_pdbx_struct_conn_angle.ptnr2_auth_asym_id 
_pdbx_struct_conn_angle.ptnr2_auth_comp_id 
_pdbx_struct_conn_angle.ptnr2_auth_seq_id 
_pdbx_struct_conn_angle.ptnr2_PDB_ins_code 
_pdbx_struct_conn_angle.ptnr2_symmetry 
_pdbx_struct_conn_angle.ptnr3_label_atom_id 
_pdbx_struct_conn_angle.ptnr3_label_alt_id 
_pdbx_struct_conn_angle.ptnr3_label_asym_id 
_pdbx_struct_conn_angle.ptnr3_label_comp_id 
_pdbx_struct_conn_angle.ptnr3_label_seq_id 
_pdbx_struct_conn_angle.ptnr3_auth_atom_id 
_pdbx_struct_conn_angle.ptnr3_auth_asym_id 
_pdbx_struct_conn_angle.ptnr3_auth_comp_id 
_pdbx_struct_conn_angle.ptnr3_auth_seq_id 
_pdbx_struct_conn_angle.ptnr3_PDB_ins_code 
_pdbx_struct_conn_angle.ptnr3_symmetry 
_pdbx_struct_conn_angle.value 
_pdbx_struct_conn_angle.value_esd 
1  O   ? A VAL 39  ? A VAL 218 ? 1_555 CA ? C CA . ? A CA 402 ? 1_555 OE1 ? A GLU 45  ? A GLU 224 ? 1_555 78.6  ? 
2  O   ? A VAL 39  ? A VAL 218 ? 1_555 CA ? C CA . ? A CA 402 ? 1_555 OE2 ? A GLU 45  ? A GLU 224 ? 1_555 94.0  ? 
3  OE1 ? A GLU 45  ? A GLU 224 ? 1_555 CA ? C CA . ? A CA 402 ? 1_555 OE2 ? A GLU 45  ? A GLU 224 ? 1_555 54.9  ? 
4  O   ? A VAL 39  ? A VAL 218 ? 1_555 CA ? C CA . ? A CA 402 ? 1_555 OE1 ? A GLU 126 ? A GLU 305 ? 1_555 74.3  ? 
5  OE1 ? A GLU 45  ? A GLU 224 ? 1_555 CA ? C CA . ? A CA 402 ? 1_555 OE1 ? A GLU 126 ? A GLU 305 ? 1_555 135.0 ? 
6  OE2 ? A GLU 45  ? A GLU 224 ? 1_555 CA ? C CA . ? A CA 402 ? 1_555 OE1 ? A GLU 126 ? A GLU 305 ? 1_555 91.8  ? 
7  O   ? A VAL 39  ? A VAL 218 ? 1_555 CA ? C CA . ? A CA 402 ? 1_555 OE2 ? A GLU 126 ? A GLU 305 ? 1_555 127.4 ? 
8  OE1 ? A GLU 45  ? A GLU 224 ? 1_555 CA ? C CA . ? A CA 402 ? 1_555 OE2 ? A GLU 126 ? A GLU 305 ? 1_555 126.4 ? 
9  OE2 ? A GLU 45  ? A GLU 224 ? 1_555 CA ? C CA . ? A CA 402 ? 1_555 OE2 ? A GLU 126 ? A GLU 305 ? 1_555 75.2  ? 
10 OE1 ? A GLU 126 ? A GLU 305 ? 1_555 CA ? C CA . ? A CA 402 ? 1_555 OE2 ? A GLU 126 ? A GLU 305 ? 1_555 55.3  ? 
11 O   ? A VAL 39  ? A VAL 218 ? 1_555 CA ? C CA . ? A CA 402 ? 1_555 O   ? M HOH .   ? A HOH 524 ? 1_555 103.3 ? 
12 OE1 ? A GLU 45  ? A GLU 224 ? 1_555 CA ? C CA . ? A CA 402 ? 1_555 O   ? M HOH .   ? A HOH 524 ? 1_555 154.2 ? 
13 OE2 ? A GLU 45  ? A GLU 224 ? 1_555 CA ? C CA . ? A CA 402 ? 1_555 O   ? M HOH .   ? A HOH 524 ? 1_555 148.4 ? 
14 OE1 ? A GLU 126 ? A GLU 305 ? 1_555 CA ? C CA . ? A CA 402 ? 1_555 O   ? M HOH .   ? A HOH 524 ? 1_555 68.4  ? 
15 OE2 ? A GLU 126 ? A GLU 305 ? 1_555 CA ? C CA . ? A CA 402 ? 1_555 O   ? M HOH .   ? A HOH 524 ? 1_555 73.2  ? 
16 O   ? A VAL 39  ? A VAL 218 ? 1_555 CA ? C CA . ? A CA 402 ? 1_555 O   ? M HOH .   ? A HOH 545 ? 1_555 150.2 ? 
17 OE1 ? A GLU 45  ? A GLU 224 ? 1_555 CA ? C CA . ? A CA 402 ? 1_555 O   ? M HOH .   ? A HOH 545 ? 1_555 75.7  ? 
18 OE2 ? A GLU 45  ? A GLU 224 ? 1_555 CA ? C CA . ? A CA 402 ? 1_555 O   ? M HOH .   ? A HOH 545 ? 1_555 83.4  ? 
19 OE1 ? A GLU 126 ? A GLU 305 ? 1_555 CA ? C CA . ? A CA 402 ? 1_555 O   ? M HOH .   ? A HOH 545 ? 1_555 135.3 ? 
20 OE2 ? A GLU 126 ? A GLU 305 ? 1_555 CA ? C CA . ? A CA 402 ? 1_555 O   ? M HOH .   ? A HOH 545 ? 1_555 80.7  ? 
21 O   ? M HOH .   ? A HOH 524 ? 1_555 CA ? C CA . ? A CA 402 ? 1_555 O   ? M HOH .   ? A HOH 545 ? 1_555 93.6  ? 
22 OD1 ? A ASP 64  ? A ASP 243 ? 1_555 CA ? E CA . ? A CA 404 ? 1_555 OD2 ? A ASP 64  ? A ASP 243 ? 1_555 53.2  ? 
23 OD1 ? A ASP 64  ? A ASP 243 ? 1_555 CA ? E CA . ? A CA 404 ? 1_555 OD1 ? A ASP 91  ? A ASP 270 ? 1_555 161.0 ? 
24 OD2 ? A ASP 64  ? A ASP 243 ? 1_555 CA ? E CA . ? A CA 404 ? 1_555 OD1 ? A ASP 91  ? A ASP 270 ? 1_555 145.1 ? 
25 OD1 ? A ASP 64  ? A ASP 243 ? 1_555 CA ? E CA . ? A CA 404 ? 1_555 O   ? A GLU 101 ? A GLU 280 ? 1_555 93.4  ? 
26 OD2 ? A ASP 64  ? A ASP 243 ? 1_555 CA ? E CA . ? A CA 404 ? 1_555 O   ? A GLU 101 ? A GLU 280 ? 1_555 128.8 ? 
27 OD1 ? A ASP 91  ? A ASP 270 ? 1_555 CA ? E CA . ? A CA 404 ? 1_555 O   ? A GLU 101 ? A GLU 280 ? 1_555 76.4  ? 
28 OD1 ? A ASP 64  ? A ASP 243 ? 1_555 CA ? E CA . ? A CA 404 ? 1_555 OD1 ? A ASP 102 ? A ASP 281 ? 1_555 78.1  ? 
29 OD2 ? A ASP 64  ? A ASP 243 ? 1_555 CA ? E CA . ? A CA 404 ? 1_555 OD1 ? A ASP 102 ? A ASP 281 ? 1_555 124.4 ? 
30 OD1 ? A ASP 91  ? A ASP 270 ? 1_555 CA ? E CA . ? A CA 404 ? 1_555 OD1 ? A ASP 102 ? A ASP 281 ? 1_555 83.4  ? 
31 O   ? A GLU 101 ? A GLU 280 ? 1_555 CA ? E CA . ? A CA 404 ? 1_555 OD1 ? A ASP 102 ? A ASP 281 ? 1_555 71.9  ? 
32 OD1 ? A ASP 64  ? A ASP 243 ? 1_555 CA ? E CA . ? A CA 404 ? 1_555 O   ? M HOH .   ? A HOH 520 ? 1_555 106.5 ? 
33 OD2 ? A ASP 64  ? A ASP 243 ? 1_555 CA ? E CA . ? A CA 404 ? 1_555 O   ? M HOH .   ? A HOH 520 ? 1_555 80.1  ? 
34 OD1 ? A ASP 91  ? A ASP 270 ? 1_555 CA ? E CA . ? A CA 404 ? 1_555 O   ? M HOH .   ? A HOH 520 ? 1_555 86.3  ? 
35 O   ? A GLU 101 ? A GLU 280 ? 1_555 CA ? E CA . ? A CA 404 ? 1_555 O   ? M HOH .   ? A HOH 520 ? 1_555 73.9  ? 
36 OD1 ? A ASP 102 ? A ASP 281 ? 1_555 CA ? E CA . ? A CA 404 ? 1_555 O   ? M HOH .   ? A HOH 520 ? 1_555 145.7 ? 
37 OE1 ? A GLN 88  ? A GLN 267 ? 1_555 CA ? D CA . ? A CA 403 ? 1_555 OD1 ? A ASP 90  ? A ASP 269 ? 1_555 71.2  ? 
38 OE1 ? A GLN 88  ? A GLN 267 ? 1_555 CA ? D CA . ? A CA 403 ? 1_555 OE1 ? A GLU 101 ? A GLU 280 ? 1_555 145.3 ? 
39 OD1 ? A ASP 90  ? A ASP 269 ? 1_555 CA ? D CA . ? A CA 403 ? 1_555 OE1 ? A GLU 101 ? A GLU 280 ? 1_555 74.6  ? 
40 OE1 ? A GLN 88  ? A GLN 267 ? 1_555 CA ? D CA . ? A CA 403 ? 1_555 OD1 ? A ASN 113 ? A ASN 292 ? 1_555 74.3  ? 
41 OD1 ? A ASP 90  ? A ASP 269 ? 1_555 CA ? D CA . ? A CA 403 ? 1_555 OD1 ? A ASN 113 ? A ASN 292 ? 1_555 145.5 ? 
42 OE1 ? A GLU 101 ? A GLU 280 ? 1_555 CA ? D CA . ? A CA 403 ? 1_555 OD1 ? A ASN 113 ? A ASN 292 ? 1_555 139.5 ? 
43 OE1 ? A GLN 88  ? A GLN 267 ? 1_555 CA ? D CA . ? A CA 403 ? 1_555 O   ? A ASP 114 ? A ASP 293 ? 1_555 135.6 ? 
44 OD1 ? A ASP 90  ? A ASP 269 ? 1_555 CA ? D CA . ? A CA 403 ? 1_555 O   ? A ASP 114 ? A ASP 293 ? 1_555 131.9 ? 
45 OE1 ? A GLU 101 ? A GLU 280 ? 1_555 CA ? D CA . ? A CA 403 ? 1_555 O   ? A ASP 114 ? A ASP 293 ? 1_555 67.8  ? 
46 OD1 ? A ASN 113 ? A ASN 292 ? 1_555 CA ? D CA . ? A CA 403 ? 1_555 O   ? A ASP 114 ? A ASP 293 ? 1_555 74.9  ? 
47 OE1 ? A GLN 88  ? A GLN 267 ? 1_555 CA ? D CA . ? A CA 403 ? 1_555 OD1 ? A ASP 114 ? A ASP 293 ? 1_555 74.9  ? 
48 OD1 ? A ASP 90  ? A ASP 269 ? 1_555 CA ? D CA . ? A CA 403 ? 1_555 OD1 ? A ASP 114 ? A ASP 293 ? 1_555 75.9  ? 
49 OE1 ? A GLU 101 ? A GLU 280 ? 1_555 CA ? D CA . ? A CA 403 ? 1_555 OD1 ? A ASP 114 ? A ASP 293 ? 1_555 91.6  ? 
50 OD1 ? A ASN 113 ? A ASN 292 ? 1_555 CA ? D CA . ? A CA 403 ? 1_555 OD1 ? A ASP 114 ? A ASP 293 ? 1_555 94.4  ? 
51 O   ? A ASP 114 ? A ASP 293 ? 1_555 CA ? D CA . ? A CA 403 ? 1_555 OD1 ? A ASP 114 ? A ASP 293 ? 1_555 76.3  ? 
52 OE1 ? A GLN 88  ? A GLN 267 ? 1_555 CA ? D CA . ? A CA 403 ? 1_555 O09 ? B Q3M .   ? A Q3M 401 ? 1_555 82.3  ? 
53 OD1 ? A ASP 90  ? A ASP 269 ? 1_555 CA ? D CA . ? A CA 403 ? 1_555 O09 ? B Q3M .   ? A Q3M 401 ? 1_555 78.4  ? 
54 OE1 ? A GLU 101 ? A GLU 280 ? 1_555 CA ? D CA . ? A CA 403 ? 1_555 O09 ? B Q3M .   ? A Q3M 401 ? 1_555 96.4  ? 
55 OD1 ? A ASN 113 ? A ASN 292 ? 1_555 CA ? D CA . ? A CA 403 ? 1_555 O09 ? B Q3M .   ? A Q3M 401 ? 1_555 98.0  ? 
56 O   ? A ASP 114 ? A ASP 293 ? 1_555 CA ? D CA . ? A CA 403 ? 1_555 O09 ? B Q3M .   ? A Q3M 401 ? 1_555 133.4 ? 
57 OD1 ? A ASP 114 ? A ASP 293 ? 1_555 CA ? D CA . ? A CA 403 ? 1_555 O09 ? B Q3M .   ? A Q3M 401 ? 1_555 150.0 ? 
58 OE1 ? A GLN 88  ? A GLN 267 ? 1_555 CA ? D CA . ? A CA 403 ? 1_555 O11 ? B Q3M .   ? A Q3M 401 ? 1_555 131.4 ? 
59 OD1 ? A ASP 90  ? A ASP 269 ? 1_555 CA ? D CA . ? A CA 403 ? 1_555 O11 ? B Q3M .   ? A Q3M 401 ? 1_555 125.2 ? 
60 OE1 ? A GLU 101 ? A GLU 280 ? 1_555 CA ? D CA . ? A CA 403 ? 1_555 O11 ? B Q3M .   ? A Q3M 401 ? 1_555 74.6  ? 
61 OD1 ? A ASN 113 ? A ASN 292 ? 1_555 CA ? D CA . ? A CA 403 ? 1_555 O11 ? B Q3M .   ? A Q3M 401 ? 1_555 79.6  ? 
62 O   ? A ASP 114 ? A ASP 293 ? 1_555 CA ? D CA . ? A CA 403 ? 1_555 O11 ? B Q3M .   ? A Q3M 401 ? 1_555 71.9  ? 
63 OD1 ? A ASP 114 ? A ASP 293 ? 1_555 CA ? D CA . ? A CA 403 ? 1_555 O11 ? B Q3M .   ? A Q3M 401 ? 1_555 148.2 ? 
64 O09 ? B Q3M .   ? A Q3M 401 ? 1_555 CA ? D CA . ? A CA 403 ? 1_555 O11 ? B Q3M .   ? A Q3M 401 ? 1_555 61.5  ? 
# 
loop_
_pdbx_modification_feature.ordinal 
_pdbx_modification_feature.label_comp_id 
_pdbx_modification_feature.label_asym_id 
_pdbx_modification_feature.label_seq_id 
_pdbx_modification_feature.label_alt_id 
_pdbx_modification_feature.modified_residue_label_comp_id 
_pdbx_modification_feature.modified_residue_label_asym_id 
_pdbx_modification_feature.modified_residue_label_seq_id 
_pdbx_modification_feature.modified_residue_label_alt_id 
_pdbx_modification_feature.auth_comp_id 
_pdbx_modification_feature.auth_asym_id 
_pdbx_modification_feature.auth_seq_id 
_pdbx_modification_feature.PDB_ins_code 
_pdbx_modification_feature.symmetry 
_pdbx_modification_feature.modified_residue_auth_comp_id 
_pdbx_modification_feature.modified_residue_auth_asym_id 
_pdbx_modification_feature.modified_residue_auth_seq_id 
_pdbx_modification_feature.modified_residue_PDB_ins_code 
_pdbx_modification_feature.modified_residue_symmetry 
_pdbx_modification_feature.comp_id_linking_atom 
_pdbx_modification_feature.modified_residue_id_linking_atom 
_pdbx_modification_feature.modified_residue_id 
_pdbx_modification_feature.ref_pcm_id 
_pdbx_modification_feature.ref_comp_id 
_pdbx_modification_feature.type 
_pdbx_modification_feature.category 
1 CYS A 2   ? CYS A 13  ? CYS A 181 ? 1_555 CYS A 192 ? 1_555 SG SG . . . None 'Disulfide bridge' 
2 CYS A 30  ? CYS A 125 ? CYS A 209 ? 1_555 CYS A 304 ? 1_555 SG SG . . . None 'Disulfide bridge' 
3 CYS A 103 A CYS A 117 A CYS A 282 ? 1_555 CYS A 296 ? 1_555 SG SG . . . None 'Disulfide bridge' 
# 
_struct_mon_prot_cis.pdbx_id                1 
_struct_mon_prot_cis.label_comp_id          GLN 
_struct_mon_prot_cis.label_seq_id           88 
_struct_mon_prot_cis.label_asym_id          A 
_struct_mon_prot_cis.label_alt_id           . 
_struct_mon_prot_cis.pdbx_PDB_ins_code      ? 
_struct_mon_prot_cis.auth_comp_id           GLN 
_struct_mon_prot_cis.auth_seq_id            267 
_struct_mon_prot_cis.auth_asym_id           A 
_struct_mon_prot_cis.pdbx_label_comp_id_2   PRO 
_struct_mon_prot_cis.pdbx_label_seq_id_2    89 
_struct_mon_prot_cis.pdbx_label_asym_id_2   A 
_struct_mon_prot_cis.pdbx_PDB_ins_code_2    ? 
_struct_mon_prot_cis.pdbx_auth_comp_id_2    PRO 
_struct_mon_prot_cis.pdbx_auth_seq_id_2     268 
_struct_mon_prot_cis.pdbx_auth_asym_id_2    A 
_struct_mon_prot_cis.pdbx_PDB_model_num     1 
_struct_mon_prot_cis.pdbx_omega_angle       -2.69 
# 
loop_
_struct_sheet.id 
_struct_sheet.type 
_struct_sheet.number_strands 
_struct_sheet.details 
AA1 ? 5 ? 
AA2 ? 5 ? 
# 
loop_
_struct_sheet_order.sheet_id 
_struct_sheet_order.range_id_1 
_struct_sheet_order.range_id_2 
_struct_sheet_order.offset 
_struct_sheet_order.sense 
AA1 1 2 ? anti-parallel 
AA1 2 3 ? anti-parallel 
AA1 3 4 ? parallel      
AA1 4 5 ? anti-parallel 
AA2 1 2 ? anti-parallel 
AA2 2 3 ? parallel      
AA2 3 4 ? anti-parallel 
AA2 4 5 ? anti-parallel 
# 
loop_
_struct_sheet_range.sheet_id 
_struct_sheet_range.id 
_struct_sheet_range.beg_label_comp_id 
_struct_sheet_range.beg_label_asym_id 
_struct_sheet_range.beg_label_seq_id 
_struct_sheet_range.pdbx_beg_PDB_ins_code 
_struct_sheet_range.end_label_comp_id 
_struct_sheet_range.end_label_asym_id 
_struct_sheet_range.end_label_seq_id 
_struct_sheet_range.pdbx_end_PDB_ins_code 
_struct_sheet_range.beg_auth_comp_id 
_struct_sheet_range.beg_auth_asym_id 
_struct_sheet_range.beg_auth_seq_id 
_struct_sheet_range.end_auth_comp_id 
_struct_sheet_range.end_auth_asym_id 
_struct_sheet_range.end_auth_seq_id 
AA1 1 VAL A 7   ? HIS A 9   ? VAL A 186 HIS A 188 
AA1 2 SER A 12  ? PHE A 16  ? SER A 191 PHE A 195 
AA1 3 HIS A 122 ? GLY A 128 ? HIS A 301 GLY A 307 
AA1 4 THR A 58  ? SER A 63  ? THR A 237 SER A 242 
AA1 5 LYS A 70  ? TRP A 71  ? LYS A 249 TRP A 250 
AA2 1 HIS A 36  ? LEU A 37  ? HIS A 215 LEU A 216 
AA2 2 HIS A 122 ? GLY A 128 ? HIS A 301 GLY A 307 
AA2 3 THR A 58  ? SER A 63  ? THR A 237 SER A 242 
AA2 4 CYS A 103 ? PHE A 106 ? CYS A 282 PHE A 285 
AA2 5 TRP A 112 ? ASP A 115 ? TRP A 291 ASP A 294 
# 
loop_
_pdbx_struct_sheet_hbond.sheet_id 
_pdbx_struct_sheet_hbond.range_id_1 
_pdbx_struct_sheet_hbond.range_id_2 
_pdbx_struct_sheet_hbond.range_1_label_atom_id 
_pdbx_struct_sheet_hbond.range_1_label_comp_id 
_pdbx_struct_sheet_hbond.range_1_label_asym_id 
_pdbx_struct_sheet_hbond.range_1_label_seq_id 
_pdbx_struct_sheet_hbond.range_1_PDB_ins_code 
_pdbx_struct_sheet_hbond.range_1_auth_atom_id 
_pdbx_struct_sheet_hbond.range_1_auth_comp_id 
_pdbx_struct_sheet_hbond.range_1_auth_asym_id 
_pdbx_struct_sheet_hbond.range_1_auth_seq_id 
_pdbx_struct_sheet_hbond.range_2_label_atom_id 
_pdbx_struct_sheet_hbond.range_2_label_comp_id 
_pdbx_struct_sheet_hbond.range_2_label_asym_id 
_pdbx_struct_sheet_hbond.range_2_label_seq_id 
_pdbx_struct_sheet_hbond.range_2_PDB_ins_code 
_pdbx_struct_sheet_hbond.range_2_auth_atom_id 
_pdbx_struct_sheet_hbond.range_2_auth_comp_id 
_pdbx_struct_sheet_hbond.range_2_auth_asym_id 
_pdbx_struct_sheet_hbond.range_2_auth_seq_id 
AA1 1 2 N VAL A 7   ? N VAL A 186 O TYR A 14  ? O TYR A 193 
AA1 2 3 N CYS A 13  ? N CYS A 192 O ALA A 127 ? O ALA A 306 
AA1 3 4 O HIS A 122 ? O HIS A 301 N TRP A 59  ? N TRP A 238 
AA1 4 5 N SER A 63  ? N SER A 242 O LYS A 70  ? O LYS A 249 
AA2 1 2 N HIS A 36  ? N HIS A 215 O GLU A 126 ? O GLU A 305 
AA2 2 3 O HIS A 122 ? O HIS A 301 N TRP A 59  ? N TRP A 238 
AA2 3 4 N THR A 58  ? N THR A 237 O PHE A 106 ? O PHE A 285 
AA2 4 5 N CYS A 103 ? N CYS A 282 O ASP A 115 ? O ASP A 294 
# 
loop_
_struct_site.id 
_struct_site.pdbx_evidence_code 
_struct_site.pdbx_auth_asym_id 
_struct_site.pdbx_auth_comp_id 
_struct_site.pdbx_auth_seq_id 
_struct_site.pdbx_auth_ins_code 
_struct_site.pdbx_num_residues 
_struct_site.details 
AC1 Software A Q3M 401 ? 10 'binding site for residue Q3M A 401' 
AC2 Software A CA  402 ? 6  'binding site for residue CA A 402'  
AC3 Software A CA  403 ? 6  'binding site for residue CA A 403'  
AC4 Software A CA  404 ? 5  'binding site for residue CA A 404'  
AC5 Software A CL  405 ? 2  'binding site for residue CL A 405'  
AC6 Software A CL  406 ? 4  'binding site for residue CL A 406'  
AC7 Software A CL  407 ? 3  'binding site for residue CL A 407'  
AC8 Software A CL  408 ? 3  'binding site for residue CL A 408'  
AC9 Software A CL  409 ? 2  'binding site for residue CL A 409'  
AD1 Software A CL  410 ? 2  'binding site for residue CL A 410'  
AD2 Software A CL  411 ? 4  'binding site for residue CL A 411'  
# 
loop_
_struct_site_gen.id 
_struct_site_gen.site_id 
_struct_site_gen.pdbx_num_res 
_struct_site_gen.label_comp_id 
_struct_site_gen.label_asym_id 
_struct_site_gen.label_seq_id 
_struct_site_gen.pdbx_auth_ins_code 
_struct_site_gen.auth_comp_id 
_struct_site_gen.auth_asym_id 
_struct_site_gen.auth_seq_id 
_struct_site_gen.label_atom_id 
_struct_site_gen.label_alt_id 
_struct_site_gen.symmetry 
_struct_site_gen.details 
1  AC1 10 TYR A 57  ? TYR A 236 . ? 1_555 ? 
2  AC1 10 GLN A 88  ? GLN A 267 . ? 1_555 ? 
3  AC1 10 ASP A 90  ? ASP A 269 . ? 1_555 ? 
4  AC1 10 TRP A 92  ? TRP A 271 . ? 1_555 ? 
5  AC1 10 GLU A 101 ? GLU A 280 . ? 1_555 ? 
6  AC1 10 HIS A 107 ? HIS A 286 . ? 1_555 ? 
7  AC1 10 ASN A 113 ? ASN A 292 . ? 1_555 ? 
8  AC1 10 ASP A 114 ? ASP A 293 . ? 1_555 ? 
9  AC1 10 CA  D .   ? CA  A 403 . ? 1_555 ? 
10 AC1 10 HOH M .   ? HOH A 529 . ? 1_555 ? 
11 AC2 6  VAL A 39  ? VAL A 218 . ? 1_555 ? 
12 AC2 6  ASN A 41  ? ASN A 220 . ? 1_555 ? 
13 AC2 6  GLU A 45  ? GLU A 224 . ? 1_555 ? 
14 AC2 6  GLU A 126 ? GLU A 305 . ? 1_555 ? 
15 AC2 6  HOH M .   ? HOH A 524 . ? 1_555 ? 
16 AC2 6  HOH M .   ? HOH A 545 . ? 1_555 ? 
17 AC3 6  GLN A 88  ? GLN A 267 . ? 1_555 ? 
18 AC3 6  ASP A 90  ? ASP A 269 . ? 1_555 ? 
19 AC3 6  GLU A 101 ? GLU A 280 . ? 1_555 ? 
20 AC3 6  ASN A 113 ? ASN A 292 . ? 1_555 ? 
21 AC3 6  ASP A 114 ? ASP A 293 . ? 1_555 ? 
22 AC3 6  Q3M B .   ? Q3M A 401 . ? 1_555 ? 
23 AC4 5  ASP A 64  ? ASP A 243 . ? 1_555 ? 
24 AC4 5  ASP A 91  ? ASP A 270 . ? 1_555 ? 
25 AC4 5  GLU A 101 ? GLU A 280 . ? 1_555 ? 
26 AC4 5  ASP A 102 ? ASP A 281 . ? 1_555 ? 
27 AC4 5  HOH M .   ? HOH A 520 . ? 1_555 ? 
28 AC5 2  GLN A 93  ? GLN A 272 . ? 1_555 ? 
29 AC5 2  HOH M .   ? HOH A 544 . ? 1_555 ? 
30 AC6 4  ARG A 119 ? ARG A 298 . ? 4_555 ? 
31 AC6 4  ARG A 119 ? ARG A 298 . ? 1_555 ? 
32 AC6 4  HOH M .   ? HOH A 573 . ? 1_555 ? 
33 AC6 4  HOH M .   ? HOH A 573 . ? 4_555 ? 
34 AC7 3  TRP A 15  ? TRP A 194 . ? 1_555 ? 
35 AC7 3  HIS A 18  ? HIS A 197 . ? 1_555 ? 
36 AC7 3  SER A 19  ? SER A 198 . ? 1_555 ? 
37 AC8 3  ASP A 102 ? ASP A 281 . ? 1_555 ? 
38 AC8 3  CYS A 117 ? CYS A 296 . ? 1_555 ? 
39 AC8 3  HOH M .   ? HOH A 528 . ? 1_555 ? 
40 AC9 2  ALA A 68  ? ALA A 247 . ? 1_555 ? 
41 AC9 2  TRP A 69  ? TRP A 248 . ? 1_555 ? 
42 AD1 2  LYS A 85  ? LYS A 264 . ? 1_555 ? 
43 AD1 2  ASP A 109 ? ASP A 288 . ? 1_555 ? 
44 AD2 4  GLN A 82  ? GLN A 261 . ? 1_555 ? 
45 AD2 4  ASN A 83  ? ASN A 262 . ? 1_555 ? 
46 AD2 4  TRP A 84  ? TRP A 263 . ? 1_555 ? 
47 AD2 4  HOH M .   ? HOH A 585 . ? 1_555 ? 
# 
_pdbx_entry_details.entry_id                   6XIY 
_pdbx_entry_details.has_ligand_of_interest     Y 
_pdbx_entry_details.compound_details           ? 
_pdbx_entry_details.source_details             ? 
_pdbx_entry_details.nonpolymer_details         ? 
_pdbx_entry_details.sequence_details           ? 
_pdbx_entry_details.has_protein_modification   Y 
# 
loop_
_pdbx_validate_torsion.id 
_pdbx_validate_torsion.PDB_model_num 
_pdbx_validate_torsion.auth_comp_id 
_pdbx_validate_torsion.auth_asym_id 
_pdbx_validate_torsion.auth_seq_id 
_pdbx_validate_torsion.PDB_ins_code 
_pdbx_validate_torsion.label_alt_id 
_pdbx_validate_torsion.phi 
_pdbx_validate_torsion.psi 
1 1 ASN A 184 ? ? 84.08   -4.05 
2 1 GLU A 245 ? ? -97.41  32.25 
3 1 ASN A 262 ? ? -149.97 45.11 
# 
loop_
_pdbx_struct_special_symmetry.id 
_pdbx_struct_special_symmetry.PDB_model_num 
_pdbx_struct_special_symmetry.auth_asym_id 
_pdbx_struct_special_symmetry.auth_comp_id 
_pdbx_struct_special_symmetry.auth_seq_id 
_pdbx_struct_special_symmetry.PDB_ins_code 
_pdbx_struct_special_symmetry.label_asym_id 
_pdbx_struct_special_symmetry.label_comp_id 
_pdbx_struct_special_symmetry.label_seq_id 
1 1 A CL  406 ? G CL  . 
2 1 A HOH 522 ? M HOH . 
# 
loop_
_chem_comp_atom.comp_id 
_chem_comp_atom.atom_id 
_chem_comp_atom.type_symbol 
_chem_comp_atom.pdbx_aromatic_flag 
_chem_comp_atom.pdbx_stereo_config 
_chem_comp_atom.pdbx_ordinal 
ALA N    N  N N 1   
ALA CA   C  N S 2   
ALA C    C  N N 3   
ALA O    O  N N 4   
ALA CB   C  N N 5   
ALA OXT  O  N N 6   
ALA H    H  N N 7   
ALA H2   H  N N 8   
ALA HA   H  N N 9   
ALA HB1  H  N N 10  
ALA HB2  H  N N 11  
ALA HB3  H  N N 12  
ALA HXT  H  N N 13  
ARG N    N  N N 14  
ARG CA   C  N S 15  
ARG C    C  N N 16  
ARG O    O  N N 17  
ARG CB   C  N N 18  
ARG CG   C  N N 19  
ARG CD   C  N N 20  
ARG NE   N  N N 21  
ARG CZ   C  N N 22  
ARG NH1  N  N N 23  
ARG NH2  N  N N 24  
ARG OXT  O  N N 25  
ARG H    H  N N 26  
ARG H2   H  N N 27  
ARG HA   H  N N 28  
ARG HB2  H  N N 29  
ARG HB3  H  N N 30  
ARG HG2  H  N N 31  
ARG HG3  H  N N 32  
ARG HD2  H  N N 33  
ARG HD3  H  N N 34  
ARG HE   H  N N 35  
ARG HH11 H  N N 36  
ARG HH12 H  N N 37  
ARG HH21 H  N N 38  
ARG HH22 H  N N 39  
ARG HXT  H  N N 40  
ASN N    N  N N 41  
ASN CA   C  N S 42  
ASN C    C  N N 43  
ASN O    O  N N 44  
ASN CB   C  N N 45  
ASN CG   C  N N 46  
ASN OD1  O  N N 47  
ASN ND2  N  N N 48  
ASN OXT  O  N N 49  
ASN H    H  N N 50  
ASN H2   H  N N 51  
ASN HA   H  N N 52  
ASN HB2  H  N N 53  
ASN HB3  H  N N 54  
ASN HD21 H  N N 55  
ASN HD22 H  N N 56  
ASN HXT  H  N N 57  
ASP N    N  N N 58  
ASP CA   C  N S 59  
ASP C    C  N N 60  
ASP O    O  N N 61  
ASP CB   C  N N 62  
ASP CG   C  N N 63  
ASP OD1  O  N N 64  
ASP OD2  O  N N 65  
ASP OXT  O  N N 66  
ASP H    H  N N 67  
ASP H2   H  N N 68  
ASP HA   H  N N 69  
ASP HB2  H  N N 70  
ASP HB3  H  N N 71  
ASP HD2  H  N N 72  
ASP HXT  H  N N 73  
CA  CA   CA N N 74  
CL  CL   CL N N 75  
CYS N    N  N N 76  
CYS CA   C  N R 77  
CYS C    C  N N 78  
CYS O    O  N N 79  
CYS CB   C  N N 80  
CYS SG   S  N N 81  
CYS OXT  O  N N 82  
CYS H    H  N N 83  
CYS H2   H  N N 84  
CYS HA   H  N N 85  
CYS HB2  H  N N 86  
CYS HB3  H  N N 87  
CYS HG   H  N N 88  
CYS HXT  H  N N 89  
GLN N    N  N N 90  
GLN CA   C  N S 91  
GLN C    C  N N 92  
GLN O    O  N N 93  
GLN CB   C  N N 94  
GLN CG   C  N N 95  
GLN CD   C  N N 96  
GLN OE1  O  N N 97  
GLN NE2  N  N N 98  
GLN OXT  O  N N 99  
GLN H    H  N N 100 
GLN H2   H  N N 101 
GLN HA   H  N N 102 
GLN HB2  H  N N 103 
GLN HB3  H  N N 104 
GLN HG2  H  N N 105 
GLN HG3  H  N N 106 
GLN HE21 H  N N 107 
GLN HE22 H  N N 108 
GLN HXT  H  N N 109 
GLU N    N  N N 110 
GLU CA   C  N S 111 
GLU C    C  N N 112 
GLU O    O  N N 113 
GLU CB   C  N N 114 
GLU CG   C  N N 115 
GLU CD   C  N N 116 
GLU OE1  O  N N 117 
GLU OE2  O  N N 118 
GLU OXT  O  N N 119 
GLU H    H  N N 120 
GLU H2   H  N N 121 
GLU HA   H  N N 122 
GLU HB2  H  N N 123 
GLU HB3  H  N N 124 
GLU HG2  H  N N 125 
GLU HG3  H  N N 126 
GLU HE2  H  N N 127 
GLU HXT  H  N N 128 
GLY N    N  N N 129 
GLY CA   C  N N 130 
GLY C    C  N N 131 
GLY O    O  N N 132 
GLY OXT  O  N N 133 
GLY H    H  N N 134 
GLY H2   H  N N 135 
GLY HA2  H  N N 136 
GLY HA3  H  N N 137 
GLY HXT  H  N N 138 
HIS N    N  N N 139 
HIS CA   C  N S 140 
HIS C    C  N N 141 
HIS O    O  N N 142 
HIS CB   C  N N 143 
HIS CG   C  Y N 144 
HIS ND1  N  Y N 145 
HIS CD2  C  Y N 146 
HIS CE1  C  Y N 147 
HIS NE2  N  Y N 148 
HIS OXT  O  N N 149 
HIS H    H  N N 150 
HIS H2   H  N N 151 
HIS HA   H  N N 152 
HIS HB2  H  N N 153 
HIS HB3  H  N N 154 
HIS HD1  H  N N 155 
HIS HD2  H  N N 156 
HIS HE1  H  N N 157 
HIS HE2  H  N N 158 
HIS HXT  H  N N 159 
HOH O    O  N N 160 
HOH H1   H  N N 161 
HOH H2   H  N N 162 
ILE N    N  N N 163 
ILE CA   C  N S 164 
ILE C    C  N N 165 
ILE O    O  N N 166 
ILE CB   C  N S 167 
ILE CG1  C  N N 168 
ILE CG2  C  N N 169 
ILE CD1  C  N N 170 
ILE OXT  O  N N 171 
ILE H    H  N N 172 
ILE H2   H  N N 173 
ILE HA   H  N N 174 
ILE HB   H  N N 175 
ILE HG12 H  N N 176 
ILE HG13 H  N N 177 
ILE HG21 H  N N 178 
ILE HG22 H  N N 179 
ILE HG23 H  N N 180 
ILE HD11 H  N N 181 
ILE HD12 H  N N 182 
ILE HD13 H  N N 183 
ILE HXT  H  N N 184 
LEU N    N  N N 185 
LEU CA   C  N S 186 
LEU C    C  N N 187 
LEU O    O  N N 188 
LEU CB   C  N N 189 
LEU CG   C  N N 190 
LEU CD1  C  N N 191 
LEU CD2  C  N N 192 
LEU OXT  O  N N 193 
LEU H    H  N N 194 
LEU H2   H  N N 195 
LEU HA   H  N N 196 
LEU HB2  H  N N 197 
LEU HB3  H  N N 198 
LEU HG   H  N N 199 
LEU HD11 H  N N 200 
LEU HD12 H  N N 201 
LEU HD13 H  N N 202 
LEU HD21 H  N N 203 
LEU HD22 H  N N 204 
LEU HD23 H  N N 205 
LEU HXT  H  N N 206 
LYS N    N  N N 207 
LYS CA   C  N S 208 
LYS C    C  N N 209 
LYS O    O  N N 210 
LYS CB   C  N N 211 
LYS CG   C  N N 212 
LYS CD   C  N N 213 
LYS CE   C  N N 214 
LYS NZ   N  N N 215 
LYS OXT  O  N N 216 
LYS H    H  N N 217 
LYS H2   H  N N 218 
LYS HA   H  N N 219 
LYS HB2  H  N N 220 
LYS HB3  H  N N 221 
LYS HG2  H  N N 222 
LYS HG3  H  N N 223 
LYS HD2  H  N N 224 
LYS HD3  H  N N 225 
LYS HE2  H  N N 226 
LYS HE3  H  N N 227 
LYS HZ1  H  N N 228 
LYS HZ2  H  N N 229 
LYS HZ3  H  N N 230 
LYS HXT  H  N N 231 
MET N    N  N N 232 
MET CA   C  N S 233 
MET C    C  N N 234 
MET O    O  N N 235 
MET CB   C  N N 236 
MET CG   C  N N 237 
MET SD   S  N N 238 
MET CE   C  N N 239 
MET OXT  O  N N 240 
MET H    H  N N 241 
MET H2   H  N N 242 
MET HA   H  N N 243 
MET HB2  H  N N 244 
MET HB3  H  N N 245 
MET HG2  H  N N 246 
MET HG3  H  N N 247 
MET HE1  H  N N 248 
MET HE2  H  N N 249 
MET HE3  H  N N 250 
MET HXT  H  N N 251 
PHE N    N  N N 252 
PHE CA   C  N S 253 
PHE C    C  N N 254 
PHE O    O  N N 255 
PHE CB   C  N N 256 
PHE CG   C  Y N 257 
PHE CD1  C  Y N 258 
PHE CD2  C  Y N 259 
PHE CE1  C  Y N 260 
PHE CE2  C  Y N 261 
PHE CZ   C  Y N 262 
PHE OXT  O  N N 263 
PHE H    H  N N 264 
PHE H2   H  N N 265 
PHE HA   H  N N 266 
PHE HB2  H  N N 267 
PHE HB3  H  N N 268 
PHE HD1  H  N N 269 
PHE HD2  H  N N 270 
PHE HE1  H  N N 271 
PHE HE2  H  N N 272 
PHE HZ   H  N N 273 
PHE HXT  H  N N 274 
PRO N    N  N N 275 
PRO CA   C  N S 276 
PRO C    C  N N 277 
PRO O    O  N N 278 
PRO CB   C  N N 279 
PRO CG   C  N N 280 
PRO CD   C  N N 281 
PRO OXT  O  N N 282 
PRO H    H  N N 283 
PRO HA   H  N N 284 
PRO HB2  H  N N 285 
PRO HB3  H  N N 286 
PRO HG2  H  N N 287 
PRO HG3  H  N N 288 
PRO HD2  H  N N 289 
PRO HD3  H  N N 290 
PRO HXT  H  N N 291 
Q3M C01  C  N N 292 
Q3M S02  S  N N 293 
Q3M C03  C  N S 294 
Q3M C04  C  N N 295 
Q3M C05  C  N R 296 
Q3M C06  C  N N 297 
Q3M O07  O  N N 298 
Q3M C08  C  N S 299 
Q3M O09  O  N N 300 
Q3M C10  C  N R 301 
Q3M O11  O  N N 302 
Q3M C12  C  N R 303 
Q3M N13  N  N N 304 
Q3M C14  C  N N 305 
Q3M C15  C  N N 306 
Q3M O16  O  N N 307 
Q3M H1   H  N N 308 
Q3M H2   H  N N 309 
Q3M H3   H  N N 310 
Q3M H4   H  N N 311 
Q3M H5   H  N N 312 
Q3M H6   H  N N 313 
Q3M H7   H  N N 314 
Q3M H8   H  N N 315 
Q3M H9   H  N N 316 
Q3M H10  H  N N 317 
Q3M H11  H  N N 318 
Q3M H12  H  N N 319 
Q3M H13  H  N N 320 
Q3M H14  H  N N 321 
Q3M H15  H  N N 322 
Q3M H16  H  N N 323 
Q3M H17  H  N N 324 
Q3M H18  H  N N 325 
Q3M H19  H  N N 326 
SER N    N  N N 327 
SER CA   C  N S 328 
SER C    C  N N 329 
SER O    O  N N 330 
SER CB   C  N N 331 
SER OG   O  N N 332 
SER OXT  O  N N 333 
SER H    H  N N 334 
SER H2   H  N N 335 
SER HA   H  N N 336 
SER HB2  H  N N 337 
SER HB3  H  N N 338 
SER HG   H  N N 339 
SER HXT  H  N N 340 
THR N    N  N N 341 
THR CA   C  N S 342 
THR C    C  N N 343 
THR O    O  N N 344 
THR CB   C  N R 345 
THR OG1  O  N N 346 
THR CG2  C  N N 347 
THR OXT  O  N N 348 
THR H    H  N N 349 
THR H2   H  N N 350 
THR HA   H  N N 351 
THR HB   H  N N 352 
THR HG1  H  N N 353 
THR HG21 H  N N 354 
THR HG22 H  N N 355 
THR HG23 H  N N 356 
THR HXT  H  N N 357 
TRP N    N  N N 358 
TRP CA   C  N S 359 
TRP C    C  N N 360 
TRP O    O  N N 361 
TRP CB   C  N N 362 
TRP CG   C  Y N 363 
TRP CD1  C  Y N 364 
TRP CD2  C  Y N 365 
TRP NE1  N  Y N 366 
TRP CE2  C  Y N 367 
TRP CE3  C  Y N 368 
TRP CZ2  C  Y N 369 
TRP CZ3  C  Y N 370 
TRP CH2  C  Y N 371 
TRP OXT  O  N N 372 
TRP H    H  N N 373 
TRP H2   H  N N 374 
TRP HA   H  N N 375 
TRP HB2  H  N N 376 
TRP HB3  H  N N 377 
TRP HD1  H  N N 378 
TRP HE1  H  N N 379 
TRP HE3  H  N N 380 
TRP HZ2  H  N N 381 
TRP HZ3  H  N N 382 
TRP HH2  H  N N 383 
TRP HXT  H  N N 384 
TYR N    N  N N 385 
TYR CA   C  N S 386 
TYR C    C  N N 387 
TYR O    O  N N 388 
TYR CB   C  N N 389 
TYR CG   C  Y N 390 
TYR CD1  C  Y N 391 
TYR CD2  C  Y N 392 
TYR CE1  C  Y N 393 
TYR CE2  C  Y N 394 
TYR CZ   C  Y N 395 
TYR OH   O  N N 396 
TYR OXT  O  N N 397 
TYR H    H  N N 398 
TYR H2   H  N N 399 
TYR HA   H  N N 400 
TYR HB2  H  N N 401 
TYR HB3  H  N N 402 
TYR HD1  H  N N 403 
TYR HD2  H  N N 404 
TYR HE1  H  N N 405 
TYR HE2  H  N N 406 
TYR HH   H  N N 407 
TYR HXT  H  N N 408 
VAL N    N  N N 409 
VAL CA   C  N S 410 
VAL C    C  N N 411 
VAL O    O  N N 412 
VAL CB   C  N N 413 
VAL CG1  C  N N 414 
VAL CG2  C  N N 415 
VAL OXT  O  N N 416 
VAL H    H  N N 417 
VAL H2   H  N N 418 
VAL HA   H  N N 419 
VAL HB   H  N N 420 
VAL HG11 H  N N 421 
VAL HG12 H  N N 422 
VAL HG13 H  N N 423 
VAL HG21 H  N N 424 
VAL HG22 H  N N 425 
VAL HG23 H  N N 426 
VAL HXT  H  N N 427 
# 
loop_
_chem_comp_bond.comp_id 
_chem_comp_bond.atom_id_1 
_chem_comp_bond.atom_id_2 
_chem_comp_bond.value_order 
_chem_comp_bond.pdbx_aromatic_flag 
_chem_comp_bond.pdbx_stereo_config 
_chem_comp_bond.pdbx_ordinal 
ALA N   CA   sing N N 1   
ALA N   H    sing N N 2   
ALA N   H2   sing N N 3   
ALA CA  C    sing N N 4   
ALA CA  CB   sing N N 5   
ALA CA  HA   sing N N 6   
ALA C   O    doub N N 7   
ALA C   OXT  sing N N 8   
ALA CB  HB1  sing N N 9   
ALA CB  HB2  sing N N 10  
ALA CB  HB3  sing N N 11  
ALA OXT HXT  sing N N 12  
ARG N   CA   sing N N 13  
ARG N   H    sing N N 14  
ARG N   H2   sing N N 15  
ARG CA  C    sing N N 16  
ARG CA  CB   sing N N 17  
ARG CA  HA   sing N N 18  
ARG C   O    doub N N 19  
ARG C   OXT  sing N N 20  
ARG CB  CG   sing N N 21  
ARG CB  HB2  sing N N 22  
ARG CB  HB3  sing N N 23  
ARG CG  CD   sing N N 24  
ARG CG  HG2  sing N N 25  
ARG CG  HG3  sing N N 26  
ARG CD  NE   sing N N 27  
ARG CD  HD2  sing N N 28  
ARG CD  HD3  sing N N 29  
ARG NE  CZ   sing N N 30  
ARG NE  HE   sing N N 31  
ARG CZ  NH1  sing N N 32  
ARG CZ  NH2  doub N N 33  
ARG NH1 HH11 sing N N 34  
ARG NH1 HH12 sing N N 35  
ARG NH2 HH21 sing N N 36  
ARG NH2 HH22 sing N N 37  
ARG OXT HXT  sing N N 38  
ASN N   CA   sing N N 39  
ASN N   H    sing N N 40  
ASN N   H2   sing N N 41  
ASN CA  C    sing N N 42  
ASN CA  CB   sing N N 43  
ASN CA  HA   sing N N 44  
ASN C   O    doub N N 45  
ASN C   OXT  sing N N 46  
ASN CB  CG   sing N N 47  
ASN CB  HB2  sing N N 48  
ASN CB  HB3  sing N N 49  
ASN CG  OD1  doub N N 50  
ASN CG  ND2  sing N N 51  
ASN ND2 HD21 sing N N 52  
ASN ND2 HD22 sing N N 53  
ASN OXT HXT  sing N N 54  
ASP N   CA   sing N N 55  
ASP N   H    sing N N 56  
ASP N   H2   sing N N 57  
ASP CA  C    sing N N 58  
ASP CA  CB   sing N N 59  
ASP CA  HA   sing N N 60  
ASP C   O    doub N N 61  
ASP C   OXT  sing N N 62  
ASP CB  CG   sing N N 63  
ASP CB  HB2  sing N N 64  
ASP CB  HB3  sing N N 65  
ASP CG  OD1  doub N N 66  
ASP CG  OD2  sing N N 67  
ASP OD2 HD2  sing N N 68  
ASP OXT HXT  sing N N 69  
CYS N   CA   sing N N 70  
CYS N   H    sing N N 71  
CYS N   H2   sing N N 72  
CYS CA  C    sing N N 73  
CYS CA  CB   sing N N 74  
CYS CA  HA   sing N N 75  
CYS C   O    doub N N 76  
CYS C   OXT  sing N N 77  
CYS CB  SG   sing N N 78  
CYS CB  HB2  sing N N 79  
CYS CB  HB3  sing N N 80  
CYS SG  HG   sing N N 81  
CYS OXT HXT  sing N N 82  
GLN N   CA   sing N N 83  
GLN N   H    sing N N 84  
GLN N   H2   sing N N 85  
GLN CA  C    sing N N 86  
GLN CA  CB   sing N N 87  
GLN CA  HA   sing N N 88  
GLN C   O    doub N N 89  
GLN C   OXT  sing N N 90  
GLN CB  CG   sing N N 91  
GLN CB  HB2  sing N N 92  
GLN CB  HB3  sing N N 93  
GLN CG  CD   sing N N 94  
GLN CG  HG2  sing N N 95  
GLN CG  HG3  sing N N 96  
GLN CD  OE1  doub N N 97  
GLN CD  NE2  sing N N 98  
GLN NE2 HE21 sing N N 99  
GLN NE2 HE22 sing N N 100 
GLN OXT HXT  sing N N 101 
GLU N   CA   sing N N 102 
GLU N   H    sing N N 103 
GLU N   H2   sing N N 104 
GLU CA  C    sing N N 105 
GLU CA  CB   sing N N 106 
GLU CA  HA   sing N N 107 
GLU C   O    doub N N 108 
GLU C   OXT  sing N N 109 
GLU CB  CG   sing N N 110 
GLU CB  HB2  sing N N 111 
GLU CB  HB3  sing N N 112 
GLU CG  CD   sing N N 113 
GLU CG  HG2  sing N N 114 
GLU CG  HG3  sing N N 115 
GLU CD  OE1  doub N N 116 
GLU CD  OE2  sing N N 117 
GLU OE2 HE2  sing N N 118 
GLU OXT HXT  sing N N 119 
GLY N   CA   sing N N 120 
GLY N   H    sing N N 121 
GLY N   H2   sing N N 122 
GLY CA  C    sing N N 123 
GLY CA  HA2  sing N N 124 
GLY CA  HA3  sing N N 125 
GLY C   O    doub N N 126 
GLY C   OXT  sing N N 127 
GLY OXT HXT  sing N N 128 
HIS N   CA   sing N N 129 
HIS N   H    sing N N 130 
HIS N   H2   sing N N 131 
HIS CA  C    sing N N 132 
HIS CA  CB   sing N N 133 
HIS CA  HA   sing N N 134 
HIS C   O    doub N N 135 
HIS C   OXT  sing N N 136 
HIS CB  CG   sing N N 137 
HIS CB  HB2  sing N N 138 
HIS CB  HB3  sing N N 139 
HIS CG  ND1  sing Y N 140 
HIS CG  CD2  doub Y N 141 
HIS ND1 CE1  doub Y N 142 
HIS ND1 HD1  sing N N 143 
HIS CD2 NE2  sing Y N 144 
HIS CD2 HD2  sing N N 145 
HIS CE1 NE2  sing Y N 146 
HIS CE1 HE1  sing N N 147 
HIS NE2 HE2  sing N N 148 
HIS OXT HXT  sing N N 149 
HOH O   H1   sing N N 150 
HOH O   H2   sing N N 151 
ILE N   CA   sing N N 152 
ILE N   H    sing N N 153 
ILE N   H2   sing N N 154 
ILE CA  C    sing N N 155 
ILE CA  CB   sing N N 156 
ILE CA  HA   sing N N 157 
ILE C   O    doub N N 158 
ILE C   OXT  sing N N 159 
ILE CB  CG1  sing N N 160 
ILE CB  CG2  sing N N 161 
ILE CB  HB   sing N N 162 
ILE CG1 CD1  sing N N 163 
ILE CG1 HG12 sing N N 164 
ILE CG1 HG13 sing N N 165 
ILE CG2 HG21 sing N N 166 
ILE CG2 HG22 sing N N 167 
ILE CG2 HG23 sing N N 168 
ILE CD1 HD11 sing N N 169 
ILE CD1 HD12 sing N N 170 
ILE CD1 HD13 sing N N 171 
ILE OXT HXT  sing N N 172 
LEU N   CA   sing N N 173 
LEU N   H    sing N N 174 
LEU N   H2   sing N N 175 
LEU CA  C    sing N N 176 
LEU CA  CB   sing N N 177 
LEU CA  HA   sing N N 178 
LEU C   O    doub N N 179 
LEU C   OXT  sing N N 180 
LEU CB  CG   sing N N 181 
LEU CB  HB2  sing N N 182 
LEU CB  HB3  sing N N 183 
LEU CG  CD1  sing N N 184 
LEU CG  CD2  sing N N 185 
LEU CG  HG   sing N N 186 
LEU CD1 HD11 sing N N 187 
LEU CD1 HD12 sing N N 188 
LEU CD1 HD13 sing N N 189 
LEU CD2 HD21 sing N N 190 
LEU CD2 HD22 sing N N 191 
LEU CD2 HD23 sing N N 192 
LEU OXT HXT  sing N N 193 
LYS N   CA   sing N N 194 
LYS N   H    sing N N 195 
LYS N   H2   sing N N 196 
LYS CA  C    sing N N 197 
LYS CA  CB   sing N N 198 
LYS CA  HA   sing N N 199 
LYS C   O    doub N N 200 
LYS C   OXT  sing N N 201 
LYS CB  CG   sing N N 202 
LYS CB  HB2  sing N N 203 
LYS CB  HB3  sing N N 204 
LYS CG  CD   sing N N 205 
LYS CG  HG2  sing N N 206 
LYS CG  HG3  sing N N 207 
LYS CD  CE   sing N N 208 
LYS CD  HD2  sing N N 209 
LYS CD  HD3  sing N N 210 
LYS CE  NZ   sing N N 211 
LYS CE  HE2  sing N N 212 
LYS CE  HE3  sing N N 213 
LYS NZ  HZ1  sing N N 214 
LYS NZ  HZ2  sing N N 215 
LYS NZ  HZ3  sing N N 216 
LYS OXT HXT  sing N N 217 
MET N   CA   sing N N 218 
MET N   H    sing N N 219 
MET N   H2   sing N N 220 
MET CA  C    sing N N 221 
MET CA  CB   sing N N 222 
MET CA  HA   sing N N 223 
MET C   O    doub N N 224 
MET C   OXT  sing N N 225 
MET CB  CG   sing N N 226 
MET CB  HB2  sing N N 227 
MET CB  HB3  sing N N 228 
MET CG  SD   sing N N 229 
MET CG  HG2  sing N N 230 
MET CG  HG3  sing N N 231 
MET SD  CE   sing N N 232 
MET CE  HE1  sing N N 233 
MET CE  HE2  sing N N 234 
MET CE  HE3  sing N N 235 
MET OXT HXT  sing N N 236 
PHE N   CA   sing N N 237 
PHE N   H    sing N N 238 
PHE N   H2   sing N N 239 
PHE CA  C    sing N N 240 
PHE CA  CB   sing N N 241 
PHE CA  HA   sing N N 242 
PHE C   O    doub N N 243 
PHE C   OXT  sing N N 244 
PHE CB  CG   sing N N 245 
PHE CB  HB2  sing N N 246 
PHE CB  HB3  sing N N 247 
PHE CG  CD1  doub Y N 248 
PHE CG  CD2  sing Y N 249 
PHE CD1 CE1  sing Y N 250 
PHE CD1 HD1  sing N N 251 
PHE CD2 CE2  doub Y N 252 
PHE CD2 HD2  sing N N 253 
PHE CE1 CZ   doub Y N 254 
PHE CE1 HE1  sing N N 255 
PHE CE2 CZ   sing Y N 256 
PHE CE2 HE2  sing N N 257 
PHE CZ  HZ   sing N N 258 
PHE OXT HXT  sing N N 259 
PRO N   CA   sing N N 260 
PRO N   CD   sing N N 261 
PRO N   H    sing N N 262 
PRO CA  C    sing N N 263 
PRO CA  CB   sing N N 264 
PRO CA  HA   sing N N 265 
PRO C   O    doub N N 266 
PRO C   OXT  sing N N 267 
PRO CB  CG   sing N N 268 
PRO CB  HB2  sing N N 269 
PRO CB  HB3  sing N N 270 
PRO CG  CD   sing N N 271 
PRO CG  HG2  sing N N 272 
PRO CG  HG3  sing N N 273 
PRO CD  HD2  sing N N 274 
PRO CD  HD3  sing N N 275 
PRO OXT HXT  sing N N 276 
Q3M C15 C14  sing N N 277 
Q3M O16 C14  doub N N 278 
Q3M C14 N13  sing N N 279 
Q3M N13 C12  sing N N 280 
Q3M C12 C03  sing N N 281 
Q3M C12 C10  sing N N 282 
Q3M C03 S02  sing N N 283 
Q3M C03 C04  sing N N 284 
Q3M S02 C01  sing N N 285 
Q3M O11 C10  sing N N 286 
Q3M C10 C08  sing N N 287 
Q3M C04 C05  sing N N 288 
Q3M C08 O09  sing N N 289 
Q3M C08 C05  sing N N 290 
Q3M C05 C06  sing N N 291 
Q3M C06 O07  sing N N 292 
Q3M C01 H1   sing N N 293 
Q3M C01 H2   sing N N 294 
Q3M C01 H3   sing N N 295 
Q3M C03 H4   sing N N 296 
Q3M C04 H5   sing N N 297 
Q3M C04 H6   sing N N 298 
Q3M C05 H7   sing N N 299 
Q3M C06 H8   sing N N 300 
Q3M C06 H9   sing N N 301 
Q3M O07 H10  sing N N 302 
Q3M C08 H11  sing N N 303 
Q3M O09 H12  sing N N 304 
Q3M C10 H13  sing N N 305 
Q3M O11 H14  sing N N 306 
Q3M C12 H15  sing N N 307 
Q3M N13 H16  sing N N 308 
Q3M C15 H17  sing N N 309 
Q3M C15 H18  sing N N 310 
Q3M C15 H19  sing N N 311 
SER N   CA   sing N N 312 
SER N   H    sing N N 313 
SER N   H2   sing N N 314 
SER CA  C    sing N N 315 
SER CA  CB   sing N N 316 
SER CA  HA   sing N N 317 
SER C   O    doub N N 318 
SER C   OXT  sing N N 319 
SER CB  OG   sing N N 320 
SER CB  HB2  sing N N 321 
SER CB  HB3  sing N N 322 
SER OG  HG   sing N N 323 
SER OXT HXT  sing N N 324 
THR N   CA   sing N N 325 
THR N   H    sing N N 326 
THR N   H2   sing N N 327 
THR CA  C    sing N N 328 
THR CA  CB   sing N N 329 
THR CA  HA   sing N N 330 
THR C   O    doub N N 331 
THR C   OXT  sing N N 332 
THR CB  OG1  sing N N 333 
THR CB  CG2  sing N N 334 
THR CB  HB   sing N N 335 
THR OG1 HG1  sing N N 336 
THR CG2 HG21 sing N N 337 
THR CG2 HG22 sing N N 338 
THR CG2 HG23 sing N N 339 
THR OXT HXT  sing N N 340 
TRP N   CA   sing N N 341 
TRP N   H    sing N N 342 
TRP N   H2   sing N N 343 
TRP CA  C    sing N N 344 
TRP CA  CB   sing N N 345 
TRP CA  HA   sing N N 346 
TRP C   O    doub N N 347 
TRP C   OXT  sing N N 348 
TRP CB  CG   sing N N 349 
TRP CB  HB2  sing N N 350 
TRP CB  HB3  sing N N 351 
TRP CG  CD1  doub Y N 352 
TRP CG  CD2  sing Y N 353 
TRP CD1 NE1  sing Y N 354 
TRP CD1 HD1  sing N N 355 
TRP CD2 CE2  doub Y N 356 
TRP CD2 CE3  sing Y N 357 
TRP NE1 CE2  sing Y N 358 
TRP NE1 HE1  sing N N 359 
TRP CE2 CZ2  sing Y N 360 
TRP CE3 CZ3  doub Y N 361 
TRP CE3 HE3  sing N N 362 
TRP CZ2 CH2  doub Y N 363 
TRP CZ2 HZ2  sing N N 364 
TRP CZ3 CH2  sing Y N 365 
TRP CZ3 HZ3  sing N N 366 
TRP CH2 HH2  sing N N 367 
TRP OXT HXT  sing N N 368 
TYR N   CA   sing N N 369 
TYR N   H    sing N N 370 
TYR N   H2   sing N N 371 
TYR CA  C    sing N N 372 
TYR CA  CB   sing N N 373 
TYR CA  HA   sing N N 374 
TYR C   O    doub N N 375 
TYR C   OXT  sing N N 376 
TYR CB  CG   sing N N 377 
TYR CB  HB2  sing N N 378 
TYR CB  HB3  sing N N 379 
TYR CG  CD1  doub Y N 380 
TYR CG  CD2  sing Y N 381 
TYR CD1 CE1  sing Y N 382 
TYR CD1 HD1  sing N N 383 
TYR CD2 CE2  doub Y N 384 
TYR CD2 HD2  sing N N 385 
TYR CE1 CZ   doub Y N 386 
TYR CE1 HE1  sing N N 387 
TYR CE2 CZ   sing Y N 388 
TYR CE2 HE2  sing N N 389 
TYR CZ  OH   sing N N 390 
TYR OH  HH   sing N N 391 
TYR OXT HXT  sing N N 392 
VAL N   CA   sing N N 393 
VAL N   H    sing N N 394 
VAL N   H2   sing N N 395 
VAL CA  C    sing N N 396 
VAL CA  CB   sing N N 397 
VAL CA  HA   sing N N 398 
VAL C   O    doub N N 399 
VAL C   OXT  sing N N 400 
VAL CB  CG1  sing N N 401 
VAL CB  CG2  sing N N 402 
VAL CB  HB   sing N N 403 
VAL CG1 HG11 sing N N 404 
VAL CG1 HG12 sing N N 405 
VAL CG1 HG13 sing N N 406 
VAL CG2 HG21 sing N N 407 
VAL CG2 HG22 sing N N 408 
VAL CG2 HG23 sing N N 409 
VAL OXT HXT  sing N N 410 
# 
loop_
_pdbx_audit_support.funding_organization 
_pdbx_audit_support.country 
_pdbx_audit_support.grant_number 
_pdbx_audit_support.ordinal 
'Science Foundation Ireland'         Ireland          12/IA/1398 1 
'Science Foundation Ireland'         Ireland          16/IA/4419 2 
'European Regional Development Fund' 'European Union' 16/IA/4419 3 
# 
_pdbx_initial_refinement_model.id               1 
_pdbx_initial_refinement_model.entity_id_list   ? 
_pdbx_initial_refinement_model.type             'experimental model' 
_pdbx_initial_refinement_model.source_name      PDB 
_pdbx_initial_refinement_model.accession_code   1DV8 
_pdbx_initial_refinement_model.details          ? 
# 
_atom_sites.entry_id                    6XIY 
_atom_sites.Cartn_transf_matrix[1][1]   ? 
_atom_sites.Cartn_transf_matrix[1][2]   ? 
_atom_sites.Cartn_transf_matrix[1][3]   ? 
_atom_sites.Cartn_transf_matrix[2][1]   ? 
_atom_sites.Cartn_transf_matrix[2][2]   ? 
_atom_sites.Cartn_transf_matrix[2][3]   ? 
_atom_sites.Cartn_transf_matrix[3][1]   ? 
_atom_sites.Cartn_transf_matrix[3][2]   ? 
_atom_sites.Cartn_transf_matrix[3][3]   ? 
_atom_sites.Cartn_transf_vector[1]      ? 
_atom_sites.Cartn_transf_vector[2]      ? 
_atom_sites.Cartn_transf_vector[3]      ? 
_atom_sites.fract_transf_matrix[1][1]   -0.01317931 
_atom_sites.fract_transf_matrix[1][2]   -0.01771884 
_atom_sites.fract_transf_matrix[1][3]   -0.00003883 
_atom_sites.fract_transf_matrix[2][1]   -0.02192779 
_atom_sites.fract_transf_matrix[2][2]   0.00254954 
_atom_sites.fract_transf_matrix[2][3]   -0.00057514 
_atom_sites.fract_transf_matrix[3][1]   0.00021510 
_atom_sites.fract_transf_matrix[3][2]   -0.00014065 
_atom_sites.fract_transf_matrix[3][3]   -0.00882426 
_atom_sites.fract_transf_vector[1]      -0.242378 
_atom_sites.fract_transf_vector[2]      0.085757 
_atom_sites.fract_transf_vector[3]      -0.036002 
_atom_sites.solution_primary            ? 
_atom_sites.solution_secondary          ? 
_atom_sites.solution_hydrogens          ? 
_atom_sites.special_details             ? 
# 
loop_
_atom_type.symbol 
_atom_type.pdbx_scat_Z 
_atom_type.pdbx_N_electrons 
_atom_type.scat_Cromer_Mann_a1 
_atom_type.scat_Cromer_Mann_b1 
_atom_type.scat_Cromer_Mann_a2 
_atom_type.scat_Cromer_Mann_b2 
_atom_type.scat_Cromer_Mann_a3 
_atom_type.scat_Cromer_Mann_b3 
_atom_type.scat_Cromer_Mann_a4 
_atom_type.scat_Cromer_Mann_b4 
_atom_type.scat_Cromer_Mann_c 
C  6  6  2.310  20.844 1.020 10.208 1.589 0.569  0.865 51.651  0.216   
CA 20 20 8.627  10.442 7.387 0.660  1.590 85.748 1.021 178.437 1.668   
CL 17 17 11.460 0.010  7.196 1.166  6.255 18.519 1.645 47.778  -9.345  
H  1  1  0.493  10.511 0.323 26.126 0.140 3.142  0.041 57.800  0.003   
N  7  7  12.222 0.006  3.135 9.893  2.014 28.997 1.167 0.583   -11.538 
O  8  8  3.049  13.277 2.287 5.701  1.546 0.324  0.867 32.909  0.251   
S  16 16 6.905  1.468  5.203 22.215 1.438 0.254  1.586 56.172  1.049   
ZN 30 30 14.082 3.266  7.036 0.233  5.165 10.316 2.411 58.710  1.003   
# 
loop_
_atom_site.group_PDB 
_atom_site.id 
_atom_site.type_symbol 
_atom_site.label_atom_id 
_atom_site.label_alt_id 
_atom_site.label_comp_id 
_atom_site.label_asym_id 
_atom_site.label_entity_id 
_atom_site.label_seq_id 
_atom_site.pdbx_PDB_ins_code 
_atom_site.Cartn_x 
_atom_site.Cartn_y 
_atom_site.Cartn_z 
_atom_site.occupancy 
_atom_site.B_iso_or_equiv 
_atom_site.pdbx_formal_charge 
_atom_site.auth_seq_id 
_atom_site.auth_comp_id 
_atom_site.auth_asym_id 
_atom_site.auth_atom_id 
_atom_site.pdbx_PDB_model_num 
ATOM   1    N  N   . SER A 1 1   ? -11.781 3.693   21.048  1.000 51.375  ? 180 SER A N   1 
ATOM   2    C  CA  . SER A 1 1   ? -12.218 3.977   19.620  1.000 69.815  ? 180 SER A CA  1 
ATOM   3    C  C   . SER A 1 1   ? -11.782 2.829   18.693  1.000 68.983  ? 180 SER A C   1 
ATOM   4    O  O   . SER A 1 1   ? -12.663 2.044   18.261  1.000 70.223  ? 180 SER A O   1 
ATOM   5    C  CB  . SER A 1 1   ? -11.697 5.320   19.129  1.000 72.540  ? 180 SER A CB  1 
ATOM   6    O  OG  . SER A 1 1   ? -12.466 6.411   19.631  1.000 61.864  ? 180 SER A OG  1 
ATOM   7    N  N   . CYS A 1 2   ? -10.471 2.711   18.430  1.000 55.633  ? 181 CYS A N   1 
ATOM   8    C  CA  . CYS A 1 2   ? -9.856  1.666   17.556  1.000 51.670  ? 181 CYS A CA  1 
ATOM   9    C  C   . CYS A 1 2   ? -9.794  0.337   18.305  1.000 44.852  ? 181 CYS A C   1 
ATOM   10   O  O   . CYS A 1 2   ? -9.586  0.310   19.511  1.000 42.540  ? 181 CYS A O   1 
ATOM   11   C  CB  . CYS A 1 2   ? -8.441  2.042   17.102  1.000 49.377  ? 181 CYS A CB  1 
ATOM   12   S  SG  . CYS A 1 2   ? -8.347  3.473   15.984  1.000 71.942  ? 181 CYS A SG  1 
ATOM   13   N  N   . PRO A 1 3   ? -9.949  -0.820  17.632  1.000 41.245  ? 182 PRO A N   1 
ATOM   14   C  CA  . PRO A 1 3   ? -9.786  -2.093  18.323  1.000 41.352  ? 182 PRO A CA  1 
ATOM   15   C  C   . PRO A 1 3   ? -8.327  -2.307  18.759  1.000 47.091  ? 182 PRO A C   1 
ATOM   16   O  O   . PRO A 1 3   ? -7.399  -1.632  18.255  1.000 35.192  ? 182 PRO A O   1 
ATOM   17   C  CB  . PRO A 1 3   ? -10.227 -3.174  17.308  1.000 44.902  ? 182 PRO A CB  1 
ATOM   18   C  CG  . PRO A 1 3   ? -10.749 -2.422  16.079  1.000 42.259  ? 182 PRO A CG  1 
ATOM   19   C  CD  . PRO A 1 3   ? -10.287 -0.981  16.208  1.000 44.352  ? 182 PRO A CD  1 
ATOM   20   N  N   . VAL A 1 4   ? -8.138  -3.257  19.674  1.000 33.638  ? 183 VAL A N   1 
ATOM   21   C  CA  . VAL A 1 4   ? -6.789  -3.629  20.190  1.000 33.383  ? 183 VAL A CA  1 
ATOM   22   C  C   . VAL A 1 4   ? -5.916  -4.009  18.992  1.000 31.921  ? 183 VAL A C   1 
ATOM   23   O  O   . VAL A 1 4   ? -6.455  -4.644  18.068  1.000 29.516  ? 183 VAL A O   1 
ATOM   24   C  CB  . VAL A 1 4   ? -6.855  -4.775  21.212  1.000 40.702  ? 183 VAL A CB  1 
ATOM   25   C  CG1 . VAL A 1 4   ? -5.456  -5.146  21.708  1.000 35.961  ? 183 VAL A CG1 1 
ATOM   26   C  CG2 . VAL A 1 4   ? -7.776  -4.412  22.370  1.000 46.950  ? 183 VAL A CG2 1 
ATOM   27   N  N   . ASN A 1 5   ? -4.635  -3.609  19.019  1.000 28.393  ? 184 ASN A N   1 
ATOM   28   C  CA  . ASN A 1 5   ? -3.592  -3.911  17.998  1.000 27.668  ? 184 ASN A CA  1 
ATOM   29   C  C   . ASN A 1 5   ? -3.673  -2.915  16.843  1.000 29.411  ? 184 ASN A C   1 
ATOM   30   O  O   . ASN A 1 5   ? -2.782  -2.992  15.978  1.000 35.838  ? 184 ASN A O   1 
ATOM   31   C  CB  . ASN A 1 5   ? -3.633  -5.354  17.494  1.000 30.203  ? 184 ASN A CB  1 
ATOM   32   C  CG  . ASN A 1 5   ? -3.263  -6.331  18.583  1.000 32.664  ? 184 ASN A CG  1 
ATOM   33   O  OD1 . ASN A 1 5   ? -2.270  -6.123  19.270  1.000 31.428  ? 184 ASN A OD1 1 
ATOM   34   N  ND2 . ASN A 1 5   ? -4.086  -7.347  18.789  1.000 34.189  ? 184 ASN A ND2 1 
ATOM   35   N  N   . TRP A 1 6   ? -4.660  -2.007  16.845  1.000 29.744  ? 185 TRP A N   1 
ATOM   36   C  CA  . TRP A 1 6   ? -4.829  -0.936  15.827  1.000 28.549  ? 185 TRP A CA  1 
ATOM   37   C  C   . TRP A 1 6   ? -4.368  0.395   16.411  1.000 30.816  ? 185 TRP A C   1 
ATOM   38   O  O   . TRP A 1 6   ? -4.477  0.597   17.641  1.000 31.719  ? 185 TRP A O   1 
ATOM   39   C  CB  . TRP A 1 6   ? -6.268  -0.833  15.310  1.000 30.976  ? 185 TRP A CB  1 
ATOM   40   C  CG  . TRP A 1 6   ? -6.686  -2.027  14.518  1.000 29.525  ? 185 TRP A CG  1 
ATOM   41   C  CD1 . TRP A 1 6   ? -6.813  -3.303  14.987  1.000 35.378  ? 185 TRP A CD1 1 
ATOM   42   C  CD2 . TRP A 1 6   ? -7.009  -2.085  13.121  1.000 26.926  ? 185 TRP A CD2 1 
ATOM   43   N  NE1 . TRP A 1 6   ? -7.168  -4.153  13.971  1.000 32.141  ? 185 TRP A NE1 1 
ATOM   44   C  CE2 . TRP A 1 6   ? -7.314  -3.437  12.821  1.000 28.901  ? 185 TRP A CE2 1 
ATOM   45   C  CE3 . TRP A 1 6   ? -7.056  -1.148  12.089  1.000 25.630  ? 185 TRP A CE3 1 
ATOM   46   C  CZ2 . TRP A 1 6   ? -7.660  -3.865  11.543  1.000 26.791  ? 185 TRP A CZ2 1 
ATOM   47   C  CZ3 . TRP A 1 6   ? -7.414  -1.569  10.827  1.000 27.534  ? 185 TRP A CZ3 1 
ATOM   48   C  CH2 . TRP A 1 6   ? -7.710  -2.906  10.560  1.000 24.626  ? 185 TRP A CH2 1 
ATOM   49   N  N   . VAL A 1 7   ? -3.875  1.277   15.549  1.000 30.676  ? 186 VAL A N   1 
ATOM   50   C  CA  . VAL A 1 7   ? -3.378  2.617   15.958  1.000 34.695  ? 186 VAL A CA  1 
ATOM   51   C  C   . VAL A 1 7   ? -4.351  3.662   15.422  1.000 35.533  ? 186 VAL A C   1 
ATOM   52   O  O   . VAL A 1 7   ? -4.670  3.591   14.240  1.000 37.699  ? 186 VAL A O   1 
ATOM   53   C  CB  . VAL A 1 7   ? -1.958  2.857   15.423  1.000 38.809  ? 186 VAL A CB  1 
ATOM   54   C  CG1 . VAL A 1 7   ? -1.504  4.290   15.691  1.000 40.728  ? 186 VAL A CG1 1 
ATOM   55   C  CG2 . VAL A 1 7   ? -0.978  1.837   16.014  1.000 41.859  ? 186 VAL A CG2 1 
ATOM   56   N  N   . GLU A 1 8   ? -4.761  4.615   16.253  1.000 37.059  ? 187 GLU A N   1 
ATOM   57   C  CA  . GLU A 1 8   ? -5.623  5.751   15.838  1.000 43.882  ? 187 GLU A CA  1 
ATOM   58   C  C   . GLU A 1 8   ? -4.744  6.911   15.362  1.000 44.566  ? 187 GLU A C   1 
ATOM   59   O  O   . GLU A 1 8   ? -3.796  7.260   16.084  1.000 45.243  ? 187 GLU A O   1 
ATOM   60   C  CB  . GLU A 1 8   ? -6.500  6.189   17.013  1.000 47.139  ? 187 GLU A CB  1 
ATOM   61   C  CG  . GLU A 1 8   ? -7.431  7.341   16.677  1.000 64.225  ? 187 GLU A CG  1 
ATOM   62   C  CD  . GLU A 1 8   ? -8.272  7.863   17.836  1.000 80.179  ? 187 GLU A CD  1 
ATOM   63   O  OE1 . GLU A 1 8   ? -8.573  7.069   18.758  1.000 70.614  ? 187 GLU A OE1 1 
ATOM   64   O  OE2 . GLU A 1 8   ? -8.632  9.065   17.812  1.000 82.096  ? 187 GLU A OE2 1 
ATOM   65   N  N   . HIS A 1 9   ? -5.065  7.491   14.202  1.000 43.976  ? 188 HIS A N   1 
ATOM   66   C  CA  . HIS A 1 9   ? -4.516  8.779   13.704  1.000 39.038  ? 188 HIS A CA  1 
ATOM   67   C  C   . HIS A 1 9   ? -5.565  9.441   12.795  1.000 36.967  ? 188 HIS A C   1 
ATOM   68   O  O   . HIS A 1 9   ? -5.986  8.771   11.828  1.000 33.531  ? 188 HIS A O   1 
ATOM   69   C  CB  . HIS A 1 9   ? -3.176  8.547   12.994  1.000 40.388  ? 188 HIS A CB  1 
ATOM   70   C  CG  . HIS A 1 9   ? -2.678  9.707   12.188  1.000 41.413  ? 188 HIS A CG  1 
ATOM   71   N  ND1 . HIS A 1 9   ? -1.859  10.690  12.733  1.000 43.438  ? 188 HIS A ND1 1 
ATOM   72   C  CD2 . HIS A 1 9   ? -2.874  10.044  10.888  1.000 38.968  ? 188 HIS A CD2 1 
ATOM   73   C  CE1 . HIS A 1 9   ? -1.581  11.583  11.804  1.000 43.668  ? 188 HIS A CE1 1 
ATOM   74   N  NE2 . HIS A 1 9   ? -2.187  11.206  10.661  1.000 58.585  ? 188 HIS A NE2 1 
ATOM   75   N  N   . GLN A 1 10  ? -5.984  10.669  13.138  1.000 41.002  ? 189 GLN A N   1 
ATOM   76   C  CA  . GLN A 1 10  ? -6.806  11.640  12.333  1.000 48.760  ? 189 GLN A CA  1 
ATOM   77   C  C   . GLN A 1 10  ? -7.998  10.939  11.654  1.000 57.596  ? 189 GLN A C   1 
ATOM   78   O  O   . GLN A 1 10  ? -8.097  11.004  10.401  1.000 52.956  ? 189 GLN A O   1 
ATOM   79   C  CB  . GLN A 1 10  ? -5.982  12.370  11.259  1.000 54.083  ? 189 GLN A CB  1 
ATOM   80   C  CG  . GLN A 1 10  ? -4.640  12.942  11.726  1.000 80.715  ? 189 GLN A CG  1 
ATOM   81   C  CD  . GLN A 1 10  ? -4.684  14.260  12.468  1.000 88.660  ? 189 GLN A CD  1 
ATOM   82   O  OE1 . GLN A 1 10  ? -5.737  14.745  12.883  1.000 61.963  ? 189 GLN A OE1 1 
ATOM   83   N  NE2 . GLN A 1 10  ? -3.510  14.845  12.661  1.000 87.624  ? 189 GLN A NE2 1 
ATOM   84   N  N   . ASP A 1 11  ? -8.860  10.295  12.445  1.000 40.812  ? 190 ASP A N   1 
ATOM   85   C  CA  . ASP A 1 11  ? -10.131 9.664   12.002  1.000 51.572  ? 190 ASP A CA  1 
ATOM   86   C  C   . ASP A 1 11  ? -9.874  8.423   11.130  1.000 46.527  ? 190 ASP A C   1 
ATOM   87   O  O   . ASP A 1 11  ? -10.811 7.983   10.442  1.000 38.598  ? 190 ASP A O   1 
ATOM   88   C  CB  . ASP A 1 11  ? -11.068 10.688  11.345  1.000 64.544  ? 190 ASP A CB  1 
ATOM   89   C  CG  . ASP A 1 11  ? -12.121 11.196  12.320  1.000 93.996  ? 190 ASP A CG  1 
ATOM   90   O  OD1 . ASP A 1 11  ? -11.792 12.102  13.119  1.000 79.154  ? 190 ASP A OD1 1 
ATOM   91   O  OD2 . ASP A 1 11  ? -13.249 10.644  12.315  1.000 101.488 ? 190 ASP A OD2 1 
ATOM   92   N  N   . SER A 1 12  ? -8.701  7.800   11.205  1.000 34.325  ? 191 SER A N   1 
ATOM   93   C  CA  . SER A 1 12  ? -8.547  6.402   10.741  1.000 34.653  ? 191 SER A CA  1 
ATOM   94   C  C   . SER A 1 12  ? -7.913  5.539   11.831  1.000 35.852  ? 191 SER A C   1 
ATOM   95   O  O   . SER A 1 12  ? -7.267  6.094   12.755  1.000 33.966  ? 191 SER A O   1 
ATOM   96   C  CB  . SER A 1 12  ? -7.758  6.337   9.477   1.000 38.245  ? 191 SER A CB  1 
ATOM   97   O  OG  . SER A 1 12  ? -8.558  6.674   8.372   1.000 34.853  ? 191 SER A OG  1 
ATOM   98   N  N   . CYS A 1 13  ? -8.122  4.229   11.704  1.000 31.425  ? 192 CYS A N   1 
ATOM   99   C  CA  . CYS A 1 13  ? -7.423  3.158   12.455  1.000 38.809  ? 192 CYS A CA  1 
ATOM   100  C  C   . CYS A 1 13  ? -6.481  2.430   11.493  1.000 32.420  ? 192 CYS A C   1 
ATOM   101  O  O   . CYS A 1 13  ? -6.912  2.082   10.368  1.000 28.009  ? 192 CYS A O   1 
ATOM   102  C  CB  . CYS A 1 13  ? -8.413  2.174   13.069  1.000 37.227  ? 192 CYS A CB  1 
ATOM   103  S  SG  . CYS A 1 13  ? -9.496  2.958   14.290  1.000 60.336  ? 192 CYS A SG  1 
ATOM   104  N  N   . TYR A 1 14  ? -5.259  2.166   11.943  1.000 29.652  ? 193 TYR A N   1 
ATOM   105  C  CA  . TYR A 1 14  ? -4.226  1.481   11.142  1.000 26.346  ? 193 TYR A CA  1 
ATOM   106  C  C   . TYR A 1 14  ? -3.748  0.247   11.880  1.000 25.964  ? 193 TYR A C   1 
ATOM   107  O  O   . TYR A 1 14  ? -3.618  0.295   13.104  1.000 30.434  ? 193 TYR A O   1 
ATOM   108  C  CB  . TYR A 1 14  ? -3.079  2.437   10.845  1.000 29.615  ? 193 TYR A CB  1 
ATOM   109  C  CG  . TYR A 1 14  ? -3.496  3.703   10.145  1.000 24.012  ? 193 TYR A CG  1 
ATOM   110  C  CD1 . TYR A 1 14  ? -3.975  4.778   10.864  1.000 30.654  ? 193 TYR A CD1 1 
ATOM   111  C  CD2 . TYR A 1 14  ? -3.397  3.822   8.771   1.000 27.345  ? 193 TYR A CD2 1 
ATOM   112  C  CE1 . TYR A 1 14  ? -4.344  5.955   10.233  1.000 32.029  ? 193 TYR A CE1 1 
ATOM   113  C  CE2 . TYR A 1 14  ? -3.734  4.995   8.129   1.000 29.101  ? 193 TYR A CE2 1 
ATOM   114  C  CZ  . TYR A 1 14  ? -4.223  6.061   8.864   1.000 31.612  ? 193 TYR A CZ  1 
ATOM   115  O  OH  . TYR A 1 14  ? -4.591  7.216   8.247   1.000 32.497  ? 193 TYR A OH  1 
ATOM   116  N  N   . TRP A 1 15  ? -3.506  -0.806  11.105  1.000 26.956  ? 194 TRP A N   1 
ATOM   117  C  CA  . TRP A 1 15  ? -2.886  -2.081  11.516  1.000 27.488  ? 194 TRP A CA  1 
ATOM   118  C  C   . TRP A 1 15  ? -1.693  -2.338  10.604  1.000 23.633  ? 194 TRP A C   1 
ATOM   119  O  O   . TRP A 1 15  ? -1.908  -2.440  9.360   1.000 25.019  ? 194 TRP A O   1 
ATOM   120  C  CB  . TRP A 1 15  ? -3.903  -3.227  11.428  1.000 28.972  ? 194 TRP A CB  1 
ATOM   121  C  CG  . TRP A 1 15  ? -3.369  -4.505  11.994  1.000 29.735  ? 194 TRP A CG  1 
ATOM   122  C  CD1 . TRP A 1 15  ? -3.338  -4.868  13.311  1.000 31.457  ? 194 TRP A CD1 1 
ATOM   123  C  CD2 . TRP A 1 15  ? -2.703  -5.552  11.272  1.000 33.649  ? 194 TRP A CD2 1 
ATOM   124  N  NE1 . TRP A 1 15  ? -2.719  -6.080  13.453  1.000 34.191  ? 194 TRP A NE1 1 
ATOM   125  C  CE2 . TRP A 1 15  ? -2.327  -6.531  12.221  1.000 33.552  ? 194 TRP A CE2 1 
ATOM   126  C  CE3 . TRP A 1 15  ? -2.403  -5.769  9.923   1.000 32.524  ? 194 TRP A CE3 1 
ATOM   127  C  CZ2 . TRP A 1 15  ? -1.727  -7.732  11.849  1.000 29.622  ? 194 TRP A CZ2 1 
ATOM   128  C  CZ3 . TRP A 1 15  ? -1.769  -6.941  9.562   1.000 32.075  ? 194 TRP A CZ3 1 
ATOM   129  C  CH2 . TRP A 1 15  ? -1.435  -7.906  10.515  1.000 32.082  ? 194 TRP A CH2 1 
ATOM   130  N  N   . PHE A 1 16  ? -0.495  -2.413  11.188  1.000 21.434  ? 195 PHE A N   1 
ATOM   131  C  CA  . PHE A 1 16  ? 0.770   -2.680  10.472  1.000 24.330  ? 195 PHE A CA  1 
ATOM   132  C  C   . PHE A 1 16  ? 1.110   -4.162  10.633  1.000 27.801  ? 195 PHE A C   1 
ATOM   133  O  O   . PHE A 1 16  ? 1.152   -4.644  11.774  1.000 31.431  ? 195 PHE A O   1 
ATOM   134  C  CB  . PHE A 1 16  ? 1.869   -1.763  11.003  1.000 29.621  ? 195 PHE A CB  1 
ATOM   135  C  CG  . PHE A 1 16  ? 1.636   -0.297  10.738  1.000 28.718  ? 195 PHE A CG  1 
ATOM   136  C  CD1 . PHE A 1 16  ? 0.644   0.400   11.411  1.000 27.089  ? 195 PHE A CD1 1 
ATOM   137  C  CD2 . PHE A 1 16  ? 2.426   0.381   9.833   1.000 29.194  ? 195 PHE A CD2 1 
ATOM   138  C  CE1 . PHE A 1 16  ? 0.460   1.751   11.194  1.000 26.875  ? 195 PHE A CE1 1 
ATOM   139  C  CE2 . PHE A 1 16  ? 2.218   1.728   9.585   1.000 32.334  ? 195 PHE A CE2 1 
ATOM   140  C  CZ  . PHE A 1 16  ? 1.239   2.411   10.269  1.000 33.070  ? 195 PHE A CZ  1 
ATOM   141  N  N   . SER A 1 17  ? 1.391   -4.862  9.539   1.000 27.001  ? 196 SER A N   1 
ATOM   142  C  CA  . SER A 1 17  ? 1.751   -6.305  9.582   1.000 26.359  ? 196 SER A CA  1 
ATOM   143  C  C   . SER A 1 17  ? 3.147   -6.502  10.195  1.000 27.605  ? 196 SER A C   1 
ATOM   144  O  O   . SER A 1 17  ? 3.989   -5.621  10.026  1.000 24.705  ? 196 SER A O   1 
ATOM   145  C  CB  . SER A 1 17  ? 1.679   -6.913  8.211   1.000 27.912  ? 196 SER A CB  1 
ATOM   146  O  OG  . SER A 1 17  ? 2.838   -6.625  7.451   1.000 22.767  ? 196 SER A OG  1 
ATOM   147  N  N   . HIS A 1 18  ? 3.367   -7.648  10.850  1.000 25.802  ? 197 HIS A N   1 
ATOM   148  C  CA  . HIS A 1 18  ? 4.687   -8.202  11.255  1.000 33.478  ? 197 HIS A CA  1 
ATOM   149  C  C   . HIS A 1 18  ? 5.009   -9.385  10.335  1.000 28.051  ? 197 HIS A C   1 
ATOM   150  O  O   . HIS A 1 18  ? 5.654   -10.315 10.776  1.000 34.211  ? 197 HIS A O   1 
ATOM   151  C  CB  . HIS A 1 18  ? 4.668   -8.694  12.720  1.000 33.146  ? 197 HIS A CB  1 
ATOM   152  C  CG  . HIS A 1 18  ? 4.708   -7.617  13.742  1.000 44.846  ? 197 HIS A CG  1 
ATOM   153  N  ND1 . HIS A 1 18  ? 5.119   -6.320  13.441  1.000 47.050  ? 197 HIS A ND1 1 
ATOM   154  C  CD2 . HIS A 1 18  ? 4.459   -7.647  15.071  1.000 43.520  ? 197 HIS A CD2 1 
ATOM   155  C  CE1 . HIS A 1 18  ? 5.090   -5.596  14.536  1.000 45.753  ? 197 HIS A CE1 1 
ATOM   156  N  NE2 . HIS A 1 18  ? 4.685   -6.384  15.552  1.000 57.369  ? 197 HIS A NE2 1 
ATOM   157  N  N   . SER A 1 19  ? 4.444   -9.413  9.145   1.000 29.625  ? 198 SER A N   1 
ATOM   158  C  CA  . SER A 1 19  ? 4.598   -10.553 8.209   1.000 34.026  ? 198 SER A CA  1 
ATOM   159  C  C   . SER A 1 19  ? 4.371   -10.061 6.773   1.000 29.243  ? 198 SER A C   1 
ATOM   160  O  O   . SER A 1 19  ? 4.091   -8.851  6.573   1.000 31.532  ? 198 SER A O   1 
ATOM   161  C  CB  . SER A 1 19  ? 3.685   -11.716 8.603   1.000 31.424  ? 198 SER A CB  1 
ATOM   162  O  OG  . SER A 1 19  ? 2.306   -11.383 8.477   1.000 34.032  ? 198 SER A OG  1 
ATOM   163  N  N   . GLY A 1 20  ? 4.526   -10.958 5.813   1.000 26.103  ? 199 GLY A N   1 
ATOM   164  C  CA  . GLY A 1 20  ? 4.504   -10.643 4.377   1.000 31.211  ? 199 GLY A CA  1 
ATOM   165  C  C   . GLY A 1 20  ? 3.511   -11.510 3.642   1.000 25.102  ? 199 GLY A C   1 
ATOM   166  O  O   . GLY A 1 20  ? 3.334   -12.675 4.027   1.000 28.552  ? 199 GLY A O   1 
ATOM   167  N  N   . MET A 1 21  ? 2.917   -10.954 2.600   1.000 26.918  ? 200 MET A N   1 
ATOM   168  C  CA  . MET A 1 21  ? 1.849   -11.573 1.772   1.000 24.819  ? 200 MET A CA  1 
ATOM   169  C  C   . MET A 1 21  ? 1.873   -10.899 0.406   1.000 27.517  ? 200 MET A C   1 
ATOM   170  O  O   . MET A 1 21  ? 2.244   -9.729  0.354   1.000 28.970  ? 200 MET A O   1 
ATOM   171  C  CB  . MET A 1 21  ? 0.476   -11.305 2.383   1.000 29.030  ? 200 MET A CB  1 
ATOM   172  C  CG  . MET A 1 21  ? 0.095   -12.231 3.529   1.000 35.742  ? 200 MET A CG  1 
ATOM   173  S  SD  . MET A 1 21  ? -1.666  -11.974 3.954   1.000 44.851  ? 200 MET A SD  1 
ATOM   174  C  CE  . MET A 1 21  ? -1.815  -12.993 5.425   1.000 47.349  ? 200 MET A CE  1 
ATOM   175  N  N   . SER A 1 22  ? 1.436   -11.589 -0.636  1.000 29.155  ? 201 SER A N   1 
ATOM   176  C  CA  . SER A 1 22  ? 1.134   -11.002 -1.959  1.000 28.631  ? 201 SER A CA  1 
ATOM   177  C  C   . SER A 1 22  ? 0.135   -9.865  -1.769  1.000 31.964  ? 201 SER A C   1 
ATOM   178  O  O   . SER A 1 22  ? -0.570  -9.850  -0.761  1.000 31.673  ? 201 SER A O   1 
ATOM   179  C  CB  . SER A 1 22  ? 0.565   -12.023 -2.903  1.000 32.302  ? 201 SER A CB  1 
ATOM   180  O  OG  . SER A 1 22  ? -0.672  -12.510 -2.414  1.000 29.933  ? 201 SER A OG  1 
ATOM   181  N  N   . TRP A 1 23  ? 0.077   -8.963  -2.736  1.000 22.813  ? 202 TRP A N   1 
ATOM   182  C  CA  . TRP A 1 23  ? -0.852  -7.829  -2.690  1.000 26.238  ? 202 TRP A CA  1 
ATOM   183  C  C   . TRP A 1 23  ? -2.293  -8.338  -2.577  1.000 27.984  ? 202 TRP A C   1 
ATOM   184  O  O   . TRP A 1 23  ? -3.046  -7.750  -1.797  1.000 30.981  ? 202 TRP A O   1 
ATOM   185  C  CB  . TRP A 1 23  ? -0.616  -6.917  -3.883  1.000 26.248  ? 202 TRP A CB  1 
ATOM   186  C  CG  . TRP A 1 23  ? -1.335  -5.609  -3.785  1.000 28.855  ? 202 TRP A CG  1 
ATOM   187  C  CD1 . TRP A 1 23  ? -0.833  -4.407  -3.355  1.000 25.804  ? 202 TRP A CD1 1 
ATOM   188  C  CD2 . TRP A 1 23  ? -2.692  -5.369  -4.190  1.000 32.205  ? 202 TRP A CD2 1 
ATOM   189  N  NE1 . TRP A 1 23  ? -1.791  -3.433  -3.455  1.000 28.002  ? 202 TRP A NE1 1 
ATOM   190  C  CE2 . TRP A 1 23  ? -2.943  -3.993  -3.958  1.000 29.210  ? 202 TRP A CE2 1 
ATOM   191  C  CE3 . TRP A 1 23  ? -3.718  -6.184  -4.696  1.000 32.996  ? 202 TRP A CE3 1 
ATOM   192  C  CZ2 . TRP A 1 23  ? -4.183  -3.424  -4.228  1.000 28.586  ? 202 TRP A CZ2 1 
ATOM   193  C  CZ3 . TRP A 1 23  ? -4.953  -5.616  -4.947  1.000 31.214  ? 202 TRP A CZ3 1 
ATOM   194  C  CH2 . TRP A 1 23  ? -5.180  -4.256  -4.713  1.000 30.805  ? 202 TRP A CH2 1 
ATOM   195  N  N   . ALA A 1 24  ? -2.671  -9.395  -3.295  1.000 26.723  ? 203 ALA A N   1 
ATOM   196  C  CA  . ALA A 1 24  ? -4.068  -9.889  -3.305  1.000 32.877  ? 203 ALA A CA  1 
ATOM   197  C  C   . ALA A 1 24  ? -4.403  -10.487 -1.930  1.000 30.656  ? 203 ALA A C   1 
ATOM   198  O  O   . ALA A 1 24  ? -5.503  -10.214 -1.432  1.000 31.454  ? 203 ALA A O   1 
ATOM   199  C  CB  . ALA A 1 24  ? -4.289  -10.885 -4.426  1.000 28.189  ? 203 ALA A CB  1 
ATOM   200  N  N   . GLU A 1 25  ? -3.492  -11.256 -1.332  1.000 30.050  ? 204 GLU A N   1 
ATOM   201  C  CA  . GLU A 1 25  ? -3.733  -11.901 -0.012  1.000 35.536  ? 204 GLU A CA  1 
ATOM   202  C  C   . GLU A 1 25  ? -3.825  -10.813 1.053   1.000 35.882  ? 204 GLU A C   1 
ATOM   203  O  O   . GLU A 1 25  ? -4.716  -10.903 1.922   1.000 33.148  ? 204 GLU A O   1 
ATOM   204  C  CB  . GLU A 1 25  ? -2.649  -12.924 0.316   1.000 37.094  ? 204 GLU A CB  1 
ATOM   205  C  CG  . GLU A 1 25  ? -2.700  -14.144 -0.599  1.000 42.600  ? 204 GLU A CG  1 
ATOM   206  C  CD  . GLU A 1 25  ? -3.856  -15.110 -0.342  1.000 67.608  ? 204 GLU A CD  1 
ATOM   207  O  OE1 . GLU A 1 25  ? -4.216  -15.316 0.838   1.000 65.319  ? 204 GLU A OE1 1 
ATOM   208  O  OE2 . GLU A 1 25  ? -4.400  -15.664 -1.328  1.000 81.446  ? 204 GLU A OE2 1 
ATOM   209  N  N   . ALA A 1 26  ? -2.958  -9.804  0.962   1.000 30.658  ? 205 ALA A N   1 
ATOM   210  C  CA  . ALA A 1 26  ? -2.998  -8.635  1.861   1.000 32.496  ? 205 ALA A CA  1 
ATOM   211  C  C   . ALA A 1 26  ? -4.364  -7.956  1.731   1.000 26.462  ? 205 ALA A C   1 
ATOM   212  O  O   . ALA A 1 26  ? -4.915  -7.677  2.777   1.000 27.624  ? 205 ALA A O   1 
ATOM   213  C  CB  . ALA A 1 26  ? -1.851  -7.681  1.602   1.000 32.617  ? 205 ALA A CB  1 
ATOM   214  N  N   . GLU A 1 27  ? -4.886  -7.684  0.523   1.000 32.951  ? 206 GLU A N   1 
ATOM   215  C  CA  . GLU A 1 27  ? -6.177  -6.948  0.383   1.000 37.148  ? 206 GLU A CA  1 
ATOM   216  C  C   . GLU A 1 27  ? -7.287  -7.826  0.978   1.000 35.278  ? 206 GLU A C   1 
ATOM   217  O  O   . GLU A 1 27  ? -8.143  -7.248  1.655   1.000 31.489  ? 206 GLU A O   1 
ATOM   218  C  CB  . GLU A 1 27  ? -6.504  -6.470  -1.043  1.000 36.610  ? 206 GLU A CB  1 
ATOM   219  C  CG  . GLU A 1 27  ? -7.930  -5.853  -1.203  1.000 47.701  ? 206 GLU A CG  1 
ATOM   220  C  CD  . GLU A 1 27  ? -8.382  -4.457  -0.674  1.000 50.778  ? 206 GLU A CD  1 
ATOM   221  O  OE1 . GLU A 1 27  ? -7.890  -3.926  0.374   1.000 27.557  ? 206 GLU A OE1 1 
ATOM   222  O  OE2 . GLU A 1 27  ? -9.314  -3.878  -1.306  1.000 55.317  ? 206 GLU A OE2 1 
ATOM   223  N  N   . LYS A 1 28  ? -7.255  -9.147  0.763   1.000 35.884  ? 207 LYS A N   1 
ATOM   224  C  CA  A LYS A 1 28  ? -8.235  -10.110 1.344   0.500 39.041  ? 207 LYS A CA  1 
ATOM   225  C  CA  B LYS A 1 28  ? -8.251  -10.092 1.340   0.500 37.541  ? 207 LYS A CA  1 
ATOM   226  C  C   . LYS A 1 28  ? -8.185  -10.014 2.866   1.000 33.489  ? 207 LYS A C   1 
ATOM   227  O  O   . LYS A 1 28  ? -9.238  -9.917  3.482   1.000 33.437  ? 207 LYS A O   1 
ATOM   228  C  CB  A LYS A 1 28  ? -7.931  -11.563 0.960   0.500 48.446  ? 207 LYS A CB  1 
ATOM   229  C  CB  B LYS A 1 28  ? -8.015  -11.532 0.868   0.500 43.958  ? 207 LYS A CB  1 
ATOM   230  C  CG  A LYS A 1 28  ? -8.664  -12.094 -0.265  0.500 64.774  ? 207 LYS A CG  1 
ATOM   231  C  CG  B LYS A 1 28  ? -8.839  -11.968 -0.340  0.500 56.342  ? 207 LYS A CG  1 
ATOM   232  C  CD  A LYS A 1 28  ? -8.128  -13.428 -0.768  0.500 74.045  ? 207 LYS A CD  1 
ATOM   233  C  CD  B LYS A 1 28  ? -8.438  -13.325 -0.913  0.500 62.787  ? 207 LYS A CD  1 
ATOM   234  C  CE  A LYS A 1 28  ? -8.402  -14.595 0.163   0.500 66.391  ? 207 LYS A CE  1 
ATOM   235  C  CE  B LYS A 1 28  ? -7.914  -13.264 -2.335  0.500 54.218  ? 207 LYS A CE  1 
ATOM   236  N  NZ  A LYS A 1 28  ? -7.852  -15.858 -0.384  0.500 65.852  ? 207 LYS A NZ  1 
ATOM   237  N  NZ  B LYS A 1 28  ? -9.014  -13.339 -3.324  0.500 41.292  ? 207 LYS A NZ  1 
ATOM   238  N  N   . TYR A 1 29  ? -6.983  -10.054 3.432   1.000 33.067  ? 208 TYR A N   1 
ATOM   239  C  CA  . TYR A 1 29  ? -6.798  -9.979  4.903   1.000 29.371  ? 208 TYR A CA  1 
ATOM   240  C  C   . TYR A 1 29  ? -7.502  -8.714  5.414   1.000 31.067  ? 208 TYR A C   1 
ATOM   241  O  O   . TYR A 1 29  ? -8.312  -8.807  6.367   1.000 30.417  ? 208 TYR A O   1 
ATOM   242  C  CB  . TYR A 1 29  ? -5.317  -10.032 5.290   1.000 28.419  ? 208 TYR A CB  1 
ATOM   243  C  CG  . TYR A 1 29  ? -5.114  -9.841  6.771   1.000 32.349  ? 208 TYR A CG  1 
ATOM   244  C  CD1 . TYR A 1 29  ? -5.117  -8.560  7.317   1.000 28.612  ? 208 TYR A CD1 1 
ATOM   245  C  CD2 . TYR A 1 29  ? -4.961  -10.925 7.626   1.000 31.011  ? 208 TYR A CD2 1 
ATOM   246  C  CE1 . TYR A 1 29  ? -4.972  -8.355  8.679   1.000 31.927  ? 208 TYR A CE1 1 
ATOM   247  C  CE2 . TYR A 1 29  ? -4.803  -10.738 8.995   1.000 35.161  ? 208 TYR A CE2 1 
ATOM   248  C  CZ  . TYR A 1 29  ? -4.822  -9.451  9.520   1.000 37.344  ? 208 TYR A CZ  1 
ATOM   249  O  OH  . TYR A 1 29  ? -4.665  -9.228  10.859  1.000 46.530  ? 208 TYR A OH  1 
ATOM   250  N  N   . CYS A 1 30  ? -7.210  -7.552  4.817   1.000 33.660  ? 209 CYS A N   1 
ATOM   251  C  CA  . CYS A 1 30  ? -7.759  -6.233  5.260   1.000 37.834  ? 209 CYS A CA  1 
ATOM   252  C  C   . CYS A 1 30  ? -9.293  -6.240  5.113   1.000 35.976  ? 209 CYS A C   1 
ATOM   253  O  O   . CYS A 1 30  ? -10.012 -5.643  5.974   1.000 34.864  ? 209 CYS A O   1 
ATOM   254  C  CB  . CYS A 1 30  ? -7.127  -5.059  4.501   1.000 41.561  ? 209 CYS A CB  1 
ATOM   255  S  SG  . CYS A 1 30  ? -5.352  -4.779  4.819   1.000 39.550  ? 209 CYS A SG  1 
ATOM   256  N  N   . GLN A 1 31  ? -9.796  -6.909  4.078   1.000 34.139  ? 210 GLN A N   1 
ATOM   257  C  CA  . GLN A 1 31  ? -11.250 -6.925  3.759   1.000 46.291  ? 210 GLN A CA  1 
ATOM   258  C  C   . GLN A 1 31  ? -11.970 -7.720  4.851   1.000 45.144  ? 210 GLN A C   1 
ATOM   259  O  O   . GLN A 1 31  ? -13.025 -7.246  5.321   1.000 40.207  ? 210 GLN A O   1 
ATOM   260  C  CB  . GLN A 1 31  ? -11.532 -7.506  2.373   1.000 38.909  ? 210 GLN A CB  1 
ATOM   261  C  CG  . GLN A 1 31  ? -12.620 -6.743  1.640   1.000 64.227  ? 210 GLN A CG  1 
ATOM   262  C  CD  . GLN A 1 31  ? -12.027 -5.597  0.868   1.000 67.435  ? 210 GLN A CD  1 
ATOM   263  O  OE1 . GLN A 1 31  ? -11.244 -5.815  -0.047  1.000 84.262  ? 210 GLN A OE1 1 
ATOM   264  N  NE2 . GLN A 1 31  ? -12.404 -4.378  1.224   1.000 53.307  ? 210 GLN A NE2 1 
ATOM   265  N  N   . LEU A 1 32  ? -11.383 -8.851  5.257   1.000 47.385  ? 211 LEU A N   1 
ATOM   266  C  CA  . LEU A 1 32  ? -11.893 -9.748  6.329   1.000 45.325  ? 211 LEU A CA  1 
ATOM   267  C  C   . LEU A 1 32  ? -11.984 -8.990  7.658   1.000 43.841  ? 211 LEU A C   1 
ATOM   268  O  O   . LEU A 1 32  ? -12.791 -9.412  8.485   1.000 40.514  ? 211 LEU A O   1 
ATOM   269  C  CB  . LEU A 1 32  ? -10.955 -10.949 6.470   1.000 53.108  ? 211 LEU A CB  1 
ATOM   270  C  CG  . LEU A 1 32  ? -11.648 -12.293 6.670   1.000 77.081  ? 211 LEU A CG  1 
ATOM   271  C  CD1 . LEU A 1 32  ? -12.344 -12.740 5.382   1.000 60.301  ? 211 LEU A CD1 1 
ATOM   272  C  CD2 . LEU A 1 32  ? -10.646 -13.339 7.145   1.000 84.750  ? 211 LEU A CD2 1 
ATOM   273  N  N   . LYS A 1 33  ? -11.141 -7.966  7.871   1.000 37.861  ? 212 LYS A N   1 
ATOM   274  C  CA  . LYS A 1 33  ? -11.137 -7.098  9.081   1.000 38.550  ? 212 LYS A CA  1 
ATOM   275  C  C   . LYS A 1 33  ? -12.018 -5.865  8.830   1.000 39.344  ? 212 LYS A C   1 
ATOM   276  O  O   . LYS A 1 33  ? -11.972 -4.945  9.649   1.000 41.783  ? 212 LYS A O   1 
ATOM   277  C  CB  . LYS A 1 33  ? -9.715  -6.655  9.457   1.000 49.403  ? 212 LYS A CB  1 
ATOM   278  C  CG  . LYS A 1 33  ? -8.692  -7.761  9.703   1.000 46.325  ? 212 LYS A CG  1 
ATOM   279  C  CD  . LYS A 1 33  ? -9.076  -8.742  10.789  1.000 53.803  ? 212 LYS A CD  1 
ATOM   280  C  CE  . LYS A 1 33  ? -7.999  -9.781  11.025  1.000 57.389  ? 212 LYS A CE  1 
ATOM   281  N  NZ  . LYS A 1 33  ? -8.556  -11.024 11.608  1.000 62.320  ? 212 LYS A NZ  1 
ATOM   282  N  N   . ASN A 1 34  ? -12.808 -5.844  7.750   1.000 35.971  ? 213 ASN A N   1 
ATOM   283  C  CA  . ASN A 1 34  ? -13.741 -4.723  7.454   1.000 42.498  ? 213 ASN A CA  1 
ATOM   284  C  C   . ASN A 1 34  ? -12.908 -3.452  7.240   1.000 32.699  ? 213 ASN A C   1 
ATOM   285  O  O   . ASN A 1 34  ? -13.292 -2.363  7.706   1.000 35.505  ? 213 ASN A O   1 
ATOM   286  C  CB  . ASN A 1 34  ? -14.798 -4.603  8.553   1.000 45.604  ? 213 ASN A CB  1 
ATOM   287  C  CG  . ASN A 1 34  ? -15.562 -5.898  8.732   1.000 60.847  ? 213 ASN A CG  1 
ATOM   288  O  OD1 . ASN A 1 34  ? -16.048 -6.484  7.760   1.000 59.456  ? 213 ASN A OD1 1 
ATOM   289  N  ND2 . ASN A 1 34  ? -15.659 -6.365  9.965   1.000 50.506  ? 213 ASN A ND2 1 
ATOM   290  N  N   . ALA A 1 35  ? -11.792 -3.609  6.545   1.000 34.632  ? 214 ALA A N   1 
ATOM   291  C  CA  . ALA A 1 35  ? -10.823 -2.534  6.282   1.000 33.351  ? 214 ALA A CA  1 
ATOM   292  C  C   . ALA A 1 35  ? -10.330 -2.665  4.850   1.000 30.065  ? 214 ALA A C   1 
ATOM   293  O  O   . ALA A 1 35  ? -10.892 -3.453  4.096   1.000 33.309  ? 214 ALA A O   1 
ATOM   294  C  CB  . ALA A 1 35  ? -9.721  -2.624  7.305   1.000 29.936  ? 214 ALA A CB  1 
ATOM   295  N  N   . HIS A 1 36  ? -9.333  -1.879  4.489   1.000 32.114  ? 215 HIS A N   1 
ATOM   296  C  CA  . HIS A 1 36  ? -8.775  -1.848  3.121   1.000 32.365  ? 215 HIS A CA  1 
ATOM   297  C  C   . HIS A 1 36  ? -7.268  -1.641  3.251   1.000 27.302  ? 215 HIS A C   1 
ATOM   298  O  O   . HIS A 1 36  ? -6.830  -1.096  4.275   1.000 31.764  ? 215 HIS A O   1 
ATOM   299  C  CB  . HIS A 1 36  ? -9.532  -0.794  2.279   1.000 29.139  ? 215 HIS A CB  1 
ATOM   300  C  CG  . HIS A 1 36  ? -9.437  0.604   2.808   1.000 39.917  ? 215 HIS A CG  1 
ATOM   301  N  ND1 . HIS A 1 36  ? -8.274  1.384   2.668   1.000 37.975  ? 215 HIS A ND1 1 
ATOM   302  C  CD2 . HIS A 1 36  ? -10.336 1.378   3.471   1.000 34.536  ? 215 HIS A CD2 1 
ATOM   303  C  CE1 . HIS A 1 36  ? -8.475  2.576   3.226   1.000 43.609  ? 215 HIS A CE1 1 
ATOM   304  N  NE2 . HIS A 1 36  ? -9.728  2.601   3.723   1.000 43.705  ? 215 HIS A NE2 1 
ATOM   305  N  N   . LEU A 1 37  ? -6.487  -2.061  2.258   1.000 32.513  ? 216 LEU A N   1 
ATOM   306  C  CA  . LEU A 1 37  ? -5.077  -1.629  2.177   1.000 28.495  ? 216 LEU A CA  1 
ATOM   307  C  C   . LEU A 1 37  ? -5.067  -0.099  2.278   1.000 31.188  ? 216 LEU A C   1 
ATOM   308  O  O   . LEU A 1 37  ? -5.948  0.555   1.699   1.000 28.672  ? 216 LEU A O   1 
ATOM   309  C  CB  . LEU A 1 37  ? -4.420  -2.110  0.883   1.000 34.112  ? 216 LEU A CB  1 
ATOM   310  C  CG  . LEU A 1 37  ? -4.042  -3.588  0.830   1.000 30.376  ? 216 LEU A CG  1 
ATOM   311  C  CD1 . LEU A 1 37  ? -3.650  -3.948  -0.589  1.000 35.461  ? 216 LEU A CD1 1 
ATOM   312  C  CD2 . LEU A 1 37  ? -2.909  -3.909  1.780   1.000 33.086  ? 216 LEU A CD2 1 
ATOM   313  N  N   . VAL A 1 38  ? -4.085  0.444   2.994   1.000 29.764  ? 217 VAL A N   1 
ATOM   314  C  CA  . VAL A 1 38  ? -3.977  1.896   3.291   1.000 27.786  ? 217 VAL A CA  1 
ATOM   315  C  C   . VAL A 1 38  ? -4.035  2.699   1.975   1.000 28.522  ? 217 VAL A C   1 
ATOM   316  O  O   . VAL A 1 38  ? -3.354  2.356   1.000   1.000 26.588  ? 217 VAL A O   1 
ATOM   317  C  CB  . VAL A 1 38  ? -2.720  2.170   4.138   1.000 28.918  ? 217 VAL A CB  1 
ATOM   318  C  CG1 . VAL A 1 38  ? -1.444  1.844   3.369   1.000 30.142  ? 217 VAL A CG1 1 
ATOM   319  C  CG2 . VAL A 1 38  ? -2.695  3.593   4.688   1.000 32.574  ? 217 VAL A CG2 1 
ATOM   320  N  N   . VAL A 1 39  ? -4.897  3.708   1.948   1.000 30.560  ? 218 VAL A N   1 
ATOM   321  C  CA  . VAL A 1 39  ? -4.959  4.770   0.908   1.000 28.434  ? 218 VAL A CA  1 
ATOM   322  C  C   . VAL A 1 39  ? -4.283  6.015   1.503   1.000 30.290  ? 218 VAL A C   1 
ATOM   323  O  O   . VAL A 1 39  ? -4.683  6.434   2.620   1.000 29.510  ? 218 VAL A O   1 
ATOM   324  C  CB  . VAL A 1 39  ? -6.436  5.031   0.548   1.000 34.332  ? 218 VAL A CB  1 
ATOM   325  C  CG1 . VAL A 1 39  ? -6.621  6.249   -0.337  1.000 27.376  ? 218 VAL A CG1 1 
ATOM   326  C  CG2 . VAL A 1 39  ? -7.080  3.805   -0.067  1.000 30.737  ? 218 VAL A CG2 1 
ATOM   327  N  N   . ILE A 1 40  ? -3.325  6.604   0.795   1.000 25.454  ? 219 ILE A N   1 
ATOM   328  C  CA  . ILE A 1 40  ? -2.578  7.799   1.277   1.000 30.337  ? 219 ILE A CA  1 
ATOM   329  C  C   . ILE A 1 40  ? -3.197  9.047   0.635   1.000 28.532  ? 219 ILE A C   1 
ATOM   330  O  O   . ILE A 1 40  ? -3.035  9.253   -0.585  1.000 28.378  ? 219 ILE A O   1 
ATOM   331  C  CB  . ILE A 1 40  ? -1.068  7.654   1.026   1.000 26.151  ? 219 ILE A CB  1 
ATOM   332  C  CG1 . ILE A 1 40  ? -0.529  6.360   1.640   1.000 29.647  ? 219 ILE A CG1 1 
ATOM   333  C  CG2 . ILE A 1 40  ? -0.327  8.861   1.559   1.000 27.452  ? 219 ILE A CG2 1 
ATOM   334  C  CD1 . ILE A 1 40  ? -0.313  6.431   3.145   1.000 31.511  ? 219 ILE A CD1 1 
ATOM   335  N  N   . ASN A 1 41  ? -3.911  9.831   1.451   1.000 30.870  ? 220 ASN A N   1 
ATOM   336  C  CA  . ASN A 1 41  ? -4.774  10.962  1.008   1.000 36.761  ? 220 ASN A CA  1 
ATOM   337  C  C   . ASN A 1 41  ? -3.988  12.275  1.098   1.000 35.697  ? 220 ASN A C   1 
ATOM   338  O  O   . ASN A 1 41  ? -4.366  13.185  0.388   1.000 37.725  ? 220 ASN A O   1 
ATOM   339  C  CB  . ASN A 1 41  ? -6.084  11.023  1.809   1.000 36.211  ? 220 ASN A CB  1 
ATOM   340  C  CG  . ASN A 1 41  ? -6.920  9.764   1.665   1.000 42.342  ? 220 ASN A CG  1 
ATOM   341  O  OD1 . ASN A 1 41  ? -7.745  9.652   0.750   1.000 39.548  ? 220 ASN A OD1 1 
ATOM   342  N  ND2 . ASN A 1 41  ? -6.685  8.798   2.538   1.000 28.821  ? 220 ASN A ND2 1 
ATOM   343  N  N   . SER A 1 42  ? -2.904  12.338  1.887   1.000 37.916  ? 221 SER A N   1 
ATOM   344  C  CA  . SER A 1 42  ? -2.227  13.607  2.282   1.000 38.874  ? 221 SER A CA  1 
ATOM   345  C  C   . SER A 1 42  ? -0.777  13.354  2.697   1.000 31.265  ? 221 SER A C   1 
ATOM   346  O  O   . SER A 1 42  ? -0.452  12.214  3.097   1.000 33.709  ? 221 SER A O   1 
ATOM   347  C  CB  . SER A 1 42  ? -2.983  14.305  3.412   1.000 38.476  ? 221 SER A CB  1 
ATOM   348  O  OG  . SER A 1 42  ? -2.785  13.632  4.660   1.000 36.369  ? 221 SER A OG  1 
ATOM   349  N  N   . ARG A 1 43  ? 0.036   14.408  2.611   1.000 31.290  ? 222 ARG A N   1 
ATOM   350  C  CA  . ARG A 1 43  ? 1.429   14.492  3.117   1.000 39.932  ? 222 ARG A CA  1 
ATOM   351  C  C   . ARG A 1 43  ? 1.445   14.082  4.601   1.000 34.699  ? 222 ARG A C   1 
ATOM   352  O  O   . ARG A 1 43  ? 2.334   13.305  5.002   1.000 38.479  ? 222 ARG A O   1 
ATOM   353  C  CB  . ARG A 1 43  ? 1.972   15.897  2.817   1.000 43.921  ? 222 ARG A CB  1 
ATOM   354  C  CG  . ARG A 1 43  ? 3.229   16.310  3.579   1.000 56.341  ? 222 ARG A CG  1 
ATOM   355  C  CD  . ARG A 1 43  ? 4.410   15.360  3.487   1.000 56.150  ? 222 ARG A CD  1 
ATOM   356  N  NE  . ARG A 1 43  ? 4.823   15.146  2.104   1.000 74.031  ? 222 ARG A NE  1 
ATOM   357  C  CZ  . ARG A 1 43  ? 5.636   14.175  1.676   1.000 63.327  ? 222 ARG A CZ  1 
ATOM   358  N  NH1 . ARG A 1 43  ? 6.147   13.279  2.511   1.000 63.815  ? 222 ARG A NH1 1 
ATOM   359  N  NH2 . ARG A 1 43  ? 5.924   14.104  0.390   1.000 68.730  ? 222 ARG A NH2 1 
ATOM   360  N  N   . GLU A 1 44  ? 0.481   14.544  5.385   1.000 32.665  ? 223 GLU A N   1 
ATOM   361  C  CA  . GLU A 1 44  ? 0.420   14.266  6.840   1.000 45.355  ? 223 GLU A CA  1 
ATOM   362  C  C   . GLU A 1 44  ? 0.238   12.763  7.070   1.000 36.594  ? 223 GLU A C   1 
ATOM   363  O  O   . GLU A 1 44  ? 0.950   12.221  7.927   1.000 47.781  ? 223 GLU A O   1 
ATOM   364  C  CB  . GLU A 1 44  ? -0.693  15.074  7.505   1.000 54.493  ? 223 GLU A CB  1 
ATOM   365  C  CG  . GLU A 1 44  ? -0.279  16.508  7.771   1.000 86.571  ? 223 GLU A CG  1 
ATOM   366  C  CD  . GLU A 1 44  ? -1.101  17.199  8.843   1.000 121.247 ? 223 GLU A CD  1 
ATOM   367  O  OE1 . GLU A 1 44  ? -2.272  16.787  9.052   1.000 112.750 ? 223 GLU A OE1 1 
ATOM   368  O  OE2 . GLU A 1 44  ? -0.560  18.139  9.472   1.000 88.804  ? 223 GLU A OE2 1 
ATOM   369  N  N   . GLU A 1 45  ? -0.678  12.123  6.345   1.000 33.494  ? 224 GLU A N   1 
ATOM   370  C  CA  . GLU A 1 45  ? -0.926  10.667  6.474   1.000 36.393  ? 224 GLU A CA  1 
ATOM   371  C  C   . GLU A 1 45  ? 0.346   9.933   5.985   1.000 33.494  ? 224 GLU A C   1 
ATOM   372  O  O   . GLU A 1 45  ? 0.767   8.963   6.642   1.000 27.742  ? 224 GLU A O   1 
ATOM   373  C  CB  . GLU A 1 45  ? -2.245  10.300  5.774   1.000 36.788  ? 224 GLU A CB  1 
ATOM   374  C  CG  . GLU A 1 45  ? -2.593  8.819   5.864   1.000 36.020  ? 224 GLU A CG  1 
ATOM   375  C  CD  . GLU A 1 45  ? -3.941  8.368   5.304   1.000 37.121  ? 224 GLU A CD  1 
ATOM   376  O  OE1 . GLU A 1 45  ? -4.415  8.918   4.295   1.000 36.446  ? 224 GLU A OE1 1 
ATOM   377  O  OE2 . GLU A 1 45  ? -4.533  7.445   5.891   1.000 31.706  ? 224 GLU A OE2 1 
ATOM   378  N  N   . GLN A 1 46  ? 0.999   10.411  4.922   1.000 28.606  ? 225 GLN A N   1 
ATOM   379  C  CA  . GLN A 1 46  ? 2.257   9.800   4.409   1.000 27.816  ? 225 GLN A CA  1 
ATOM   380  C  C   . GLN A 1 46  ? 3.322   9.831   5.520   1.000 29.137  ? 225 GLN A C   1 
ATOM   381  O  O   . GLN A 1 46  ? 3.934   8.774   5.776   1.000 26.376  ? 225 GLN A O   1 
ATOM   382  C  CB  . GLN A 1 46  ? 2.720   10.498  3.130   1.000 26.875  ? 225 GLN A CB  1 
ATOM   383  C  CG  . GLN A 1 46  ? 4.143   10.167  2.723   1.000 23.378  ? 225 GLN A CG  1 
ATOM   384  C  CD  . GLN A 1 46  ? 4.282   8.772   2.148   1.000 29.205  ? 225 GLN A CD  1 
ATOM   385  O  OE1 . GLN A 1 46  ? 3.386   8.273   1.469   1.000 32.183  ? 225 GLN A OE1 1 
ATOM   386  N  NE2 . GLN A 1 46  ? 5.420   8.133   2.416   1.000 29.743  ? 225 GLN A NE2 1 
ATOM   387  N  N   . ASN A 1 47  ? 3.480   10.961  6.212   1.000 29.252  ? 226 ASN A N   1 
ATOM   388  C  CA  . ASN A 1 47  ? 4.514   11.132  7.262   1.000 30.735  ? 226 ASN A CA  1 
ATOM   389  C  C   . ASN A 1 47  ? 4.211   10.159  8.399   1.000 30.944  ? 226 ASN A C   1 
ATOM   390  O  O   . ASN A 1 47  ? 5.164   9.609   8.953   1.000 31.042  ? 226 ASN A O   1 
ATOM   391  C  CB  . ASN A 1 47  ? 4.621   12.572  7.782   1.000 34.347  ? 226 ASN A CB  1 
ATOM   392  C  CG  . ASN A 1 47  ? 5.235   13.538  6.779   1.000 52.985  ? 226 ASN A CG  1 
ATOM   393  O  OD1 . ASN A 1 47  ? 5.984   13.129  5.890   1.000 43.106  ? 226 ASN A OD1 1 
ATOM   394  N  ND2 . ASN A 1 47  ? 4.919   14.824  6.900   1.000 47.000  ? 226 ASN A ND2 1 
ATOM   395  N  N   . PHE A 1 48  ? 2.945   10.030  8.791   1.000 30.838  ? 227 PHE A N   1 
ATOM   396  C  CA  . PHE A 1 48  ? 2.562   9.172   9.932   1.000 30.976  ? 227 PHE A CA  1 
ATOM   397  C  C   . PHE A 1 48  ? 2.892   7.723   9.552   1.000 30.790  ? 227 PHE A C   1 
ATOM   398  O  O   . PHE A 1 48  ? 3.556   7.017   10.297  1.000 29.645  ? 227 PHE A O   1 
ATOM   399  C  CB  . PHE A 1 48  ? 1.093   9.375   10.296  1.000 33.649  ? 227 PHE A CB  1 
ATOM   400  C  CG  . PHE A 1 48  ? 0.522   8.275   11.155  1.000 38.743  ? 227 PHE A CG  1 
ATOM   401  C  CD1 . PHE A 1 48  ? 0.773   8.236   12.517  1.000 34.532  ? 227 PHE A CD1 1 
ATOM   402  C  CD2 . PHE A 1 48  ? -0.256  7.266   10.593  1.000 37.052  ? 227 PHE A CD2 1 
ATOM   403  C  CE1 . PHE A 1 48  ? 0.258   7.210   13.296  1.000 42.457  ? 227 PHE A CE1 1 
ATOM   404  C  CE2 . PHE A 1 48  ? -0.765  6.239   11.374  1.000 39.464  ? 227 PHE A CE2 1 
ATOM   405  C  CZ  . PHE A 1 48  ? -0.493  6.203   12.721  1.000 42.646  ? 227 PHE A CZ  1 
ATOM   406  N  N   . VAL A 1 49  ? 2.448   7.275   8.393   1.000 29.477  ? 228 VAL A N   1 
ATOM   407  C  CA  . VAL A 1 49  ? 2.668   5.861   7.972   1.000 31.536  ? 228 VAL A CA  1 
ATOM   408  C  C   . VAL A 1 49  ? 4.177   5.612   7.834   1.000 28.170  ? 228 VAL A C   1 
ATOM   409  O  O   . VAL A 1 49  ? 4.661   4.626   8.389   1.000 32.689  ? 228 VAL A O   1 
ATOM   410  C  CB  . VAL A 1 49  ? 1.879   5.545   6.689   1.000 32.788  ? 228 VAL A CB  1 
ATOM   411  C  CG1 . VAL A 1 49  ? 2.225   4.177   6.134   1.000 33.490  ? 228 VAL A CG1 1 
ATOM   412  C  CG2 . VAL A 1 49  ? 0.378   5.656   6.931   1.000 32.761  ? 228 VAL A CG2 1 
ATOM   413  N  N   . GLN A 1 50  ? 4.918   6.469   7.138   1.000 31.167  ? 229 GLN A N   1 
ATOM   414  C  CA  . GLN A 1 50  ? 6.345   6.188   6.847   1.000 35.677  ? 229 GLN A CA  1 
ATOM   415  C  C   . GLN A 1 50  ? 7.144   6.130   8.159   1.000 35.752  ? 229 GLN A C   1 
ATOM   416  O  O   . GLN A 1 50  ? 8.094   5.339   8.216   1.000 34.034  ? 229 GLN A O   1 
ATOM   417  C  CB  . GLN A 1 50  ? 6.904   7.169   5.818   1.000 41.082  ? 229 GLN A CB  1 
ATOM   418  C  CG  . GLN A 1 50  ? 7.632   8.377   6.370   1.000 52.364  ? 229 GLN A CG  1 
ATOM   419  C  CD  . GLN A 1 50  ? 7.803   9.477   5.335   1.000 67.011  ? 229 GLN A CD  1 
ATOM   420  O  OE1 . GLN A 1 50  ? 7.495   9.331   4.140   1.000 47.949  ? 229 GLN A OE1 1 
ATOM   421  N  NE2 . GLN A 1 50  ? 8.291   10.620  5.799   1.000 41.581  ? 229 GLN A NE2 1 
ATOM   422  N  N   . LYS A 1 51  ? 6.785   6.877   9.207   1.000 34.817  ? 230 LYS A N   1 
ATOM   423  C  CA  . LYS A 1 51  ? 7.586   6.806   10.462  1.000 39.819  ? 230 LYS A CA  1 
ATOM   424  C  C   . LYS A 1 51  ? 7.282   5.518   11.251  1.000 34.022  ? 230 LYS A C   1 
ATOM   425  O  O   . LYS A 1 51  ? 8.075   5.235   12.150  1.000 47.171  ? 230 LYS A O   1 
ATOM   426  C  CB  . LYS A 1 51  ? 7.539   8.094   11.298  1.000 48.552  ? 230 LYS A CB  1 
ATOM   427  C  CG  . LYS A 1 51  ? 6.231   8.481   11.964  1.000 69.532  ? 230 LYS A CG  1 
ATOM   428  C  CD  . LYS A 1 51  ? 6.065   10.001  12.189  1.000 83.812  ? 230 LYS A CD  1 
ATOM   429  C  CE  . LYS A 1 51  ? 5.885   10.420  13.637  1.000 93.441  ? 230 LYS A CE  1 
ATOM   430  N  NZ  . LYS A 1 51  ? 7.170   10.591  14.361  1.000 96.024  ? 230 LYS A NZ  1 
ATOM   431  N  N   . TYR A 1 52  ? 6.260   4.714   10.920  1.000 29.923  ? 231 TYR A N   1 
ATOM   432  C  CA  A TYR A 1 52  ? 5.973   3.445   11.648  0.500 30.497  ? 231 TYR A CA  1 
ATOM   433  C  CA  B TYR A 1 52  ? 5.974   3.445   11.651  0.500 33.276  ? 231 TYR A CA  1 
ATOM   434  C  C   . TYR A 1 52  ? 6.167   2.227   10.741  1.000 30.308  ? 231 TYR A C   1 
ATOM   435  O  O   . TYR A 1 52  ? 5.747   1.107   11.131  1.000 33.455  ? 231 TYR A O   1 
ATOM   436  C  CB  A TYR A 1 52  ? 4.594   3.536   12.304  0.500 29.273  ? 231 TYR A CB  1 
ATOM   437  C  CB  B TYR A 1 52  ? 4.565   3.453   12.248  0.500 35.447  ? 231 TYR A CB  1 
ATOM   438  C  CG  A TYR A 1 52  ? 4.600   4.572   13.396  0.500 28.394  ? 231 TYR A CG  1 
ATOM   439  C  CG  B TYR A 1 52  ? 4.312   2.394   13.295  0.500 40.866  ? 231 TYR A CG  1 
ATOM   440  C  CD1 A TYR A 1 52  ? 5.342   4.367   14.541  0.500 31.089  ? 231 TYR A CD1 1 
ATOM   441  C  CD1 B TYR A 1 52  ? 4.932   2.427   14.534  0.500 43.610  ? 231 TYR A CD1 1 
ATOM   442  C  CD2 A TYR A 1 52  ? 3.959   5.786   13.245  0.500 26.360  ? 231 TYR A CD2 1 
ATOM   443  C  CD2 B TYR A 1 52  ? 3.439   1.349   13.049  0.500 42.692  ? 231 TYR A CD2 1 
ATOM   444  C  CE1 A TYR A 1 52  ? 5.409   5.320   15.539  0.500 31.155  ? 231 TYR A CE1 1 
ATOM   445  C  CE1 B TYR A 1 52  ? 4.692   1.447   15.486  0.500 44.450  ? 231 TYR A CE1 1 
ATOM   446  C  CE2 A TYR A 1 52  ? 4.011   6.753   14.233  0.500 28.814  ? 231 TYR A CE2 1 
ATOM   447  C  CE2 B TYR A 1 52  ? 3.171   0.376   13.995  0.500 42.319  ? 231 TYR A CE2 1 
ATOM   448  C  CZ  A TYR A 1 52  ? 4.750   6.521   15.377  0.500 30.368  ? 231 TYR A CZ  1 
ATOM   449  C  CZ  B TYR A 1 52  ? 3.804   0.422   15.218  0.500 40.377  ? 231 TYR A CZ  1 
ATOM   450  O  OH  A TYR A 1 52  ? 4.835   7.454   16.363  0.500 34.406  ? 231 TYR A OH  1 
ATOM   451  O  OH  B TYR A 1 52  ? 3.537   -0.542  16.145  0.500 58.456  ? 231 TYR A OH  1 
ATOM   452  N  N   . LEU A 1 53  ? 6.793   2.426   9.587   1.000 33.180  ? 232 LEU A N   1 
ATOM   453  C  CA  . LEU A 1 53  ? 7.112   1.299   8.676   1.000 34.502  ? 232 LEU A CA  1 
ATOM   454  C  C   . LEU A 1 53  ? 8.133   0.417   9.386   1.000 39.708  ? 232 LEU A C   1 
ATOM   455  O  O   . LEU A 1 53  ? 9.035   0.992   10.028  1.000 33.774  ? 232 LEU A O   1 
ATOM   456  C  CB  . LEU A 1 53  ? 7.671   1.818   7.350   1.000 32.812  ? 232 LEU A CB  1 
ATOM   457  C  CG  . LEU A 1 53  ? 6.646   2.467   6.428   1.000 38.635  ? 232 LEU A CG  1 
ATOM   458  C  CD1 . LEU A 1 53  ? 7.341   3.057   5.208   1.000 48.762  ? 232 LEU A CD1 1 
ATOM   459  C  CD2 . LEU A 1 53  ? 5.559   1.474   6.033   1.000 32.251  ? 232 LEU A CD2 1 
ATOM   460  N  N   . GLY A 1 54  ? 8.005   -0.909  9.237   1.000 36.422  ? 233 GLY A N   1 
ATOM   461  C  CA  . GLY A 1 54  ? 8.877   -1.902  9.894   1.000 45.493  ? 233 GLY A CA  1 
ATOM   462  C  C   . GLY A 1 54  ? 10.115  -2.209  9.064   1.000 46.017  ? 233 GLY A C   1 
ATOM   463  O  O   . GLY A 1 54  ? 10.456  -3.421  8.962   1.000 38.654  ? 233 GLY A O   1 
ATOM   464  N  N   . SER A 1 55  ? 10.748  -1.174  8.487   1.000 40.701  ? 234 SER A N   1 
ATOM   465  C  CA  . SER A 1 55  ? 12.098  -1.231  7.856   1.000 41.359  ? 234 SER A CA  1 
ATOM   466  C  C   . SER A 1 55  ? 12.112  -2.327  6.780   1.000 38.846  ? 234 SER A C   1 
ATOM   467  O  O   . SER A 1 55  ? 13.016  -3.165  6.787   1.000 41.872  ? 234 SER A O   1 
ATOM   468  C  CB  . SER A 1 55  ? 13.163  -1.460  8.913   1.000 54.439  ? 234 SER A CB  1 
ATOM   469  O  OG  . SER A 1 55  ? 12.946  -0.640  10.065  1.000 52.195  ? 234 SER A OG  1 
ATOM   470  N  N   . ALA A 1 56  ? 11.092  -2.329  5.922   1.000 35.953  ? 235 ALA A N   1 
ATOM   471  C  CA  . ALA A 1 56  ? 10.874  -3.316  4.848   1.000 31.872  ? 235 ALA A CA  1 
ATOM   472  C  C   . ALA A 1 56  ? 9.848   -2.778  3.851   1.000 33.456  ? 235 ALA A C   1 
ATOM   473  O  O   . ALA A 1 56  ? 8.963   -1.967  4.256   1.000 32.501  ? 235 ALA A O   1 
ATOM   474  C  CB  . ALA A 1 56  ? 10.390  -4.621  5.445   1.000 35.167  ? 235 ALA A CB  1 
ATOM   475  N  N   . TYR A 1 57  ? 9.877   -3.317  2.631   1.000 31.668  ? 236 TYR A N   1 
ATOM   476  C  CA  . TYR A 1 57  ? 8.910   -2.988  1.544   1.000 29.249  ? 236 TYR A CA  1 
ATOM   477  C  C   . TYR A 1 57  ? 7.518   -3.352  2.039   1.000 30.066  ? 236 TYR A C   1 
ATOM   478  O  O   . TYR A 1 57  ? 7.369   -4.456  2.597   1.000 25.091  ? 236 TYR A O   1 
ATOM   479  C  CB  . TYR A 1 57  ? 9.265   -3.702  0.241   1.000 28.883  ? 236 TYR A CB  1 
ATOM   480  C  CG  . TYR A 1 57  ? 10.611  -3.326  -0.324  1.000 27.867  ? 236 TYR A CG  1 
ATOM   481  C  CD1 . TYR A 1 57  ? 11.144  -2.057  -0.141  1.000 31.867  ? 236 TYR A CD1 1 
ATOM   482  C  CD2 . TYR A 1 57  ? 11.365  -4.249  -1.027  1.000 42.416  ? 236 TYR A CD2 1 
ATOM   483  C  CE1 . TYR A 1 57  ? 12.392  -1.720  -0.642  1.000 38.065  ? 236 TYR A CE1 1 
ATOM   484  C  CE2 . TYR A 1 57  ? 12.595  -3.921  -1.571  1.000 38.170  ? 236 TYR A CE2 1 
ATOM   485  C  CZ  . TYR A 1 57  ? 13.111  -2.656  -1.373  1.000 42.047  ? 236 TYR A CZ  1 
ATOM   486  O  OH  . TYR A 1 57  ? 14.308  -2.346  -1.932  1.000 40.978  ? 236 TYR A OH  1 
ATOM   487  N  N   . THR A 1 58  ? 6.593   -2.389  1.944   1.000 27.862  ? 237 THR A N   1 
ATOM   488  C  CA  . THR A 1 58  ? 5.241   -2.469  2.521   1.000 27.886  ? 237 THR A CA  1 
ATOM   489  C  C   . THR A 1 58  ? 4.208   -2.102  1.463   1.000 25.127  ? 237 THR A C   1 
ATOM   490  O  O   . THR A 1 58  ? 4.308   -0.998  0.886   1.000 27.313  ? 237 THR A O   1 
ATOM   491  C  CB  . THR A 1 58  ? 5.133   -1.547  3.736   1.000 28.958  ? 237 THR A CB  1 
ATOM   492  O  OG1 . THR A 1 58  ? 6.144   -1.859  4.696   1.000 25.474  ? 237 THR A OG1 1 
ATOM   493  C  CG2 . THR A 1 58  ? 3.767   -1.658  4.361   1.000 25.627  ? 237 THR A CG2 1 
ATOM   494  N  N   . TRP A 1 59  ? 3.261   -2.996  1.218   1.000 25.638  ? 238 TRP A N   1 
ATOM   495  C  CA  . TRP A 1 59  ? 2.126   -2.753  0.285   1.000 27.670  ? 238 TRP A CA  1 
ATOM   496  C  C   . TRP A 1 59  ? 1.226   -1.605  0.772   1.000 25.554  ? 238 TRP A C   1 
ATOM   497  O  O   . TRP A 1 59  ? 0.944   -1.530  1.965   1.000 26.631  ? 238 TRP A O   1 
ATOM   498  C  CB  . TRP A 1 59  ? 1.287   -4.021  0.106   1.000 24.435  ? 238 TRP A CB  1 
ATOM   499  C  CG  . TRP A 1 59  ? 1.934   -5.161  -0.619  1.000 22.361  ? 238 TRP A CG  1 
ATOM   500  C  CD1 . TRP A 1 59  ? 1.980   -6.454  -0.197  1.000 23.213  ? 238 TRP A CD1 1 
ATOM   501  C  CD2 . TRP A 1 59  ? 2.569   -5.150  -1.905  1.000 20.193  ? 238 TRP A CD2 1 
ATOM   502  N  NE1 . TRP A 1 59  ? 2.608   -7.248  -1.122  1.000 22.543  ? 238 TRP A NE1 1 
ATOM   503  C  CE2 . TRP A 1 59  ? 2.986   -6.479  -2.179  1.000 24.285  ? 238 TRP A CE2 1 
ATOM   504  C  CE3 . TRP A 1 59  ? 2.823   -4.175  -2.860  1.000 20.947  ? 238 TRP A CE3 1 
ATOM   505  C  CZ2 . TRP A 1 59  ? 3.630   -6.844  -3.356  1.000 19.673  ? 238 TRP A CZ2 1 
ATOM   506  C  CZ3 . TRP A 1 59  ? 3.504   -4.528  -4.009  1.000 23.100  ? 238 TRP A CZ3 1 
ATOM   507  C  CH2 . TRP A 1 59  ? 3.890   -5.845  -4.256  1.000 22.932  ? 238 TRP A CH2 1 
ATOM   508  N  N   . MET A 1 60  ? 0.708   -0.808  -0.159  1.000 24.840  ? 239 MET A N   1 
ATOM   509  C  CA  . MET A 1 60  ? -0.399  0.154   0.055   1.000 22.974  ? 239 MET A CA  1 
ATOM   510  C  C   . MET A 1 60  ? -1.485  -0.226  -0.945  1.000 26.368  ? 239 MET A C   1 
ATOM   511  O  O   . MET A 1 60  ? -1.185  -1.075  -1.820  1.000 21.579  ? 239 MET A O   1 
ATOM   512  C  CB  . MET A 1 60  ? 0.045   1.597   -0.185  1.000 25.704  ? 239 MET A CB  1 
ATOM   513  C  CG  . MET A 1 60  ? 0.330   1.929   -1.640  1.000 27.501  ? 239 MET A CG  1 
ATOM   514  S  SD  . MET A 1 60  ? 1.122   3.542   -1.826  1.000 32.415  ? 239 MET A SD  1 
ATOM   515  C  CE  . MET A 1 60  ? 2.822   3.047   -1.545  1.000 31.372  ? 239 MET A CE  1 
ATOM   516  N  N   . GLY A 1 61  ? -2.680  0.340   -0.802  1.000 20.977  ? 240 GLY A N   1 
ATOM   517  C  CA  . GLY A 1 61  ? -3.831  -0.014  -1.648  1.000 28.795  ? 240 GLY A CA  1 
ATOM   518  C  C   . GLY A 1 61  ? -3.837  0.733   -2.967  1.000 30.448  ? 240 GLY A C   1 
ATOM   519  O  O   . GLY A 1 61  ? -4.790  1.495   -3.222  1.000 29.257  ? 240 GLY A O   1 
ATOM   520  N  N   . LEU A 1 62  ? -2.805  0.558   -3.789  1.000 31.905  ? 241 LEU A N   1 
ATOM   521  C  CA  . LEU A 1 62  ? -2.698  1.274   -5.093  1.000 27.657  ? 241 LEU A CA  1 
ATOM   522  C  C   . LEU A 1 62  ? -2.194  0.286   -6.135  1.000 27.383  ? 241 LEU A C   1 
ATOM   523  O  O   . LEU A 1 62  ? -1.186  -0.403  -5.857  1.000 33.013  ? 241 LEU A O   1 
ATOM   524  C  CB  . LEU A 1 62  ? -1.767  2.471   -4.926  1.000 23.124  ? 241 LEU A CB  1 
ATOM   525  C  CG  . LEU A 1 62  ? -1.469  3.277   -6.184  1.000 26.374  ? 241 LEU A CG  1 
ATOM   526  C  CD1 . LEU A 1 62  ? -2.714  3.930   -6.749  1.000 27.059  ? 241 LEU A CD1 1 
ATOM   527  C  CD2 . LEU A 1 62  ? -0.424  4.328   -5.872  1.000 28.832  ? 241 LEU A CD2 1 
ATOM   528  N  N   . SER A 1 63  ? -2.900  0.178   -7.259  1.000 29.017  ? 242 SER A N   1 
ATOM   529  C  CA  . SER A 1 63  ? -2.630  -0.849  -8.297  1.000 33.630  ? 242 SER A CA  1 
ATOM   530  C  C   . SER A 1 63  ? -3.114  -0.348  -9.662  1.000 32.381  ? 242 SER A C   1 
ATOM   531  O  O   . SER A 1 63  ? -3.913  0.602   -9.677  1.000 36.166  ? 242 SER A O   1 
ATOM   532  C  CB  . SER A 1 63  ? -3.239  -2.177  -7.908  1.000 34.602  ? 242 SER A CB  1 
ATOM   533  O  OG  . SER A 1 63  ? -4.652  -2.078  -7.765  1.000 36.678  ? 242 SER A OG  1 
ATOM   534  N  N   . ASP A 1 64  ? -2.564  -0.895  -10.751 1.000 38.142  ? 243 ASP A N   1 
ATOM   535  C  CA  . ASP A 1 64  ? -2.895  -0.512  -12.153 1.000 37.539  ? 243 ASP A CA  1 
ATOM   536  C  C   . ASP A 1 64  ? -3.000  -1.756  -13.031 1.000 35.658  ? 243 ASP A C   1 
ATOM   537  O  O   . ASP A 1 64  ? -2.522  -1.730  -14.162 1.000 40.318  ? 243 ASP A O   1 
ATOM   538  C  CB  . ASP A 1 64  ? -1.867  0.471   -12.735 1.000 40.905  ? 243 ASP A CB  1 
ATOM   539  C  CG  . ASP A 1 64  ? -0.507  -0.112  -13.125 1.000 40.367  ? 243 ASP A CG  1 
ATOM   540  O  OD1 . ASP A 1 64  ? -0.119  -1.172  -12.600 1.000 41.696  ? 243 ASP A OD1 1 
ATOM   541  O  OD2 . ASP A 1 64  ? 0.191   0.480   -13.967 1.000 45.152  ? 243 ASP A OD2 1 
ATOM   542  N  N   . PRO A 1 65  ? -3.632  -2.871  -12.586 1.000 46.091  ? 244 PRO A N   1 
ATOM   543  C  CA  . PRO A 1 65  ? -3.680  -4.092  -13.402 1.000 63.468  ? 244 PRO A CA  1 
ATOM   544  C  C   . PRO A 1 65  ? -4.434  -3.852  -14.724 1.000 57.151  ? 244 PRO A C   1 
ATOM   545  O  O   . PRO A 1 65  ? -4.013  -4.380  -15.746 1.000 63.713  ? 244 PRO A O   1 
ATOM   546  C  CB  . PRO A 1 65  ? -4.384  -5.133  -12.511 1.000 57.739  ? 244 PRO A CB  1 
ATOM   547  C  CG  . PRO A 1 65  ? -5.171  -4.297  -11.521 1.000 58.143  ? 244 PRO A CG  1 
ATOM   548  C  CD  . PRO A 1 65  ? -4.347  -3.036  -11.313 1.000 52.233  ? 244 PRO A CD  1 
ATOM   549  N  N   . GLU A 1 66  ? -5.455  -2.988  -14.690 1.000 63.695  ? 245 GLU A N   1 
ATOM   550  C  CA  . GLU A 1 66  ? -6.276  -2.618  -15.873 1.000 69.627  ? 245 GLU A CA  1 
ATOM   551  C  C   . GLU A 1 66  ? -5.793  -1.300  -16.499 1.000 58.838  ? 245 GLU A C   1 
ATOM   552  O  O   . GLU A 1 66  ? -6.642  -0.591  -17.039 1.000 68.013  ? 245 GLU A O   1 
ATOM   553  C  CB  . GLU A 1 66  ? -7.745  -2.550  -15.458 1.000 73.920  ? 245 GLU A CB  1 
ATOM   554  C  CG  . GLU A 1 66  ? -8.195  -3.814  -14.745 1.000 107.262 ? 245 GLU A CG  1 
ATOM   555  C  CD  . GLU A 1 66  ? -9.692  -4.071  -14.735 1.000 121.877 ? 245 GLU A CD  1 
ATOM   556  O  OE1 . GLU A 1 66  ? -10.339 -3.880  -15.788 1.000 121.125 ? 245 GLU A OE1 1 
ATOM   557  O  OE2 . GLU A 1 66  ? -10.209 -4.469  -13.670 1.000 114.059 ? 245 GLU A OE2 1 
ATOM   558  N  N   . GLY A 1 67  ? -4.492  -0.992  -16.446 1.000 63.243  ? 246 GLY A N   1 
ATOM   559  C  CA  . GLY A 1 67  ? -3.856  0.062   -17.266 1.000 62.659  ? 246 GLY A CA  1 
ATOM   560  C  C   . GLY A 1 67  ? -3.695  1.403   -16.555 1.000 62.780  ? 246 GLY A C   1 
ATOM   561  O  O   . GLY A 1 67  ? -2.651  2.051   -16.789 1.000 68.070  ? 246 GLY A O   1 
ATOM   562  N  N   . ALA A 1 68  ? -4.675  1.828   -15.741 1.000 47.340  ? 247 ALA A N   1 
ATOM   563  C  CA  . ALA A 1 68  ? -4.656  3.117   -14.995 1.000 50.242  ? 247 ALA A CA  1 
ATOM   564  C  C   . ALA A 1 68  ? -4.515  2.873   -13.479 1.000 39.533  ? 247 ALA A C   1 
ATOM   565  O  O   . ALA A 1 68  ? -5.124  1.917   -12.959 1.000 37.548  ? 247 ALA A O   1 
ATOM   566  C  CB  . ALA A 1 68  ? -5.892  3.926   -15.334 1.000 38.124  ? 247 ALA A CB  1 
ATOM   567  N  N   . TRP A 1 69  ? -3.741  3.714   -12.780 1.000 41.181  ? 248 TRP A N   1 
ATOM   568  C  CA  . TRP A 1 69  ? -3.547  3.627   -11.303 1.000 38.961  ? 248 TRP A CA  1 
ATOM   569  C  C   . TRP A 1 69  ? -4.855  3.910   -10.568 1.000 36.130  ? 248 TRP A C   1 
ATOM   570  O  O   . TRP A 1 69  ? -5.496  4.895   -10.904 1.000 31.326  ? 248 TRP A O   1 
ATOM   571  C  CB  . TRP A 1 69  ? -2.435  4.556   -10.833 1.000 39.743  ? 248 TRP A CB  1 
ATOM   572  C  CG  . TRP A 1 69  ? -1.099  4.019   -11.213 1.000 40.171  ? 248 TRP A CG  1 
ATOM   573  C  CD1 . TRP A 1 69  ? -0.333  4.381   -12.278 1.000 34.780  ? 248 TRP A CD1 1 
ATOM   574  C  CD2 . TRP A 1 69  ? -0.404  2.952   -10.550 1.000 37.534  ? 248 TRP A CD2 1 
ATOM   575  N  NE1 . TRP A 1 69  ? 0.814   3.637   -12.297 1.000 41.623  ? 248 TRP A NE1 1 
ATOM   576  C  CE2 . TRP A 1 69  ? 0.788   2.737   -11.266 1.000 35.052  ? 248 TRP A CE2 1 
ATOM   577  C  CE3 . TRP A 1 69  ? -0.687  2.146   -9.446  1.000 36.307  ? 248 TRP A CE3 1 
ATOM   578  C  CZ2 . TRP A 1 69  ? 1.707   1.758   -10.898 1.000 36.844  ? 248 TRP A CZ2 1 
ATOM   579  C  CZ3 . TRP A 1 69  ? 0.226   1.182   -9.082  1.000 40.283  ? 248 TRP A CZ3 1 
ATOM   580  C  CH2 . TRP A 1 69  ? 1.400   0.987   -9.804  1.000 33.269  ? 248 TRP A CH2 1 
ATOM   581  N  N   . LYS A 1 70  ? -5.216  3.048   -9.616  1.000 34.480  ? 249 LYS A N   1 
ATOM   582  C  CA  . LYS A 1 70  ? -6.462  3.141   -8.815  1.000 40.068  ? 249 LYS A CA  1 
ATOM   583  C  C   . LYS A 1 70  ? -6.159  2.839   -7.346  1.000 37.793  ? 249 LYS A C   1 
ATOM   584  O  O   . LYS A 1 70  ? -5.417  1.882   -7.081  1.000 29.930  ? 249 LYS A O   1 
ATOM   585  C  CB  . LYS A 1 70  ? -7.522  2.135   -9.283  1.000 44.321  ? 249 LYS A CB  1 
ATOM   586  C  CG  . LYS A 1 70  ? -7.877  2.172   -10.764 1.000 62.427  ? 249 LYS A CG  1 
ATOM   587  C  CD  . LYS A 1 70  ? -8.437  3.499   -11.245 1.000 82.060  ? 249 LYS A CD  1 
ATOM   588  C  CE  . LYS A 1 70  ? -9.928  3.651   -11.016 1.000 108.300 ? 249 LYS A CE  1 
ATOM   589  N  NZ  . LYS A 1 70  ? -10.719 2.835   -11.969 1.000 118.328 ? 249 LYS A NZ  1 
ATOM   590  N  N   . TRP A 1 71  ? -6.782  3.592   -6.439  1.000 32.867  ? 250 TRP A N   1 
ATOM   591  C  CA  . TRP A 1 71  ? -6.795  3.319   -4.982  1.000 30.457  ? 250 TRP A CA  1 
ATOM   592  C  C   . TRP A 1 71  ? -7.932  2.345   -4.686  1.000 33.254  ? 250 TRP A C   1 
ATOM   593  O  O   . TRP A 1 71  ? -8.954  2.454   -5.338  1.000 33.336  ? 250 TRP A O   1 
ATOM   594  C  CB  . TRP A 1 71  ? -6.971  4.616   -4.195  1.000 30.076  ? 250 TRP A CB  1 
ATOM   595  C  CG  . TRP A 1 71  ? -5.803  5.547   -4.229  1.000 26.519  ? 250 TRP A CG  1 
ATOM   596  C  CD1 . TRP A 1 71  ? -5.713  6.724   -4.907  1.000 29.774  ? 250 TRP A CD1 1 
ATOM   597  C  CD2 . TRP A 1 71  ? -4.558  5.400   -3.523  1.000 24.773  ? 250 TRP A CD2 1 
ATOM   598  N  NE1 . TRP A 1 71  ? -4.501  7.319   -4.674  1.000 31.393  ? 250 TRP A NE1 1 
ATOM   599  C  CE2 . TRP A 1 71  ? -3.775  6.537   -3.819  1.000 26.990  ? 250 TRP A CE2 1 
ATOM   600  C  CE3 . TRP A 1 71  ? -4.056  4.462   -2.628  1.000 23.026  ? 250 TRP A CE3 1 
ATOM   601  C  CZ2 . TRP A 1 71  ? -2.512  6.736   -3.272  1.000 25.873  ? 250 TRP A CZ2 1 
ATOM   602  C  CZ3 . TRP A 1 71  ? -2.796  4.655   -2.096  1.000 26.094  ? 250 TRP A CZ3 1 
ATOM   603  C  CH2 . TRP A 1 71  ? -2.037  5.769   -2.417  1.000 21.918  ? 250 TRP A CH2 1 
ATOM   604  N  N   . VAL A 1 72  ? -7.786  1.456   -3.706  1.000 34.065  ? 251 VAL A N   1 
ATOM   605  C  CA  . VAL A 1 72  ? -8.784  0.358   -3.496  1.000 33.119  ? 251 VAL A CA  1 
ATOM   606  C  C   . VAL A 1 72  ? -10.164 0.919   -3.115  1.000 35.771  ? 251 VAL A C   1 
ATOM   607  O  O   . VAL A 1 72  ? -11.173 0.203   -3.336  1.000 39.064  ? 251 VAL A O   1 
ATOM   608  C  CB  . VAL A 1 72  ? -8.304  -0.638  -2.438  1.000 28.099  ? 251 VAL A CB  1 
ATOM   609  C  CG1 . VAL A 1 72  ? -7.279  -1.588  -3.031  1.000 29.957  ? 251 VAL A CG1 1 
ATOM   610  C  CG2 . VAL A 1 72  ? -7.774  0.094   -1.207  1.000 33.579  ? 251 VAL A CG2 1 
ATOM   611  N  N   . ASP A 1 73  ? -10.231 2.114   -2.523  1.000 34.433  ? 252 ASP A N   1 
ATOM   612  C  CA  . ASP A 1 73  ? -11.511 2.675   -2.010  1.000 34.957  ? 252 ASP A CA  1 
ATOM   613  C  C   . ASP A 1 73  ? -12.113 3.667   -3.024  1.000 33.012  ? 252 ASP A C   1 
ATOM   614  O  O   . ASP A 1 73  ? -13.177 4.226   -2.720  1.000 33.971  ? 252 ASP A O   1 
ATOM   615  C  CB  . ASP A 1 73  ? -11.308 3.313   -0.635  1.000 33.742  ? 252 ASP A CB  1 
ATOM   616  C  CG  . ASP A 1 73  ? -10.612 4.671   -0.676  1.000 37.686  ? 252 ASP A CG  1 
ATOM   617  O  OD1 . ASP A 1 73  ? -10.045 5.011   -1.741  1.000 37.685  ? 252 ASP A OD1 1 
ATOM   618  O  OD2 . ASP A 1 73  ? -10.658 5.399   0.351   1.000 40.673  ? 252 ASP A OD2 1 
ATOM   619  N  N   . GLY A 1 74  ? -11.433 3.934   -4.147  1.000 38.830  ? 253 GLY A N   1 
ATOM   620  C  CA  . GLY A 1 74  ? -11.918 4.837   -5.212  1.000 37.911  ? 253 GLY A CA  1 
ATOM   621  C  C   . GLY A 1 74  ? -11.465 6.288   -5.071  1.000 34.534  ? 253 GLY A C   1 
ATOM   622  O  O   . GLY A 1 74  ? -11.881 7.101   -5.912  1.000 41.279  ? 253 GLY A O   1 
ATOM   623  N  N   . THR A 1 75  ? -10.633 6.645   -4.088  1.000 41.791  ? 254 THR A N   1 
ATOM   624  C  CA  . THR A 1 75  ? -9.936  7.966   -4.065  1.000 35.560  ? 254 THR A CA  1 
ATOM   625  C  C   . THR A 1 75  ? -9.331  8.206   -5.457  1.000 36.366  ? 254 THR A C   1 
ATOM   626  O  O   . THR A 1 75  ? -8.747  7.256   -6.022  1.000 34.351  ? 254 THR A O   1 
ATOM   627  C  CB  . THR A 1 75  ? -8.865  8.003   -2.971  1.000 36.021  ? 254 THR A CB  1 
ATOM   628  O  OG1 . THR A 1 75  ? -9.507  7.828   -1.706  1.000 39.273  ? 254 THR A OG1 1 
ATOM   629  C  CG2 . THR A 1 75  ? -8.044  9.277   -2.993  1.000 37.900  ? 254 THR A CG2 1 
ATOM   630  N  N   . ASP A 1 76  ? -9.469  9.403   -6.022  1.000 36.947  ? 255 ASP A N   1 
ATOM   631  C  CA  . ASP A 1 76  ? -8.943  9.709   -7.382  1.000 45.583  ? 255 ASP A CA  1 
ATOM   632  C  C   . ASP A 1 76  ? -7.414  9.786   -7.334  1.000 41.625  ? 255 ASP A C   1 
ATOM   633  O  O   . ASP A 1 76  ? -6.854  10.525  -6.476  1.000 37.253  ? 255 ASP A O   1 
ATOM   634  C  CB  . ASP A 1 76  ? -9.500  11.016  -7.955  1.000 56.072  ? 255 ASP A CB  1 
ATOM   635  C  CG  . ASP A 1 76  ? -8.933  11.342  -9.330  1.000 63.348  ? 255 ASP A CG  1 
ATOM   636  O  OD1 . ASP A 1 76  ? -9.223  10.577  -10.284 1.000 63.485  ? 255 ASP A OD1 1 
ATOM   637  O  OD2 . ASP A 1 76  ? -8.182  12.345  -9.434  1.000 65.548  ? 255 ASP A OD2 1 
ATOM   638  N  N   . TYR A 1 77  ? -6.754  9.102   -8.261  1.000 34.191  ? 256 TYR A N   1 
ATOM   639  C  CA  . TYR A 1 77  ? -5.280  8.975   -8.256  1.000 32.782  ? 256 TYR A CA  1 
ATOM   640  C  C   . TYR A 1 77  ? -4.649  10.248  -8.803  1.000 31.959  ? 256 TYR A C   1 
ATOM   641  O  O   . TYR A 1 77  ? -3.686  10.759  -8.148  1.000 38.696  ? 256 TYR A O   1 
ATOM   642  C  CB  . TYR A 1 77  ? -4.820  7.747   -9.037  1.000 31.727  ? 256 TYR A CB  1 
ATOM   643  C  CG  . TYR A 1 77  ? -3.350  7.767   -9.359  1.000 29.395  ? 256 TYR A CG  1 
ATOM   644  C  CD1 . TYR A 1 77  ? -2.409  7.516   -8.384  1.000 33.591  ? 256 TYR A CD1 1 
ATOM   645  C  CD2 . TYR A 1 77  ? -2.896  8.094   -10.629 1.000 31.019  ? 256 TYR A CD2 1 
ATOM   646  C  CE1 . TYR A 1 77  ? -1.054  7.530   -8.673  1.000 36.433  ? 256 TYR A CE1 1 
ATOM   647  C  CE2 . TYR A 1 77  ? -1.544  8.110   -10.938 1.000 34.998  ? 256 TYR A CE2 1 
ATOM   648  C  CZ  . TYR A 1 77  ? -0.617  7.829   -9.951  1.000 38.976  ? 256 TYR A CZ  1 
ATOM   649  O  OH  . TYR A 1 77  ? 0.719   7.819   -10.242 1.000 39.297  ? 256 TYR A OH  1 
ATOM   650  N  N   . ALA A 1 78  ? -5.134  10.712  -9.960  1.000 36.174  ? 257 ALA A N   1 
ATOM   651  C  CA  . ALA A 1 78  ? -4.500  11.780  -10.772 1.000 41.269  ? 257 ALA A CA  1 
ATOM   652  C  C   . ALA A 1 78  ? -4.461  13.080  -9.971  1.000 36.502  ? 257 ALA A C   1 
ATOM   653  O  O   . ALA A 1 78  ? -3.397  13.695  -9.964  1.000 40.771  ? 257 ALA A O   1 
ATOM   654  C  CB  . ALA A 1 78  ? -5.195  11.954  -12.102 1.000 42.770  ? 257 ALA A CB  1 
ATOM   655  N  N   . THR A 1 79  ? -5.546  13.450  -9.278  1.000 41.404  ? 258 THR A N   1 
ATOM   656  C  CA  . THR A 1 79  ? -5.626  14.689  -8.447  1.000 39.737  ? 258 THR A CA  1 
ATOM   657  C  C   . THR A 1 79  ? -5.178  14.442  -6.997  1.000 36.007  ? 258 THR A C   1 
ATOM   658  O  O   . THR A 1 79  ? -5.137  15.414  -6.215  1.000 42.786  ? 258 THR A O   1 
ATOM   659  C  CB  . THR A 1 79  ? -7.051  15.256  -8.421  1.000 48.367  ? 258 THR A CB  1 
ATOM   660  O  OG1 . THR A 1 79  ? -7.841  14.273  -7.749  1.000 44.181  ? 258 THR A OG1 1 
ATOM   661  C  CG2 . THR A 1 79  ? -7.588  15.565  -9.803  1.000 51.597  ? 258 THR A CG2 1 
ATOM   662  N  N   . GLY A 1 80  ? -4.855  13.203  -6.625  1.000 42.303  ? 259 GLY A N   1 
ATOM   663  C  CA  . GLY A 1 80  ? -4.538  12.848  -5.227  1.000 36.816  ? 259 GLY A CA  1 
ATOM   664  C  C   . GLY A 1 80  ? -3.078  13.081  -4.897  1.000 33.064  ? 259 GLY A C   1 
ATOM   665  O  O   . GLY A 1 80  ? -2.338  13.607  -5.731  1.000 40.688  ? 259 GLY A O   1 
ATOM   666  N  N   . PHE A 1 81  ? -2.677  12.697  -3.697  1.000 35.974  ? 260 PHE A N   1 
ATOM   667  C  CA  . PHE A 1 81  ? -1.274  12.740  -3.240  1.000 32.408  ? 260 PHE A CA  1 
ATOM   668  C  C   . PHE A 1 81  ? -0.470  11.674  -4.002  1.000 33.153  ? 260 PHE A C   1 
ATOM   669  O  O   . PHE A 1 81  ? -0.958  10.548  -4.183  1.000 31.537  ? 260 PHE A O   1 
ATOM   670  C  CB  . PHE A 1 81  ? -1.214  12.533  -1.726  1.000 34.302  ? 260 PHE A CB  1 
ATOM   671  C  CG  . PHE A 1 81  ? 0.188   12.575  -1.179  1.000 32.813  ? 260 PHE A CG  1 
ATOM   672  C  CD1 . PHE A 1 81  ? 0.854   13.782  -1.033  1.000 34.905  ? 260 PHE A CD1 1 
ATOM   673  C  CD2 . PHE A 1 81  ? 0.868   11.400  -0.895  1.000 31.047  ? 260 PHE A CD2 1 
ATOM   674  C  CE1 . PHE A 1 81  ? 2.160   13.821  -0.561  1.000 34.948  ? 260 PHE A CE1 1 
ATOM   675  C  CE2 . PHE A 1 81  ? 2.170   11.435  -0.413  1.000 32.586  ? 260 PHE A CE2 1 
ATOM   676  C  CZ  . PHE A 1 81  ? 2.811   12.646  -0.237  1.000 36.286  ? 260 PHE A CZ  1 
ATOM   677  N  N   . GLN A 1 82  ? 0.748   12.026  -4.418  1.000 30.316  ? 261 GLN A N   1 
ATOM   678  C  CA  . GLN A 1 82  ? 1.702   11.090  -5.040  1.000 30.083  ? 261 GLN A CA  1 
ATOM   679  C  C   . GLN A 1 82  ? 3.083   11.284  -4.414  1.000 35.954  ? 261 GLN A C   1 
ATOM   680  O  O   . GLN A 1 82  ? 3.430   12.441  -4.034  1.000 34.787  ? 261 GLN A O   1 
ATOM   681  C  CB  . GLN A 1 82  ? 1.697   11.289  -6.554  1.000 32.293  ? 261 GLN A CB  1 
ATOM   682  C  CG  . GLN A 1 82  ? 0.316   11.125  -7.173  1.000 36.771  ? 261 GLN A CG  1 
ATOM   683  C  CD  . GLN A 1 82  ? 0.397   11.162  -8.678  1.000 46.241  ? 261 GLN A CD  1 
ATOM   684  O  OE1 . GLN A 1 82  ? 1.486   11.177  -9.247  1.000 47.484  ? 261 GLN A OE1 1 
ATOM   685  N  NE2 . GLN A 1 82  ? -0.758  11.155  -9.331  1.000 35.297  ? 261 GLN A NE2 1 
ATOM   686  N  N   . ASN A 1 83  ? 3.838   10.183  -4.295  1.000 29.782  ? 262 ASN A N   1 
ATOM   687  C  CA  . ASN A 1 83  ? 5.138   10.172  -3.578  1.000 29.422  ? 262 ASN A CA  1 
ATOM   688  C  C   . ASN A 1 83  ? 6.089   9.128   -4.177  1.000 32.874  ? 262 ASN A C   1 
ATOM   689  O  O   . ASN A 1 83  ? 6.774   8.420   -3.399  1.000 28.078  ? 262 ASN A O   1 
ATOM   690  C  CB  . ASN A 1 83  ? 4.941   9.929   -2.090  1.000 31.769  ? 262 ASN A CB  1 
ATOM   691  C  CG  . ASN A 1 83  ? 6.160   10.338  -1.306  1.000 30.386  ? 262 ASN A CG  1 
ATOM   692  O  OD1 . ASN A 1 83  ? 6.591   9.624   -0.401  1.000 37.000  ? 262 ASN A OD1 1 
ATOM   693  N  ND2 . ASN A 1 83  ? 6.732   11.469  -1.693  1.000 26.418  ? 262 ASN A ND2 1 
ATOM   694  N  N   . TRP A 1 84  ? 6.180   9.076   -5.507  1.000 26.498  ? 263 TRP A N   1 
ATOM   695  C  CA  . TRP A 1 84  ? 6.975   8.048   -6.216  1.000 28.053  ? 263 TRP A CA  1 
ATOM   696  C  C   . TRP A 1 84  ? 8.462   8.322   -6.057  1.000 29.829  ? 263 TRP A C   1 
ATOM   697  O  O   . TRP A 1 84  ? 8.858   9.520   -6.012  1.000 34.572  ? 263 TRP A O   1 
ATOM   698  C  CB  . TRP A 1 84  ? 6.616   7.993   -7.690  1.000 27.520  ? 263 TRP A CB  1 
ATOM   699  C  CG  . TRP A 1 84  ? 5.215   7.572   -7.978  1.000 25.456  ? 263 TRP A CG  1 
ATOM   700  C  CD1 . TRP A 1 84  ? 4.206   8.395   -8.343  1.000 26.220  ? 263 TRP A CD1 1 
ATOM   701  C  CD2 . TRP A 1 84  ? 4.666   6.241   -7.977  1.000 31.815  ? 263 TRP A CD2 1 
ATOM   702  N  NE1 . TRP A 1 84  ? 3.070   7.678   -8.561  1.000 25.146  ? 263 TRP A NE1 1 
ATOM   703  C  CE2 . TRP A 1 84  ? 3.319   6.357   -8.360  1.000 24.345  ? 263 TRP A CE2 1 
ATOM   704  C  CE3 . TRP A 1 84  ? 5.165   4.970   -7.675  1.000 32.976  ? 263 TRP A CE3 1 
ATOM   705  C  CZ2 . TRP A 1 84  ? 2.470   5.262   -8.460  1.000 25.149  ? 263 TRP A CZ2 1 
ATOM   706  C  CZ3 . TRP A 1 84  ? 4.333   3.880   -7.786  1.000 27.525  ? 263 TRP A CZ3 1 
ATOM   707  C  CH2 . TRP A 1 84  ? 3.004   4.024   -8.187  1.000 27.487  ? 263 TRP A CH2 1 
ATOM   708  N  N   . LYS A 1 85  ? 9.230   7.234   -5.960  1.000 30.036  ? 264 LYS A N   1 
ATOM   709  C  CA  . LYS A 1 85  ? 10.702  7.205   -6.129  1.000 34.800  ? 264 LYS A CA  1 
ATOM   710  C  C   . LYS A 1 85  ? 11.056  7.843   -7.467  1.000 27.163  ? 264 LYS A C   1 
ATOM   711  O  O   . LYS A 1 85  ? 10.283  7.701   -8.403  1.000 34.807  ? 264 LYS A O   1 
ATOM   712  C  CB  . LYS A 1 85  ? 11.205  5.753   -6.140  1.000 37.174  ? 264 LYS A CB  1 
ATOM   713  C  CG  . LYS A 1 85  ? 11.597  5.159   -4.801  1.000 50.028  ? 264 LYS A CG  1 
ATOM   714  C  CD  . LYS A 1 85  ? 12.882  5.703   -4.225  1.000 49.480  ? 264 LYS A CD  1 
ATOM   715  C  CE  . LYS A 1 85  ? 13.429  4.797   -3.140  1.000 60.227  ? 264 LYS A CE  1 
ATOM   716  N  NZ  . LYS A 1 85  ? 14.095  5.547   -2.045  1.000 55.561  ? 264 LYS A NZ  1 
ATOM   717  N  N   . PRO A 1 86  ? 12.225  8.517   -7.614  1.000 34.379  ? 265 PRO A N   1 
ATOM   718  C  CA  . PRO A 1 86  ? 12.736  8.883   -8.940  1.000 39.880  ? 265 PRO A CA  1 
ATOM   719  C  C   . PRO A 1 86  ? 12.719  7.680   -9.900  1.000 46.984  ? 265 PRO A C   1 
ATOM   720  O  O   . PRO A 1 86  ? 13.219  6.627   -9.511  1.000 42.676  ? 265 PRO A O   1 
ATOM   721  C  CB  . PRO A 1 86  ? 14.193  9.307   -8.694  1.000 40.071  ? 265 PRO A CB  1 
ATOM   722  C  CG  . PRO A 1 86  ? 14.235  9.703   -7.205  1.000 42.342  ? 265 PRO A CG  1 
ATOM   723  C  CD  . PRO A 1 86  ? 13.125  8.932   -6.518  1.000 30.913  ? 265 PRO A CD  1 
ATOM   724  N  N   . GLY A 1 87  ? 12.130  7.850   -11.089 1.000 36.798  ? 266 GLY A N   1 
ATOM   725  C  CA  . GLY A 1 87  ? 12.074  6.834   -12.160 1.000 43.136  ? 266 GLY A CA  1 
ATOM   726  C  C   . GLY A 1 87  ? 10.829  5.955   -12.065 1.000 45.363  ? 266 GLY A C   1 
ATOM   727  O  O   . GLY A 1 87  ? 10.589  5.196   -12.996 1.000 39.285  ? 266 GLY A O   1 
ATOM   728  N  N   . GLN A 1 88  ? 10.051  6.051   -10.986 1.000 34.652  ? 267 GLN A N   1 
ATOM   729  C  CA  . GLN A 1 88  ? 8.833   5.226   -10.786 1.000 33.762  ? 267 GLN A CA  1 
ATOM   730  C  C   . GLN A 1 88  ? 7.600   6.095   -11.028 1.000 35.599  ? 267 GLN A C   1 
ATOM   731  O  O   . GLN A 1 88  ? 7.646   7.317   -10.865 1.000 40.273  ? 267 GLN A O   1 
ATOM   732  C  CB  . GLN A 1 88  ? 8.909   4.525   -9.426  1.000 30.279  ? 267 GLN A CB  1 
ATOM   733  C  CG  . GLN A 1 88  ? 10.262  3.841   -9.178  1.000 28.486  ? 267 GLN A CG  1 
ATOM   734  C  CD  . GLN A 1 88  ? 10.512  2.616   -10.042 1.000 29.750  ? 267 GLN A CD  1 
ATOM   735  O  OE1 . GLN A 1 88  ? 9.615   2.094   -10.703 1.000 28.909  ? 267 GLN A OE1 1 
ATOM   736  N  NE2 . GLN A 1 88  ? 11.737  2.094   -9.987  1.000 29.807  ? 267 GLN A NE2 1 
ATOM   737  N  N   . PRO A 1 89  ? 6.457   5.507   -11.444 1.000 33.112  ? 268 PRO A N   1 
ATOM   738  C  CA  . PRO A 1 89  ? 6.359   4.071   -11.732 1.000 33.368  ? 268 PRO A CA  1 
ATOM   739  C  C   . PRO A 1 89  ? 6.929   3.766   -13.131 1.000 36.963  ? 268 PRO A C   1 
ATOM   740  O  O   . PRO A 1 89  ? 6.965   4.674   -13.911 1.000 33.075  ? 268 PRO A O   1 
ATOM   741  C  CB  . PRO A 1 89  ? 4.858   3.811   -11.641 1.000 33.598  ? 268 PRO A CB  1 
ATOM   742  C  CG  . PRO A 1 89  ? 4.202   5.126   -12.038 1.000 36.486  ? 268 PRO A CG  1 
ATOM   743  C  CD  . PRO A 1 89  ? 5.194   6.216   -11.672 1.000 35.185  ? 268 PRO A CD  1 
ATOM   744  N  N   . ASP A 1 90  ? 7.417   2.546   -13.388 1.000 38.044  ? 269 ASP A N   1 
ATOM   745  C  CA  . ASP A 1 90  ? 8.131   2.195   -14.655 1.000 40.021  ? 269 ASP A CA  1 
ATOM   746  C  C   . ASP A 1 90  ? 7.549   0.939   -15.316 1.000 36.393  ? 269 ASP A C   1 
ATOM   747  O  O   . ASP A 1 90  ? 8.047   0.593   -16.387 1.000 35.111  ? 269 ASP A O   1 
ATOM   748  C  CB  . ASP A 1 90  ? 9.630   1.969   -14.428 1.000 34.431  ? 269 ASP A CB  1 
ATOM   749  C  CG  . ASP A 1 90  ? 9.986   0.869   -13.425 1.000 39.770  ? 269 ASP A CG  1 
ATOM   750  O  OD1 . ASP A 1 90  ? 9.057   0.295   -12.744 1.000 37.781  ? 269 ASP A OD1 1 
ATOM   751  O  OD2 . ASP A 1 90  ? 11.201  0.597   -13.307 1.000 39.488  ? 269 ASP A OD2 1 
ATOM   752  N  N   . ASP A 1 91  ? 6.607   0.237   -14.666 1.000 42.701  ? 270 ASP A N   1 
ATOM   753  C  CA  . ASP A 1 91  ? 6.019   -1.041  -15.154 1.000 41.913  ? 270 ASP A CA  1 
ATOM   754  C  C   . ASP A 1 91  ? 7.130   -2.004  -15.661 1.000 38.053  ? 270 ASP A C   1 
ATOM   755  O  O   . ASP A 1 91  ? 6.934   -2.648  -16.710 1.000 38.296  ? 270 ASP A O   1 
ATOM   756  C  CB  . ASP A 1 91  ? 4.973   -0.729  -16.231 1.000 37.490  ? 270 ASP A CB  1 
ATOM   757  C  CG  . ASP A 1 91  ? 3.996   -1.874  -16.499 1.000 39.866  ? 270 ASP A CG  1 
ATOM   758  O  OD1 . ASP A 1 91  ? 3.401   -2.421  -15.507 1.000 41.014  ? 270 ASP A OD1 1 
ATOM   759  O  OD2 . ASP A 1 91  ? 3.798   -2.185  -17.689 1.000 41.952  ? 270 ASP A OD2 1 
ATOM   760  N  N   . TRP A 1 92  ? 8.264   -2.107  -14.960 1.000 32.178  ? 271 TRP A N   1 
ATOM   761  C  CA  . TRP A 1 92  ? 9.472   -2.889  -15.376 1.000 32.250  ? 271 TRP A CA  1 
ATOM   762  C  C   . TRP A 1 92  ? 9.092   -4.331  -15.709 1.000 36.053  ? 271 TRP A C   1 
ATOM   763  O  O   . TRP A 1 92  ? 8.271   -4.895  -14.959 1.000 30.555  ? 271 TRP A O   1 
ATOM   764  C  CB  . TRP A 1 92  ? 10.485  -2.882  -14.240 1.000 31.154  ? 271 TRP A CB  1 
ATOM   765  C  CG  . TRP A 1 92  ? 11.855  -3.378  -14.560 1.000 33.283  ? 271 TRP A CG  1 
ATOM   766  C  CD1 . TRP A 1 92  ? 12.627  -3.021  -15.621 1.000 31.640  ? 271 TRP A CD1 1 
ATOM   767  C  CD2 . TRP A 1 92  ? 12.661  -4.254  -13.743 1.000 31.135  ? 271 TRP A CD2 1 
ATOM   768  N  NE1 . TRP A 1 92  ? 13.844  -3.650  -15.537 1.000 33.617  ? 271 TRP A NE1 1 
ATOM   769  C  CE2 . TRP A 1 92  ? 13.899  -4.408  -14.400 1.000 31.589  ? 271 TRP A CE2 1 
ATOM   770  C  CE3 . TRP A 1 92  ? 12.454  -4.940  -12.537 1.000 34.692  ? 271 TRP A CE3 1 
ATOM   771  C  CZ2 . TRP A 1 92  ? 14.932  -5.198  -13.888 1.000 33.864  ? 271 TRP A CZ2 1 
ATOM   772  C  CZ3 . TRP A 1 92  ? 13.478  -5.710  -12.020 1.000 38.434  ? 271 TRP A CZ3 1 
ATOM   773  C  CH2 . TRP A 1 92  ? 14.697  -5.846  -12.694 1.000 38.307  ? 271 TRP A CH2 1 
ATOM   774  N  N   . GLN A 1 93  ? 9.704   -4.916  -16.745 1.000 33.616  ? 272 GLN A N   1 
ATOM   775  C  CA  . GLN A 1 93  ? 9.485   -6.329  -17.152 1.000 34.465  ? 272 GLN A CA  1 
ATOM   776  C  C   . GLN A 1 93  ? 10.763  -7.148  -16.969 1.000 34.091  ? 272 GLN A C   1 
ATOM   777  O  O   . GLN A 1 93  ? 10.664  -8.373  -17.078 1.000 33.718  ? 272 GLN A O   1 
ATOM   778  C  CB  . GLN A 1 93  ? 9.019   -6.399  -18.602 1.000 45.937  ? 272 GLN A CB  1 
ATOM   779  C  CG  . GLN A 1 93  ? 7.795   -5.531  -18.865 1.000 47.191  ? 272 GLN A CG  1 
ATOM   780  C  CD  . GLN A 1 93  ? 6.982   -6.079  -20.008 1.000 58.981  ? 272 GLN A CD  1 
ATOM   781  O  OE1 . GLN A 1 93  ? 5.866   -6.559  -19.831 1.000 76.869  ? 272 GLN A OE1 1 
ATOM   782  N  NE2 . GLN A 1 93  ? 7.556   -6.025  -21.193 1.000 52.087  ? 272 GLN A NE2 1 
ATOM   783  N  N   . GLY A 1 94  ? 11.885  -6.503  -16.643 1.000 32.371  ? 273 GLY A N   1 
ATOM   784  C  CA  . GLY A 1 94  ? 13.231  -7.124  -16.648 1.000 35.755  ? 273 GLY A CA  1 
ATOM   785  C  C   . GLY A 1 94  ? 13.448  -8.069  -15.479 1.000 37.114  ? 273 GLY A C   1 
ATOM   786  O  O   . GLY A 1 94  ? 14.502  -8.690  -15.435 1.000 39.127  ? 273 GLY A O   1 
ATOM   787  N  N   . HIS A 1 95  ? 12.495  -8.174  -14.550 1.000 31.293  ? 274 HIS A N   1 
ATOM   788  C  CA  . HIS A 1 95  ? 12.455  -9.252  -13.524 1.000 33.700  ? 274 HIS A CA  1 
ATOM   789  C  C   . HIS A 1 95  ? 12.253  -10.618 -14.205 1.000 32.740  ? 274 HIS A C   1 
ATOM   790  O  O   . HIS A 1 95  ? 12.667  -11.624 -13.621 1.000 33.922  ? 274 HIS A O   1 
ATOM   791  C  CB  . HIS A 1 95  ? 11.377  -8.944  -12.471 1.000 32.008  ? 274 HIS A CB  1 
ATOM   792  C  CG  . HIS A 1 95  ? 10.028  -8.676  -13.046 1.000 25.915  ? 274 HIS A CG  1 
ATOM   793  N  ND1 . HIS A 1 95  ? 9.271   -9.663  -13.640 1.000 23.699  ? 274 HIS A ND1 1 
ATOM   794  C  CD2 . HIS A 1 95  ? 9.311   -7.541  -13.144 1.000 23.722  ? 274 HIS A CD2 1 
ATOM   795  C  CE1 . HIS A 1 95  ? 8.128   -9.157  -14.049 1.000 26.109  ? 274 HIS A CE1 1 
ATOM   796  N  NE2 . HIS A 1 95  ? 8.122   -7.854  -13.743 1.000 24.989  ? 274 HIS A NE2 1 
ATOM   797  N  N   . GLY A 1 96  ? 11.637  -10.668 -15.394 1.000 35.137  ? 275 GLY A N   1 
ATOM   798  C  CA  . GLY A 1 96  ? 11.460  -11.916 -16.178 1.000 35.239  ? 275 GLY A CA  1 
ATOM   799  C  C   . GLY A 1 96  ? 10.485  -12.884 -15.519 1.000 31.349  ? 275 GLY A C   1 
ATOM   800  O  O   . GLY A 1 96  ? 10.494  -14.075 -15.872 1.000 32.007  ? 275 GLY A O   1 
ATOM   801  N  N   . LEU A 1 97  ? 9.620   -12.368 -14.638 1.000 32.180  ? 276 LEU A N   1 
ATOM   802  C  CA  . LEU A 1 97  ? 8.568   -13.129 -13.905 1.000 31.596  ? 276 LEU A CA  1 
ATOM   803  C  C   . LEU A 1 97  ? 7.265   -13.127 -14.701 1.000 27.432  ? 276 LEU A C   1 
ATOM   804  O  O   . LEU A 1 97  ? 6.331   -13.782 -14.253 1.000 29.058  ? 276 LEU A O   1 
ATOM   805  C  CB  . LEU A 1 97  ? 8.329   -12.480 -12.539 1.000 29.080  ? 276 LEU A CB  1 
ATOM   806  C  CG  . LEU A 1 97  ? 9.145   -12.991 -11.349 1.000 34.836  ? 276 LEU A CG  1 
ATOM   807  C  CD1 . LEU A 1 97  ? 10.394  -13.753 -11.755 1.000 35.109  ? 276 LEU A CD1 1 
ATOM   808  C  CD2 . LEU A 1 97  ? 9.465   -11.854 -10.387 1.000 31.579  ? 276 LEU A CD2 1 
ATOM   809  N  N   . GLY A 1 98  ? 7.191   -12.367 -15.801 1.000 33.940  ? 277 GLY A N   1 
ATOM   810  C  CA  . GLY A 1 98  ? 5.971   -12.239 -16.618 1.000 32.678  ? 277 GLY A CA  1 
ATOM   811  C  C   . GLY A 1 98  ? 5.199   -10.981 -16.272 1.000 36.731  ? 277 GLY A C   1 
ATOM   812  O  O   . GLY A 1 98  ? 5.011   -10.705 -15.052 1.000 39.056  ? 277 GLY A O   1 
ATOM   813  N  N   . GLY A 1 99  ? 4.770   -10.239 -17.307 1.000 34.805  ? 278 GLY A N   1 
ATOM   814  C  CA  . GLY A 1 99  ? 4.083   -8.935  -17.188 1.000 36.586  ? 278 GLY A CA  1 
ATOM   815  C  C   . GLY A 1 99  ? 5.022   -7.822  -16.716 1.000 40.360  ? 278 GLY A C   1 
ATOM   816  O  O   . GLY A 1 99  ? 6.269   -8.002  -16.758 1.000 38.380  ? 278 GLY A O   1 
ATOM   817  N  N   . GLY A 1 100 ? 4.453   -6.698  -16.270 1.000 35.163  ? 279 GLY A N   1 
ATOM   818  C  CA  . GLY A 1 100 ? 5.220   -5.554  -15.745 1.000 33.195  ? 279 GLY A CA  1 
ATOM   819  C  C   . GLY A 1 100 ? 5.175   -5.531  -14.228 1.000 32.246  ? 279 GLY A C   1 
ATOM   820  O  O   . GLY A 1 100 ? 5.544   -6.549  -13.589 1.000 31.152  ? 279 GLY A O   1 
ATOM   821  N  N   . GLU A 1 101 ? 4.737   -4.409  -13.672 1.000 29.360  ? 280 GLU A N   1 
ATOM   822  C  CA  . GLU A 1 101 ? 4.627   -4.155  -12.210 1.000 30.032  ? 280 GLU A CA  1 
ATOM   823  C  C   . GLU A 1 101 ? 3.320   -3.388  -11.979 1.000 27.814  ? 280 GLU A C   1 
ATOM   824  O  O   . GLU A 1 101 ? 3.144   -2.338  -12.596 1.000 35.090  ? 280 GLU A O   1 
ATOM   825  C  CB  . GLU A 1 101 ? 5.865   -3.396  -11.739 1.000 28.377  ? 280 GLU A CB  1 
ATOM   826  C  CG  . GLU A 1 101 ? 7.170   -4.181  -11.862 1.000 31.137  ? 280 GLU A CG  1 
ATOM   827  C  CD  . GLU A 1 101 ? 8.377   -3.417  -11.333 1.000 41.553  ? 280 GLU A CD  1 
ATOM   828  O  OE1 . GLU A 1 101 ? 8.362   -2.171  -11.505 1.000 36.587  ? 280 GLU A OE1 1 
ATOM   829  O  OE2 . GLU A 1 101 ? 9.314   -4.049  -10.720 1.000 32.407  ? 280 GLU A OE2 1 
ATOM   830  N  N   . ASP A 1 102 ? 2.409   -3.940  -11.186 1.000 29.043  ? 281 ASP A N   1 
ATOM   831  C  CA  . ASP A 1 102 ? 1.006   -3.464  -11.112 1.000 31.205  ? 281 ASP A CA  1 
ATOM   832  C  C   . ASP A 1 102 ? 0.580   -3.146  -9.685  1.000 25.195  ? 281 ASP A C   1 
ATOM   833  O  O   . ASP A 1 102 ? -0.589  -2.830  -9.522  1.000 35.975  ? 281 ASP A O   1 
ATOM   834  C  CB  . ASP A 1 102 ? 0.072   -4.498  -11.743 1.000 33.840  ? 281 ASP A CB  1 
ATOM   835  C  CG  . ASP A 1 102 ? 0.330   -4.616  -13.235 1.000 38.421  ? 281 ASP A CG  1 
ATOM   836  O  OD1 . ASP A 1 102 ? 1.042   -3.688  -13.807 1.000 46.537  ? 281 ASP A OD1 1 
ATOM   837  O  OD2 . ASP A 1 102 ? -0.150  -5.620  -13.814 1.000 44.004  ? 281 ASP A OD2 1 
ATOM   838  N  N   . CYS A 1 103 ? 1.497   -3.178  -8.719  1.000 28.674  ? 282 CYS A N   1 
ATOM   839  C  CA  A CYS A 1 103 ? 1.202   -2.978  -7.275  0.500 27.987  ? 282 CYS A CA  1 
ATOM   840  C  CA  B CYS A 1 103 ? 1.176   -2.923  -7.290  0.500 29.348  ? 282 CYS A CA  1 
ATOM   841  C  C   . CYS A 1 103 ? 2.263   -2.057  -6.670  1.000 27.864  ? 282 CYS A C   1 
ATOM   842  O  O   . CYS A 1 103 ? 3.437   -2.242  -7.009  1.000 29.493  ? 282 CYS A O   1 
ATOM   843  C  CB  A CYS A 1 103 ? 1.164   -4.327  -6.567  0.500 34.895  ? 282 CYS A CB  1 
ATOM   844  C  CB  B CYS A 1 103 ? 0.999   -4.221  -6.518  0.500 38.989  ? 282 CYS A CB  1 
ATOM   845  S  SG  A CYS A 1 103 ? -0.276  -5.335  -7.025  0.500 34.154  ? 282 CYS A SG  1 
ATOM   846  S  SG  B CYS A 1 103 ? -0.529  -5.089  -6.965  0.500 44.623  ? 282 CYS A SG  1 
ATOM   847  N  N   . ALA A 1 104 ? 1.837   -1.122  -5.823  1.000 31.911  ? 283 ALA A N   1 
ATOM   848  C  CA  . ALA A 1 104 ? 2.690   -0.054  -5.266  1.000 28.284  ? 283 ALA A CA  1 
ATOM   849  C  C   . ALA A 1 104 ? 3.036   -0.410  -3.831  1.000 23.947  ? 283 ALA A C   1 
ATOM   850  O  O   . ALA A 1 104 ? 2.178   -0.927  -3.102  1.000 23.722  ? 283 ALA A O   1 
ATOM   851  C  CB  . ALA A 1 104 ? 1.975   1.264   -5.331  1.000 32.430  ? 283 ALA A CB  1 
ATOM   852  N  N   . HIS A 1 105 ? 4.249   -0.097  -3.435  1.000 24.158  ? 284 HIS A N   1 
ATOM   853  C  CA  . HIS A 1 105 ? 4.694   -0.323  -2.052  1.000 25.638  ? 284 HIS A CA  1 
ATOM   854  C  C   . HIS A 1 105 ? 5.522   0.862   -1.614  1.000 24.816  ? 284 HIS A C   1 
ATOM   855  O  O   . HIS A 1 105 ? 6.104   1.514   -2.474  1.000 23.495  ? 284 HIS A O   1 
ATOM   856  C  CB  . HIS A 1 105 ? 5.475   -1.636  -1.947  1.000 26.471  ? 284 HIS A CB  1 
ATOM   857  C  CG  . HIS A 1 105 ? 6.785   -1.630  -2.648  1.000 27.535  ? 284 HIS A CG  1 
ATOM   858  N  ND1 . HIS A 1 105 ? 7.958   -1.296  -1.999  1.000 28.418  ? 284 HIS A ND1 1 
ATOM   859  C  CD2 . HIS A 1 105 ? 7.119   -1.947  -3.917  1.000 29.535  ? 284 HIS A CD2 1 
ATOM   860  C  CE1 . HIS A 1 105 ? 8.965   -1.389  -2.855  1.000 33.620  ? 284 HIS A CE1 1 
ATOM   861  N  NE2 . HIS A 1 105 ? 8.475   -1.799  -4.037  1.000 28.547  ? 284 HIS A NE2 1 
ATOM   862  N  N   . PHE A 1 106 ? 5.687   0.988   -0.309  1.000 26.698  ? 285 PHE A N   1 
ATOM   863  C  CA  . PHE A 1 106 ? 6.651   1.919   0.304   1.000 24.858  ? 285 PHE A CA  1 
ATOM   864  C  C   . PHE A 1 106 ? 8.033   1.305   0.273   1.000 26.917  ? 285 PHE A C   1 
ATOM   865  O  O   . PHE A 1 106 ? 8.141   0.106   0.505   1.000 29.982  ? 285 PHE A O   1 
ATOM   866  C  CB  . PHE A 1 106 ? 6.237   2.203   1.740   1.000 25.548  ? 285 PHE A CB  1 
ATOM   867  C  CG  . PHE A 1 106 ? 4.863   2.797   1.880   1.000 25.460  ? 285 PHE A CG  1 
ATOM   868  C  CD1 . PHE A 1 106 ? 4.640   4.140   1.609   1.000 30.991  ? 285 PHE A CD1 1 
ATOM   869  C  CD2 . PHE A 1 106 ? 3.800   2.022   2.321   1.000 31.458  ? 285 PHE A CD2 1 
ATOM   870  C  CE1 . PHE A 1 106 ? 3.390   4.707   1.795   1.000 31.964  ? 285 PHE A CE1 1 
ATOM   871  C  CE2 . PHE A 1 106 ? 2.532   2.576   2.452   1.000 28.643  ? 285 PHE A CE2 1 
ATOM   872  C  CZ  . PHE A 1 106 ? 2.328   3.910   2.185   1.000 31.282  ? 285 PHE A CZ  1 
ATOM   873  N  N   . HIS A 1 107 ? 9.055   2.120   -0.001  1.000 31.623  ? 286 HIS A N   1 
ATOM   874  C  CA  . HIS A 1 107 ? 10.430  1.885   0.485   1.000 31.918  ? 286 HIS A CA  1 
ATOM   875  C  C   . HIS A 1 107 ? 10.474  2.357   1.937   1.000 37.132  ? 286 HIS A C   1 
ATOM   876  O  O   . HIS A 1 107 ? 9.598   3.088   2.399   1.000 36.953  ? 286 HIS A O   1 
ATOM   877  C  CB  . HIS A 1 107 ? 11.467  2.613   -0.386  1.000 35.834  ? 286 HIS A CB  1 
ATOM   878  C  CG  . HIS A 1 107 ? 11.734  1.977   -1.708  1.000 38.103  ? 286 HIS A CG  1 
ATOM   879  N  ND1 . HIS A 1 107 ? 12.988  1.531   -2.066  1.000 31.962  ? 286 HIS A ND1 1 
ATOM   880  C  CD2 . HIS A 1 107 ? 10.935  1.773   -2.783  1.000 41.195  ? 286 HIS A CD2 1 
ATOM   881  C  CE1 . HIS A 1 107 ? 12.959  1.066   -3.300  1.000 37.104  ? 286 HIS A CE1 1 
ATOM   882  N  NE2 . HIS A 1 107 ? 11.697  1.195   -3.764  1.000 45.854  ? 286 HIS A NE2 1 
ATOM   883  N  N   . PRO A 1 108 ? 11.489  1.956   2.713   1.000 42.249  ? 287 PRO A N   1 
ATOM   884  C  CA  . PRO A 1 108 ? 11.683  2.492   4.065   1.000 48.945  ? 287 PRO A CA  1 
ATOM   885  C  C   . PRO A 1 108 ? 11.697  4.029   4.209   1.000 49.796  ? 287 PRO A C   1 
ATOM   886  O  O   . PRO A 1 108 ? 11.244  4.497   5.225   1.000 42.273  ? 287 PRO A O   1 
ATOM   887  C  CB  . PRO A 1 108 ? 13.051  1.903   4.455   1.000 51.026  ? 287 PRO A CB  1 
ATOM   888  C  CG  . PRO A 1 108 ? 13.115  0.596   3.675   1.000 56.590  ? 287 PRO A CG  1 
ATOM   889  C  CD  . PRO A 1 108 ? 12.491  0.941   2.337   1.000 48.169  ? 287 PRO A CD  1 
ATOM   890  N  N   . ASP A 1 109 ? 12.162  4.790   3.209   1.000 45.344  ? 288 ASP A N   1 
ATOM   891  C  CA  . ASP A 1 109 ? 12.144  6.280   3.270   1.000 49.868  ? 288 ASP A CA  1 
ATOM   892  C  C   . ASP A 1 109 ? 10.721  6.795   2.975   1.000 45.438  ? 288 ASP A C   1 
ATOM   893  O  O   . ASP A 1 109 ? 10.509  8.019   3.060   1.000 44.276  ? 288 ASP A O   1 
ATOM   894  C  CB  . ASP A 1 109 ? 13.190  6.910   2.338   1.000 57.515  ? 288 ASP A CB  1 
ATOM   895  C  CG  . ASP A 1 109 ? 12.874  6.848   0.843   1.000 62.966  ? 288 ASP A CG  1 
ATOM   896  O  OD1 . ASP A 1 109 ? 11.912  6.153   0.459   1.000 44.710  ? 288 ASP A OD1 1 
ATOM   897  O  OD2 . ASP A 1 109 ? 13.596  7.505   0.061   1.000 54.163  ? 288 ASP A OD2 1 
ATOM   898  N  N   . GLY A 1 110 ? 9.787   5.914   2.590   1.000 35.785  ? 289 GLY A N   1 
ATOM   899  C  CA  . GLY A 1 110 ? 8.370   6.266   2.370   1.000 35.123  ? 289 GLY A CA  1 
ATOM   900  C  C   . GLY A 1 110 ? 8.050   6.592   0.922   1.000 32.331  ? 289 GLY A C   1 
ATOM   901  O  O   . GLY A 1 110 ? 6.861   6.801   0.621   1.000 35.919  ? 289 GLY A O   1 
ATOM   902  N  N   . ARG A 1 111 ? 9.053   6.630   0.043   1.000 32.638  ? 290 ARG A N   1 
ATOM   903  C  CA  . ARG A 1 111 ? 8.844   6.841   -1.410  1.000 33.504  ? 290 ARG A CA  1 
ATOM   904  C  C   . ARG A 1 111 ? 8.290   5.554   -2.032  1.000 28.995  ? 290 ARG A C   1 
ATOM   905  O  O   . ARG A 1 111 ? 8.637   4.465   -1.572  1.000 30.463  ? 290 ARG A O   1 
ATOM   906  C  CB  . ARG A 1 111 ? 10.150  7.264   -2.078  1.000 44.239  ? 290 ARG A CB  1 
ATOM   907  C  CG  . ARG A 1 111 ? 10.535  8.700   -1.785  1.000 46.279  ? 290 ARG A CG  1 
ATOM   908  C  CD  . ARG A 1 111 ? 9.836   9.608   -2.770  1.000 47.182  ? 290 ARG A CD  1 
ATOM   909  N  NE  . ARG A 1 111 ? 10.020  10.994  -2.397  1.000 46.521  ? 290 ARG A NE  1 
ATOM   910  C  CZ  . ARG A 1 111 ? 9.558   12.037  -3.076  1.000 46.363  ? 290 ARG A CZ  1 
ATOM   911  N  NH1 . ARG A 1 111 ? 8.883   11.872  -4.211  1.000 34.309  ? 290 ARG A NH1 1 
ATOM   912  N  NH2 . ARG A 1 111 ? 9.788   13.248  -2.597  1.000 35.512  ? 290 ARG A NH2 1 
ATOM   913  N  N   . TRP A 1 112 ? 7.477   5.693   -3.074  1.000 25.660  ? 291 TRP A N   1 
ATOM   914  C  CA  . TRP A 1 112 ? 6.700   4.585   -3.655  1.000 23.159  ? 291 TRP A CA  1 
ATOM   915  C  C   . TRP A 1 112 ? 7.425   3.976   -4.856  1.000 26.858  ? 291 TRP A C   1 
ATOM   916  O  O   . TRP A 1 112 ? 8.080   4.719   -5.618  1.000 25.919  ? 291 TRP A O   1 
ATOM   917  C  CB  . TRP A 1 112 ? 5.310   5.062   -4.050  1.000 27.760  ? 291 TRP A CB  1 
ATOM   918  C  CG  . TRP A 1 112 ? 4.519   5.813   -3.030  1.000 22.398  ? 291 TRP A CG  1 
ATOM   919  C  CD1 . TRP A 1 112 ? 4.748   5.955   -1.696  1.000 23.037  ? 291 TRP A CD1 1 
ATOM   920  C  CD2 . TRP A 1 112 ? 3.279   6.482   -3.294  1.000 24.061  ? 291 TRP A CD2 1 
ATOM   921  N  NE1 . TRP A 1 112 ? 3.758   6.708   -1.122  1.000 25.024  ? 291 TRP A NE1 1 
ATOM   922  C  CE2 . TRP A 1 112 ? 2.838   7.036   -2.078  1.000 24.508  ? 291 TRP A CE2 1 
ATOM   923  C  CE3 . TRP A 1 112 ? 2.516   6.682   -4.445  1.000 28.145  ? 291 TRP A CE3 1 
ATOM   924  C  CZ2 . TRP A 1 112 ? 1.661   7.766   -1.989  1.000 26.558  ? 291 TRP A CZ2 1 
ATOM   925  C  CZ3 . TRP A 1 112 ? 1.333   7.384   -4.353  1.000 25.802  ? 291 TRP A CZ3 1 
ATOM   926  C  CH2 . TRP A 1 112 ? 0.932   7.941   -3.145  1.000 26.242  ? 291 TRP A CH2 1 
ATOM   927  N  N   . ASN A 1 113 ? 7.263   2.663   -5.037  1.000 28.905  ? 292 ASN A N   1 
ATOM   928  C  CA  . ASN A 1 113 ? 7.719   1.928   -6.244  1.000 25.860  ? 292 ASN A CA  1 
ATOM   929  C  C   . ASN A 1 113 ? 6.570   1.033   -6.712  1.000 26.802  ? 292 ASN A C   1 
ATOM   930  O  O   . ASN A 1 113 ? 5.785   0.600   -5.868  1.000 28.014  ? 292 ASN A O   1 
ATOM   931  C  CB  . ASN A 1 113 ? 9.003   1.139   -5.972  1.000 27.346  ? 292 ASN A CB  1 
ATOM   932  C  CG  . ASN A 1 113 ? 9.340   0.183   -7.101  1.000 32.352  ? 292 ASN A CG  1 
ATOM   933  O  OD1 . ASN A 1 113 ? 9.421   0.591   -8.264  1.000 27.990  ? 292 ASN A OD1 1 
ATOM   934  N  ND2 . ASN A 1 113 ? 9.459   -1.101  -6.773  1.000 28.718  ? 292 ASN A ND2 1 
ATOM   935  N  N   . ASP A 1 114 ? 6.462   0.777   -8.015  1.000 29.233  ? 293 ASP A N   1 
ATOM   936  C  CA  . ASP A 1 114 ? 5.598   -0.307  -8.554  1.000 26.999  ? 293 ASP A CA  1 
ATOM   937  C  C   . ASP A 1 114 ? 6.429   -1.591  -8.678  1.000 26.728  ? 293 ASP A C   1 
ATOM   938  O  O   . ASP A 1 114 ? 7.638   -1.514  -9.068  1.000 27.108  ? 293 ASP A O   1 
ATOM   939  C  CB  . ASP A 1 114 ? 4.945   0.070   -9.878  1.000 25.713  ? 293 ASP A CB  1 
ATOM   940  C  CG  . ASP A 1 114 ? 5.893   0.424   -11.013 1.000 27.466  ? 293 ASP A CG  1 
ATOM   941  O  OD1 . ASP A 1 114 ? 7.088   0.776   -10.724 1.000 25.109  ? 293 ASP A OD1 1 
ATOM   942  O  OD2 . ASP A 1 114 ? 5.430   0.365   -12.193 1.000 33.083  ? 293 ASP A OD2 1 
ATOM   943  N  N   . ASP A 1 115 ? 5.824   -2.702  -8.256  1.000 32.103  ? 294 ASP A N   1 
ATOM   944  C  CA  . ASP A 1 115 ? 6.485   -4.025  -8.132  1.000 31.915  ? 294 ASP A CA  1 
ATOM   945  C  C   . ASP A 1 115 ? 5.455   -5.094  -8.477  1.000 26.482  ? 294 ASP A C   1 
ATOM   946  O  O   . ASP A 1 115 ? 4.246   -4.751  -8.712  1.000 27.320  ? 294 ASP A O   1 
ATOM   947  C  CB  . ASP A 1 115 ? 7.102   -4.246  -6.737  1.000 32.477  ? 294 ASP A CB  1 
ATOM   948  C  CG  . ASP A 1 115 ? 8.425   -5.020  -6.723  1.000 37.614  ? 294 ASP A CG  1 
ATOM   949  O  OD1 . ASP A 1 115 ? 8.613   -5.902  -7.593  1.000 31.915  ? 294 ASP A OD1 1 
ATOM   950  O  OD2 . ASP A 1 115 ? 9.272   -4.738  -5.840  1.000 39.028  ? 294 ASP A OD2 1 
ATOM   951  N  N   . VAL A 1 116 ? 5.956   -6.320  -8.510  1.000 25.485  ? 295 VAL A N   1 
ATOM   952  C  CA  . VAL A 1 116 ? 5.232   -7.563  -8.875  1.000 31.108  ? 295 VAL A CA  1 
ATOM   953  C  C   . VAL A 1 116 ? 4.344   -7.903  -7.688  1.000 27.903  ? 295 VAL A C   1 
ATOM   954  O  O   . VAL A 1 116 ? 4.878   -8.039  -6.571  1.000 28.271  ? 295 VAL A O   1 
ATOM   955  C  CB  . VAL A 1 116 ? 6.233   -8.681  -9.213  1.000 31.309  ? 295 VAL A CB  1 
ATOM   956  C  CG1 . VAL A 1 116 ? 5.532   -9.997  -9.524  1.000 34.336  ? 295 VAL A CG1 1 
ATOM   957  C  CG2 . VAL A 1 116 ? 7.136   -8.258  -10.365 1.000 36.005  ? 295 VAL A CG2 1 
ATOM   958  N  N   . CYS A 1 117 ? 3.045   -7.976  -7.945  1.000 27.216  ? 296 CYS A N   1 
ATOM   959  C  CA  A CYS A 1 117 ? 1.959   -8.168  -6.950  0.500 28.889  ? 296 CYS A CA  1 
ATOM   960  C  CA  B CYS A 1 117 ? 1.989   -8.151  -6.911  0.500 30.130  ? 296 CYS A CA  1 
ATOM   961  C  C   . CYS A 1 117 ? 2.158   -9.464  -6.149  1.000 29.026  ? 296 CYS A C   1 
ATOM   962  O  O   . CYS A 1 117 ? 1.690   -9.511  -5.013  1.000 28.670  ? 296 CYS A O   1 
ATOM   963  C  CB  A CYS A 1 117 ? 0.614   -8.145  -7.678  0.500 32.959  ? 296 CYS A CB  1 
ATOM   964  C  CB  B CYS A 1 117 ? 0.590   -8.164  -7.511  0.500 36.463  ? 296 CYS A CB  1 
ATOM   965  S  SG  A CYS A 1 117 ? 0.304   -6.567  -8.535  0.500 34.296  ? 296 CYS A SG  1 
ATOM   966  S  SG  B CYS A 1 117 ? 0.416   -9.367  -8.844  0.500 44.042  ? 296 CYS A SG  1 
ATOM   967  N  N   . GLN A 1 118 ? 2.799   -10.470 -6.741  1.000 26.251  ? 297 GLN A N   1 
ATOM   968  C  CA  A GLN A 1 118 ? 2.918   -11.808 -6.098  0.500 27.923  ? 297 GLN A CA  1 
ATOM   969  C  CA  B GLN A 1 118 ? 2.968   -11.826 -6.140  0.500 28.326  ? 297 GLN A CA  1 
ATOM   970  C  C   . GLN A 1 118 ? 3.961   -11.747 -4.967  1.000 29.011  ? 297 GLN A C   1 
ATOM   971  O  O   . GLN A 1 118 ? 3.938   -12.632 -4.100  1.000 27.082  ? 297 GLN A O   1 
ATOM   972  C  CB  A GLN A 1 118 ? 3.228   -12.875 -7.153  0.500 27.902  ? 297 GLN A CB  1 
ATOM   973  C  CB  B GLN A 1 118 ? 3.458   -12.840 -7.186  0.500 28.696  ? 297 GLN A CB  1 
ATOM   974  C  CG  A GLN A 1 118 ? 2.039   -13.214 -8.054  0.500 34.912  ? 297 GLN A CG  1 
ATOM   975  C  CG  B GLN A 1 118 ? 2.664   -12.857 -8.498  0.500 34.216  ? 297 GLN A CG  1 
ATOM   976  C  CD  A GLN A 1 118 ? 1.627   -12.117 -9.014  0.500 34.847  ? 297 GLN A CD  1 
ATOM   977  C  CD  B GLN A 1 118 ? 3.327   -13.653 -9.605  0.500 38.719  ? 297 GLN A CD  1 
ATOM   978  O  OE1 A GLN A 1 118 ? 0.452   -11.740 -9.113  0.500 40.196  ? 297 GLN A OE1 1 
ATOM   979  O  OE1 B GLN A 1 118 ? 4.197   -13.161 -10.327 0.500 37.376  ? 297 GLN A OE1 1 
ATOM   980  N  NE2 A GLN A 1 118 ? 2.593   -11.594 -9.746  0.500 34.099  ? 297 GLN A NE2 1 
ATOM   981  N  NE2 B GLN A 1 118 ? 2.925   -14.906 -9.743  0.500 33.919  ? 297 GLN A NE2 1 
ATOM   982  N  N   . ARG A 1 119 ? 4.821   -10.724 -4.934  1.000 28.314  ? 298 ARG A N   1 
ATOM   983  C  CA  . ARG A 1 119 ? 5.906   -10.624 -3.915  1.000 29.738  ? 298 ARG A CA  1 
ATOM   984  C  C   . ARG A 1 119 ? 5.333   -10.586 -2.501  1.000 29.621  ? 298 ARG A C   1 
ATOM   985  O  O   . ARG A 1 119 ? 4.390   -9.851  -2.245  1.000 25.573  ? 298 ARG A O   1 
ATOM   986  C  CB  . ARG A 1 119 ? 6.762   -9.387  -4.189  1.000 33.000  ? 298 ARG A CB  1 
ATOM   987  C  CG  . ARG A 1 119 ? 7.686   -9.561  -5.392  1.000 30.990  ? 298 ARG A CG  1 
ATOM   988  C  CD  . ARG A 1 119 ? 8.931   -8.692  -5.290  1.000 31.706  ? 298 ARG A CD  1 
ATOM   989  N  NE  . ARG A 1 119 ? 9.521   -8.483  -6.601  1.000 27.568  ? 298 ARG A NE  1 
ATOM   990  C  CZ  . ARG A 1 119 ? 10.260  -9.372  -7.245  1.000 28.966  ? 298 ARG A CZ  1 
ATOM   991  N  NH1 . ARG A 1 119 ? 10.574  -10.526 -6.677  1.000 27.263  ? 298 ARG A NH1 1 
ATOM   992  N  NH2 . ARG A 1 119 ? 10.679  -9.100  -8.466  1.000 35.069  ? 298 ARG A NH2 1 
ATOM   993  N  N   . PRO A 1 120 ? 5.866   -11.376 -1.536  1.000 26.731  ? 299 PRO A N   1 
ATOM   994  C  CA  . PRO A 1 120 ? 5.449   -11.267 -0.146  1.000 26.069  ? 299 PRO A CA  1 
ATOM   995  C  C   . PRO A 1 120 ? 6.097   -10.066 0.561   1.000 27.950  ? 299 PRO A C   1 
ATOM   996  O  O   . PRO A 1 120 ? 7.253   -10.088 0.848   1.000 33.681  ? 299 PRO A O   1 
ATOM   997  C  CB  . PRO A 1 120 ? 5.859   -12.625 0.437   1.000 27.532  ? 299 PRO A CB  1 
ATOM   998  C  CG  . PRO A 1 120 ? 7.083   -13.010 -0.342  1.000 24.689  ? 299 PRO A CG  1 
ATOM   999  C  CD  . PRO A 1 120 ? 6.861   -12.447 -1.735  1.000 27.227  ? 299 PRO A CD  1 
ATOM   1000 N  N   . TYR A 1 121 ? 5.312   -9.017  0.802   1.000 27.569  ? 300 TYR A N   1 
ATOM   1001 C  CA  . TYR A 1 121 ? 5.754   -7.763  1.454   1.000 25.319  ? 300 TYR A CA  1 
ATOM   1002 C  C   . TYR A 1 121 ? 4.875   -7.501  2.681   1.000 27.881  ? 300 TYR A C   1 
ATOM   1003 O  O   . TYR A 1 121 ? 3.768   -8.068  2.799   1.000 24.269  ? 300 TYR A O   1 
ATOM   1004 C  CB  . TYR A 1 121 ? 5.640   -6.585  0.477   1.000 27.002  ? 300 TYR A CB  1 
ATOM   1005 C  CG  . TYR A 1 121 ? 6.677   -6.472  -0.615  1.000 23.757  ? 300 TYR A CG  1 
ATOM   1006 C  CD1 . TYR A 1 121 ? 7.866   -7.175  -0.581  1.000 26.745  ? 300 TYR A CD1 1 
ATOM   1007 C  CD2 . TYR A 1 121 ? 6.484   -5.595  -1.669  1.000 24.449  ? 300 TYR A CD2 1 
ATOM   1008 C  CE1 . TYR A 1 121 ? 8.825   -7.029  -1.573  1.000 30.353  ? 300 TYR A CE1 1 
ATOM   1009 C  CE2 . TYR A 1 121 ? 7.436   -5.428  -2.665  1.000 30.885  ? 300 TYR A CE2 1 
ATOM   1010 C  CZ  . TYR A 1 121 ? 8.618   -6.145  -2.616  1.000 35.106  ? 300 TYR A CZ  1 
ATOM   1011 O  OH  . TYR A 1 121 ? 9.574   -5.992  -3.584  1.000 32.741  ? 300 TYR A OH  1 
ATOM   1012 N  N   . HIS A 1 122 ? 5.307   -6.595  3.558   1.000 31.684  ? 301 HIS A N   1 
ATOM   1013 C  CA  . HIS A 1 122 ? 4.506   -6.181  4.738   1.000 25.438  ? 301 HIS A CA  1 
ATOM   1014 C  C   . HIS A 1 122 ? 3.280   -5.450  4.196   1.000 25.840  ? 301 HIS A C   1 
ATOM   1015 O  O   . HIS A 1 122 ? 3.243   -5.144  3.001   1.000 23.340  ? 301 HIS A O   1 
ATOM   1016 C  CB  . HIS A 1 122 ? 5.372   -5.411  5.742   1.000 24.491  ? 301 HIS A CB  1 
ATOM   1017 C  CG  . HIS A 1 122 ? 6.308   -6.299  6.501   1.000 26.790  ? 301 HIS A CG  1 
ATOM   1018 N  ND1 . HIS A 1 122 ? 7.294   -7.039  5.874   1.000 30.628  ? 301 HIS A ND1 1 
ATOM   1019 C  CD2 . HIS A 1 122 ? 6.407   -6.580  7.819   1.000 28.219  ? 301 HIS A CD2 1 
ATOM   1020 C  CE1 . HIS A 1 122 ? 7.929   -7.776  6.772   1.000 33.017  ? 301 HIS A CE1 1 
ATOM   1021 N  NE2 . HIS A 1 122 ? 7.421   -7.490  7.983   1.000 26.743  ? 301 HIS A NE2 1 
ATOM   1022 N  N   . TRP A 1 123 ? 2.306   -5.164  5.027   1.000 23.690  ? 302 TRP A N   1 
ATOM   1023 C  CA  . TRP A 1 123 ? 1.186   -4.310  4.562   1.000 26.308  ? 302 TRP A CA  1 
ATOM   1024 C  C   . TRP A 1 123 ? 0.599   -3.508  5.726   1.000 24.629  ? 302 TRP A C   1 
ATOM   1025 O  O   . TRP A 1 123 ? 0.957   -3.776  6.913   1.000 24.827  ? 302 TRP A O   1 
ATOM   1026 C  CB  . TRP A 1 123 ? 0.147   -5.162  3.841   1.000 28.253  ? 302 TRP A CB  1 
ATOM   1027 C  CG  . TRP A 1 123 ? -0.663  -6.022  4.749   1.000 26.886  ? 302 TRP A CG  1 
ATOM   1028 C  CD1 . TRP A 1 123 ? -1.888  -5.727  5.260   1.000 30.068  ? 302 TRP A CD1 1 
ATOM   1029 C  CD2 . TRP A 1 123 ? -0.337  -7.340  5.218   1.000 28.387  ? 302 TRP A CD2 1 
ATOM   1030 N  NE1 . TRP A 1 123 ? -2.332  -6.755  6.046   1.000 28.870  ? 302 TRP A NE1 1 
ATOM   1031 C  CE2 . TRP A 1 123 ? -1.405  -7.760  6.041   1.000 30.679  ? 302 TRP A CE2 1 
ATOM   1032 C  CE3 . TRP A 1 123 ? 0.753   -8.199  5.056   1.000 28.410  ? 302 TRP A CE3 1 
ATOM   1033 C  CZ2 . TRP A 1 123 ? -1.397  -8.985  6.705   1.000 32.503  ? 302 TRP A CZ2 1 
ATOM   1034 C  CZ3 . TRP A 1 123 ? 0.766   -9.406  5.725   1.000 29.543  ? 302 TRP A CZ3 1 
ATOM   1035 C  CH2 . TRP A 1 123 ? -0.282  -9.788  6.557   1.000 27.785  ? 302 TRP A CH2 1 
ATOM   1036 N  N   . VAL A 1 124 ? -0.168  -2.477  5.386   1.000 25.883  ? 303 VAL A N   1 
ATOM   1037 C  CA  . VAL A 1 124 ? -0.952  -1.634  6.331   1.000 24.285  ? 303 VAL A CA  1 
ATOM   1038 C  C   . VAL A 1 124 ? -2.424  -1.680  5.921   1.000 28.346  ? 303 VAL A C   1 
ATOM   1039 O  O   . VAL A 1 124 ? -2.719  -1.359  4.745   1.000 30.740  ? 303 VAL A O   1 
ATOM   1040 C  CB  . VAL A 1 124 ? -0.455  -0.179  6.344   1.000 27.094  ? 303 VAL A CB  1 
ATOM   1041 C  CG1 . VAL A 1 124 ? -1.178  0.636   7.414   1.000 26.136  ? 303 VAL A CG1 1 
ATOM   1042 C  CG2 . VAL A 1 124 ? 1.050   -0.119  6.531   1.000 25.930  ? 303 VAL A CG2 1 
ATOM   1043 N  N   . CYS A 1 125 ? -3.295  -2.065  6.851   1.000 27.517  ? 304 CYS A N   1 
ATOM   1044 C  CA  . CYS A 1 125 ? -4.766  -1.878  6.765   1.000 34.241  ? 304 CYS A CA  1 
ATOM   1045 C  C   . CYS A 1 125 ? -5.149  -0.518  7.353   1.000 33.052  ? 304 CYS A C   1 
ATOM   1046 O  O   . CYS A 1 125 ? -4.509  -0.091  8.318   1.000 31.492  ? 304 CYS A O   1 
ATOM   1047 C  CB  . CYS A 1 125 ? -5.531  -2.962  7.516   1.000 35.343  ? 304 CYS A CB  1 
ATOM   1048 S  SG  . CYS A 1 125 ? -5.110  -4.639  6.990   1.000 39.899  ? 304 CYS A SG  1 
ATOM   1049 N  N   . GLU A 1 126 ? -6.187  0.094   6.787   1.000 28.697  ? 305 GLU A N   1 
ATOM   1050 C  CA  . GLU A 1 126 ? -6.816  1.362   7.238   1.000 29.497  ? 305 GLU A CA  1 
ATOM   1051 C  C   . GLU A 1 126 ? -8.323  1.089   7.367   1.000 31.696  ? 305 GLU A C   1 
ATOM   1052 O  O   . GLU A 1 126 ? -8.864  0.437   6.466   1.000 31.175  ? 305 GLU A O   1 
ATOM   1053 C  CB  . GLU A 1 126 ? -6.498  2.456   6.208   1.000 32.135  ? 305 GLU A CB  1 
ATOM   1054 C  CG  . GLU A 1 126 ? -7.219  3.782   6.423   1.000 39.852  ? 305 GLU A CG  1 
ATOM   1055 C  CD  . GLU A 1 126 ? -6.806  5.018   5.605   1.000 39.684  ? 305 GLU A CD  1 
ATOM   1056 O  OE1 . GLU A 1 126 ? -6.270  4.899   4.463   1.000 32.255  ? 305 GLU A OE1 1 
ATOM   1057 O  OE2 . GLU A 1 126 ? -7.073  6.150   6.096   1.000 36.608  ? 305 GLU A OE2 1 
ATOM   1058 N  N   . ALA A 1 127 ? -8.979  1.562   8.430   1.000 33.874  ? 306 ALA A N   1 
ATOM   1059 C  CA  . ALA A 1 127 ? -10.462 1.611   8.558   1.000 35.964  ? 306 ALA A CA  1 
ATOM   1060 C  C   . ALA A 1 127 ? -10.884 2.939   9.191   1.000 32.123  ? 306 ALA A C   1 
ATOM   1061 O  O   . ALA A 1 127 ? -10.014 3.623   9.790   1.000 31.588  ? 306 ALA A O   1 
ATOM   1062 C  CB  . ALA A 1 127 ? -10.940 0.460   9.400   1.000 38.359  ? 306 ALA A CB  1 
ATOM   1063 N  N   . GLY A 1 128 ? -12.173 3.276   9.110   1.000 39.120  ? 307 GLY A N   1 
ATOM   1064 C  CA  . GLY A 1 128 ? -12.791 4.396   9.856   1.000 34.777  ? 307 GLY A CA  1 
ATOM   1065 C  C   . GLY A 1 128 ? -12.850 4.106   11.359  1.000 48.429  ? 307 GLY A C   1 
ATOM   1066 O  O   . GLY A 1 128 ? -12.758 2.908   11.743  1.000 43.750  ? 307 GLY A O   1 
ATOM   1067 N  N   . LEU A 1 129 ? -12.986 5.143   12.201  1.000 52.959  ? 308 LEU A N   1 
ATOM   1068 C  CA  . LEU A 1 129 ? -13.325 4.977   13.643  1.000 64.336  ? 308 LEU A CA  1 
ATOM   1069 C  C   . LEU A 1 129 ? -14.701 4.300   13.753  1.000 63.819  ? 308 LEU A C   1 
ATOM   1070 O  O   . LEU A 1 129 ? -14.849 3.293   14.449  1.000 63.770  ? 308 LEU A O   1 
ATOM   1071 C  CB  . LEU A 1 129 ? -13.332 6.334   14.358  1.000 73.548  ? 308 LEU A CB  1 
ATOM   1072 C  CG  . LEU A 1 129 ? -12.063 7.185   14.255  1.000 75.304  ? 308 LEU A CG  1 
ATOM   1073 C  CD1 . LEU A 1 129 ? -12.049 8.266   15.330  1.000 69.753  ? 308 LEU A CD1 1 
ATOM   1074 C  CD2 . LEU A 1 129 ? -10.802 6.338   14.347  1.000 67.546  ? 308 LEU A CD2 1 
HETATM 1075 C  C01 . Q3M B 2 .   ? 16.645  -3.177  -9.267  1.000 77.777  ? 401 Q3M A C01 1 
HETATM 1076 S  S02 . Q3M B 2 .   ? 14.898  -3.220  -8.709  1.000 58.458  ? 401 Q3M A S02 1 
HETATM 1077 C  C03 . Q3M B 2 .   ? 14.111  -1.529  -8.712  1.000 49.708  ? 401 Q3M A C03 1 
HETATM 1078 C  C04 . Q3M B 2 .   ? 14.348  -0.759  -10.000 1.000 33.025  ? 401 Q3M A C04 1 
HETATM 1079 C  C05 . Q3M B 2 .   ? 13.659  -1.509  -11.144 1.000 35.276  ? 401 Q3M A C05 1 
HETATM 1080 C  C06 . Q3M B 2 .   ? 14.017  -0.816  -12.486 1.000 45.715  ? 401 Q3M A C06 1 
HETATM 1081 O  O07 . Q3M B 2 .   ? 15.420  -0.886  -12.651 1.000 50.788  ? 401 Q3M A O07 1 
HETATM 1082 C  C08 . Q3M B 2 .   ? 12.132  -1.665  -10.961 1.000 34.241  ? 401 Q3M A C08 1 
HETATM 1083 O  O09 . Q3M B 2 .   ? 11.354  -0.472  -11.024 1.000 34.185  ? 401 Q3M A O09 1 
HETATM 1084 C  C10 . Q3M B 2 .   ? 11.752  -2.277  -9.608  1.000 36.311  ? 401 Q3M A C10 1 
HETATM 1085 O  O11 . Q3M B 2 .   ? 10.356  -2.020  -9.470  1.000 34.612  ? 401 Q3M A O11 1 
HETATM 1086 C  C12 . Q3M B 2 .   ? 12.568  -1.624  -8.488  1.000 41.255  ? 401 Q3M A C12 1 
HETATM 1087 N  N13 . Q3M B 2 .   ? 12.443  -2.415  -7.279  1.000 38.492  ? 401 Q3M A N13 1 
HETATM 1088 C  C14 . Q3M B 2 .   ? 12.353  -1.760  -5.994  1.000 41.456  ? 401 Q3M A C14 1 
HETATM 1089 C  C15 . Q3M B 2 .   ? 12.208  -2.664  -4.773  1.000 41.172  ? 401 Q3M A C15 1 
HETATM 1090 O  O16 . Q3M B 2 .   ? 12.326  -0.564  -5.912  1.000 42.065  ? 401 Q3M A O16 1 
HETATM 1091 CA CA  . CA  C 3 .   ? -6.166  7.290   4.243   1.000 30.527  ? 402 CA  A CA  1 
HETATM 1092 CA CA  . CA  D 3 .   ? 9.108   -0.241  -10.437 1.000 28.008  ? 403 CA  A CA  1 
HETATM 1093 CA CA  . CA  E 3 .   ? 1.682   -1.425  -14.187 1.000 51.255  ? 404 CA  A CA  1 
HETATM 1094 CL CL  . CL  F 4 .   ? 10.723  -2.922  -19.054 1.000 47.810  ? 405 CL  A CL  1 
HETATM 1095 CL CL  . CL  G 4 .   ? 10.159  -11.901 -3.643  0.500 27.505  ? 406 CL  A CL  1 
HETATM 1096 CL CL  . CL  H 4 .   ? 1.448   -10.158 11.046  1.000 34.610  ? 407 CL  A CL  1 
HETATM 1097 CL CL  . CL  I 4 .   ? 2.239   -7.339  -11.195 1.000 40.310  ? 408 CL  A CL  1 
HETATM 1098 CL CL  . CL  J 4 .   ? -2.774  6.174   -14.432 1.000 55.715  ? 409 CL  A CL  1 
HETATM 1099 CL CL  . CL  K 4 .   ? 14.556  4.037   1.075   1.000 66.551  ? 410 CL  A CL  1 
HETATM 1100 CL CL  . CL  L 4 .   ? 5.522   11.844  -6.976  1.000 44.516  ? 411 CL  A CL  1 
HETATM 1101 O  O   . HOH M 5 .   ? 9.876   3.103   10.094  1.000 42.630  ? 501 HOH A O   1 
HETATM 1102 O  O   . HOH M 5 .   ? -8.788  10.837  14.766  1.000 53.044  ? 502 HOH A O   1 
HETATM 1103 O  O   . HOH M 5 .   ? 1.469   13.311  10.061  1.000 41.158  ? 503 HOH A O   1 
HETATM 1104 O  O   . HOH M 5 .   ? -12.074 4.763   2.277   1.000 44.244  ? 504 HOH A O   1 
HETATM 1105 O  O   . HOH M 5 .   ? -6.037  6.794   -12.421 1.000 42.687  ? 505 HOH A O   1 
HETATM 1106 O  O   . HOH M 5 .   ? -8.584  5.521   -7.807  1.000 33.148  ? 506 HOH A O   1 
HETATM 1107 O  O   . HOH M 5 .   ? 2.294   -14.574 5.289   1.000 49.438  ? 507 HOH A O   1 
HETATM 1108 O  O   . HOH M 5 .   ? -7.922  12.250  -4.992  1.000 43.271  ? 508 HOH A O   1 
HETATM 1109 O  O   . HOH M 5 .   ? 13.849  -11.875 -11.413 1.000 38.669  ? 509 HOH A O   1 
HETATM 1110 O  O   . HOH M 5 .   ? -1.917  14.723  -8.170  1.000 46.617  ? 510 HOH A O   1 
HETATM 1111 O  O   . HOH M 5 .   ? -4.159  10.232  -2.679  1.000 37.528  ? 511 HOH A O   1 
HETATM 1112 O  O   . HOH M 5 .   ? -6.047  -0.487  -6.290  1.000 37.777  ? 512 HOH A O   1 
HETATM 1113 O  O   . HOH M 5 .   ? -1.086  -5.480  -16.219 1.000 44.276  ? 513 HOH A O   1 
HETATM 1114 O  O   . HOH M 5 .   ? -5.514  -13.202 2.812   1.000 35.990  ? 514 HOH A O   1 
HETATM 1115 O  O   . HOH M 5 .   ? -14.856 1.358   11.956  1.000 65.891  ? 515 HOH A O   1 
HETATM 1116 O  O   . HOH M 5 .   ? 10.389  -6.224  -9.738  1.000 29.206  ? 516 HOH A O   1 
HETATM 1117 O  O   . HOH M 5 .   ? -9.683  7.595   1.404   1.000 31.524  ? 517 HOH A O   1 
HETATM 1118 O  O   . HOH M 5 .   ? -7.189  9.359   -11.463 1.000 40.889  ? 518 HOH A O   1 
HETATM 1119 O  O   . HOH M 5 .   ? -1.666  -14.249 -4.147  1.000 40.106  ? 519 HOH A O   1 
HETATM 1120 O  O   . HOH M 5 .   ? 3.246   0.257   -13.695 1.000 33.436  ? 520 HOH A O   1 
HETATM 1121 O  O   . HOH M 5 .   ? -13.422 7.275   10.680  1.000 50.818  ? 521 HOH A O   1 
HETATM 1122 O  O   . HOH M 5 .   ? 2.882   -15.046 -3.770  0.500 25.317  ? 522 HOH A O   1 
HETATM 1123 O  O   . HOH M 5 .   ? 16.481  -9.210  -13.739 1.000 46.531  ? 523 HOH A O   1 
HETATM 1124 O  O   . HOH M 5 .   ? -8.241  6.453   3.570   1.000 35.038  ? 524 HOH A O   1 
HETATM 1125 O  O   . HOH M 5 .   ? -3.286  9.906   -5.333  1.000 27.785  ? 525 HOH A O   1 
HETATM 1126 O  O   . HOH M 5 .   ? -5.711  -6.930  11.745  1.000 40.228  ? 526 HOH A O   1 
HETATM 1127 O  O   . HOH M 5 .   ? 8.731   10.326  1.957   1.000 41.232  ? 527 HOH A O   1 
HETATM 1128 O  O   . HOH M 5 .   ? 3.891   -8.647  -13.195 1.000 42.061  ? 528 HOH A O   1 
HETATM 1129 O  O   . HOH M 5 .   ? 12.043  -5.072  -6.975  1.000 41.165  ? 529 HOH A O   1 
HETATM 1130 O  O   . HOH M 5 .   ? 5.601   13.739  -2.667  1.000 28.311  ? 530 HOH A O   1 
HETATM 1131 O  O   . HOH M 5 .   ? 10.306  11.066  -7.719  1.000 37.016  ? 531 HOH A O   1 
HETATM 1132 O  O   . HOH M 5 .   ? 1.900   -4.932  -16.069 1.000 36.547  ? 532 HOH A O   1 
HETATM 1133 O  O   . HOH M 5 .   ? -7.736  -10.008 -2.999  1.000 35.081  ? 533 HOH A O   1 
HETATM 1134 O  O   . HOH M 5 .   ? -8.455  -6.378  17.348  1.000 35.726  ? 534 HOH A O   1 
HETATM 1135 O  O   . HOH M 5 .   ? -13.679 -3.418  3.460   1.000 51.668  ? 535 HOH A O   1 
HETATM 1136 O  O   . HOH M 5 .   ? 8.414   -9.958  -17.228 1.000 30.639  ? 536 HOH A O   1 
HETATM 1137 O  O   . HOH M 5 .   ? 8.493   -6.893  3.338   1.000 30.334  ? 537 HOH A O   1 
HETATM 1138 O  O   . HOH M 5 .   ? -5.245  12.368  5.082   1.000 50.806  ? 538 HOH A O   1 
HETATM 1139 O  O   . HOH M 5 .   ? 11.999  -7.368  -3.273  1.000 32.297  ? 539 HOH A O   1 
HETATM 1140 O  O   . HOH M 5 .   ? 6.005   -2.049  7.598   1.000 34.077  ? 540 HOH A O   1 
HETATM 1141 O  O   . HOH M 5 .   ? 1.871   -16.764 -7.884  1.000 28.811  ? 541 HOH A O   1 
HETATM 1142 O  O   . HOH M 5 .   ? 13.084  -10.343 -9.335  1.000 31.453  ? 542 HOH A O   1 
HETATM 1143 O  O   . HOH M 5 .   ? 11.216  5.523   -15.768 1.000 45.430  ? 543 HOH A O   1 
HETATM 1144 O  O   . HOH M 5 .   ? 7.986   -1.525  -19.136 1.000 45.940  ? 544 HOH A O   1 
HETATM 1145 O  O   . HOH M 5 .   ? -7.093  9.089   5.371   1.000 32.507  ? 545 HOH A O   1 
HETATM 1146 O  O   . HOH M 5 .   ? -8.187  7.015   -9.683  1.000 41.970  ? 546 HOH A O   1 
HETATM 1147 O  O   . HOH M 5 .   ? 10.133  -10.036 0.473   1.000 32.275  ? 547 HOH A O   1 
HETATM 1148 O  O   . HOH M 5 .   ? 3.745   -3.421  8.134   1.000 36.228  ? 548 HOH A O   1 
HETATM 1149 O  O   . HOH M 5 .   ? 12.575  0.700   -15.875 1.000 44.690  ? 549 HOH A O   1 
HETATM 1150 O  O   . HOH M 5 .   ? -11.002 11.422  -4.556  1.000 37.797  ? 550 HOH A O   1 
HETATM 1151 O  O   . HOH M 5 .   ? 5.742   9.432   -11.567 1.000 35.057  ? 551 HOH A O   1 
HETATM 1152 O  O   . HOH M 5 .   ? 4.217   16.792  -0.255  1.000 45.744  ? 552 HOH A O   1 
HETATM 1153 O  O   . HOH M 5 .   ? -0.502  -2.221  14.227  1.000 38.059  ? 553 HOH A O   1 
HETATM 1154 O  O   . HOH M 5 .   ? -5.919  -4.730  -8.250  1.000 38.858  ? 554 HOH A O   1 
HETATM 1155 O  O   . HOH M 5 .   ? -0.959  11.334  -12.313 1.000 37.815  ? 555 HOH A O   1 
HETATM 1156 O  O   . HOH M 5 .   ? 15.964  -4.547  -17.455 1.000 51.280  ? 556 HOH A O   1 
HETATM 1157 O  O   . HOH M 5 .   ? -1.057  -10.494 -5.726  1.000 22.226  ? 557 HOH A O   1 
HETATM 1158 O  O   . HOH M 5 .   ? 1.402   7.635   -13.171 1.000 56.214  ? 558 HOH A O   1 
HETATM 1159 O  O   . HOH M 5 .   ? 9.211   9.838   -10.269 1.000 48.296  ? 559 HOH A O   1 
HETATM 1160 O  O   . HOH M 5 .   ? -10.894 -3.673  20.909  1.000 39.321  ? 560 HOH A O   1 
HETATM 1161 O  O   . HOH M 5 .   ? 1.366   15.013  -4.665  1.000 29.929  ? 561 HOH A O   1 
HETATM 1162 O  O   . HOH M 5 .   ? 8.082   14.159  -6.106  1.000 39.457  ? 562 HOH A O   1 
HETATM 1163 O  O   . HOH M 5 .   ? -2.785  -8.535  15.369  1.000 28.969  ? 563 HOH A O   1 
HETATM 1164 O  O   . HOH M 5 .   ? 4.389   14.651  -6.051  1.000 51.582  ? 564 HOH A O   1 
HETATM 1165 O  O   . HOH M 5 .   ? -1.010  17.240  4.713   1.000 38.581  ? 565 HOH A O   1 
HETATM 1166 O  O   . HOH M 5 .   ? -4.519  11.911  15.647  1.000 50.700  ? 566 HOH A O   1 
HETATM 1167 O  O   . HOH M 5 .   ? -7.381  -7.338  14.137  1.000 35.357  ? 567 HOH A O   1 
HETATM 1168 O  O   . HOH M 5 .   ? 12.208  -5.445  2.113   1.000 37.621  ? 568 HOH A O   1 
HETATM 1169 O  O   . HOH M 5 .   ? 8.196   -9.162  -20.805 1.000 60.837  ? 569 HOH A O   1 
HETATM 1170 O  O   . HOH M 5 .   ? 2.935   15.669  9.320   1.000 49.459  ? 570 HOH A O   1 
HETATM 1171 O  O   . HOH M 5 .   ? -0.818  16.904  0.711   1.000 32.134  ? 571 HOH A O   1 
HETATM 1172 O  O   . HOH M 5 .   ? 5.630   -11.399 -20.273 1.000 45.384  ? 572 HOH A O   1 
HETATM 1173 O  O   . HOH M 5 .   ? 12.596  -12.638 -5.068  1.000 35.210  ? 573 HOH A O   1 
HETATM 1174 O  O   . HOH M 5 .   ? 1.900   5.386   -14.943 1.000 43.133  ? 574 HOH A O   1 
HETATM 1175 O  O   . HOH M 5 .   ? 3.054   3.072   -14.944 1.000 31.372  ? 575 HOH A O   1 
HETATM 1176 O  O   . HOH M 5 .   ? -6.227  12.216  -2.454  1.000 39.939  ? 576 HOH A O   1 
HETATM 1177 O  O   . HOH M 5 .   ? -10.488 -9.159  -1.277  1.000 55.581  ? 577 HOH A O   1 
HETATM 1178 O  O   . HOH M 5 .   ? -0.973  -13.284 -6.089  1.000 41.453  ? 578 HOH A O   1 
HETATM 1179 O  O   . HOH M 5 .   ? 12.198  -7.499  -20.463 1.000 35.925  ? 579 HOH A O   1 
HETATM 1180 O  O   . HOH M 5 .   ? 3.748   -10.210 15.941  1.000 42.809  ? 580 HOH A O   1 
HETATM 1181 O  O   . HOH M 5 .   ? 1.112   -16.136 -2.212  1.000 49.577  ? 581 HOH A O   1 
HETATM 1182 O  O   . HOH M 5 .   ? -8.595  -2.020  -6.258  1.000 35.728  ? 582 HOH A O   1 
HETATM 1183 O  O   . HOH M 5 .   ? 10.639  -7.980  2.392   1.000 33.404  ? 583 HOH A O   1 
HETATM 1184 O  O   . HOH M 5 .   ? -1.207  -12.037 10.968  1.000 39.652  ? 584 HOH A O   1 
HETATM 1185 O  O   . HOH M 5 .   ? 6.670   11.584  -9.556  1.000 39.933  ? 585 HOH A O   1 
# 
